data_1LBM
# 
_entry.id   1LBM 
# 
_audit_conform.dict_name       mmcif_pdbx.dic 
_audit_conform.dict_version    5.376 
_audit_conform.dict_location   http://mmcif.pdb.org/dictionaries/ascii/mmcif_pdbx.dic 
# 
loop_
_database_2.database_id 
_database_2.database_code 
_database_2.pdbx_database_accession 
_database_2.pdbx_DOI 
PDB   1LBM         pdb_00001lbm 10.2210/pdb1lbm/pdb 
RCSB  RCSB015816   ?            ?                   
WWPDB D_1000015816 ?            ?                   
# 
_pdbx_database_status.status_code                     REL 
_pdbx_database_status.entry_id                        1LBM 
_pdbx_database_status.recvd_initial_deposition_date   2002-04-04 
_pdbx_database_status.deposit_site                    RCSB 
_pdbx_database_status.process_site                    RCSB 
_pdbx_database_status.SG_entry                        . 
_pdbx_database_status.pdb_format_compatible           Y 
_pdbx_database_status.status_code_mr                  ? 
_pdbx_database_status.status_code_sf                  ? 
_pdbx_database_status.status_code_cs                  ? 
_pdbx_database_status.methods_development_category    ? 
_pdbx_database_status.status_code_nmr_data            ? 
# 
loop_
_audit_author.name 
_audit_author.pdbx_ordinal 
'Hennig, M.'    1 
'Sterner, R.'   2 
'Kirschner, K.' 3 
# 
loop_
_citation.id 
_citation.title 
_citation.journal_abbrev 
_citation.journal_volume 
_citation.page_first 
_citation.page_last 
_citation.year 
_citation.journal_id_ASTM 
_citation.country 
_citation.journal_id_ISSN 
_citation.journal_id_CSD 
_citation.book_publisher 
_citation.pdbx_database_id_PubMed 
_citation.pdbx_database_id_DOI 
primary 
;Two (betaalpha)(8)-barrel enzymes of histidine and tryptophan biosynthesis have similar reaction mechanisms and common strategies for protecting their labile substrates
;
Biochemistry 41 12032 12042 2002 BICHAW US 0006-2960 0033 ? 12356303 10.1021/bi026092h 
1       
;Crystal structure at 2.0 A resolution of phosphoribosyl anthranilate isomerase from the hyperthermophile Thermotoga maritima: Possible determinants of protein stability
;
Biochemistry 36 6009  6016  1997 BICHAW US 0006-2960 0033 ? ?        ?                 
# 
loop_
_citation_author.citation_id 
_citation_author.name 
_citation_author.ordinal 
_citation_author.identifier_ORCID 
primary 'Henn-Sax, M.'  1 ? 
primary 'Thoma, R.'     2 ? 
primary 'Schmidt, S.'   3 ? 
primary 'Hennig, M.'    4 ? 
primary 'Kirschner, K.' 5 ? 
primary 'Sterner, R.'   6 ? 
# 
_cell.entry_id           1LBM 
_cell.length_a           68.835 
_cell.length_b           68.834 
_cell.length_c           187.163 
_cell.angle_alpha        90.00 
_cell.angle_beta         90.00 
_cell.angle_gamma        120.00 
_cell.Z_PDB              12 
_cell.pdbx_unique_axis   ? 
# 
_symmetry.entry_id                         1LBM 
_symmetry.space_group_name_H-M             'P 61 2 2' 
_symmetry.pdbx_full_space_group_name_H-M   ? 
_symmetry.cell_setting                     ? 
_symmetry.Int_Tables_number                178 
# 
loop_
_entity.id 
_entity.type 
_entity.src_method 
_entity.pdbx_description 
_entity.formula_weight 
_entity.pdbx_number_of_molecules 
_entity.pdbx_ec 
_entity.pdbx_mutation 
_entity.pdbx_fragment 
_entity.details 
1 polymer     man 'PHOSPHORIBOSYL ANTHRANILATE ISOMERASE'                    23070.549 1  5.3.1.24 ? ? ? 
2 non-polymer syn '1-(O-CARBOXY-PHENYLAMINO)-1-DEOXY-D-RIBULOSE-5-PHOSPHATE' 351.246   1  ?        ? ? ? 
3 water       nat water                                                      18.015    69 ?        ? ? ? 
# 
_entity_poly.entity_id                      1 
_entity_poly.type                           'polypeptide(L)' 
_entity_poly.nstd_linkage                   no 
_entity_poly.nstd_monomer                   no 
_entity_poly.pdbx_seq_one_letter_code       
;MVRVKICGITNLEDALFSVESGADAVGFVFYPKSKRYISPEDARRISVELPPFVFRVGVFVNEEPEKILDVASYVQLNAV
QLHGEEPIELCRKIAERILVIKAVGVSNERDMERALNYREFPILLDTKTPEYGGSGKTFDWSLILPYRDRFRYLVLSGGL
NPENVRSAIDVVRPFAVDVSSGVEAFPGKKDHDSIKMFIKNAKGL
;
_entity_poly.pdbx_seq_one_letter_code_can   
;MVRVKICGITNLEDALFSVESGADAVGFVFYPKSKRYISPEDARRISVELPPFVFRVGVFVNEEPEKILDVASYVQLNAV
QLHGEEPIELCRKIAERILVIKAVGVSNERDMERALNYREFPILLDTKTPEYGGSGKTFDWSLILPYRDRFRYLVLSGGL
NPENVRSAIDVVRPFAVDVSSGVEAFPGKKDHDSIKMFIKNAKGL
;
_entity_poly.pdbx_strand_id                 A 
_entity_poly.pdbx_target_identifier         ? 
# 
loop_
_entity_poly_seq.entity_id 
_entity_poly_seq.num 
_entity_poly_seq.mon_id 
_entity_poly_seq.hetero 
1 1   MET n 
1 2   VAL n 
1 3   ARG n 
1 4   VAL n 
1 5   LYS n 
1 6   ILE n 
1 7   CYS n 
1 8   GLY n 
1 9   ILE n 
1 10  THR n 
1 11  ASN n 
1 12  LEU n 
1 13  GLU n 
1 14  ASP n 
1 15  ALA n 
1 16  LEU n 
1 17  PHE n 
1 18  SER n 
1 19  VAL n 
1 20  GLU n 
1 21  SER n 
1 22  GLY n 
1 23  ALA n 
1 24  ASP n 
1 25  ALA n 
1 26  VAL n 
1 27  GLY n 
1 28  PHE n 
1 29  VAL n 
1 30  PHE n 
1 31  TYR n 
1 32  PRO n 
1 33  LYS n 
1 34  SER n 
1 35  LYS n 
1 36  ARG n 
1 37  TYR n 
1 38  ILE n 
1 39  SER n 
1 40  PRO n 
1 41  GLU n 
1 42  ASP n 
1 43  ALA n 
1 44  ARG n 
1 45  ARG n 
1 46  ILE n 
1 47  SER n 
1 48  VAL n 
1 49  GLU n 
1 50  LEU n 
1 51  PRO n 
1 52  PRO n 
1 53  PHE n 
1 54  VAL n 
1 55  PHE n 
1 56  ARG n 
1 57  VAL n 
1 58  GLY n 
1 59  VAL n 
1 60  PHE n 
1 61  VAL n 
1 62  ASN n 
1 63  GLU n 
1 64  GLU n 
1 65  PRO n 
1 66  GLU n 
1 67  LYS n 
1 68  ILE n 
1 69  LEU n 
1 70  ASP n 
1 71  VAL n 
1 72  ALA n 
1 73  SER n 
1 74  TYR n 
1 75  VAL n 
1 76  GLN n 
1 77  LEU n 
1 78  ASN n 
1 79  ALA n 
1 80  VAL n 
1 81  GLN n 
1 82  LEU n 
1 83  HIS n 
1 84  GLY n 
1 85  GLU n 
1 86  GLU n 
1 87  PRO n 
1 88  ILE n 
1 89  GLU n 
1 90  LEU n 
1 91  CYS n 
1 92  ARG n 
1 93  LYS n 
1 94  ILE n 
1 95  ALA n 
1 96  GLU n 
1 97  ARG n 
1 98  ILE n 
1 99  LEU n 
1 100 VAL n 
1 101 ILE n 
1 102 LYS n 
1 103 ALA n 
1 104 VAL n 
1 105 GLY n 
1 106 VAL n 
1 107 SER n 
1 108 ASN n 
1 109 GLU n 
1 110 ARG n 
1 111 ASP n 
1 112 MET n 
1 113 GLU n 
1 114 ARG n 
1 115 ALA n 
1 116 LEU n 
1 117 ASN n 
1 118 TYR n 
1 119 ARG n 
1 120 GLU n 
1 121 PHE n 
1 122 PRO n 
1 123 ILE n 
1 124 LEU n 
1 125 LEU n 
1 126 ASP n 
1 127 THR n 
1 128 LYS n 
1 129 THR n 
1 130 PRO n 
1 131 GLU n 
1 132 TYR n 
1 133 GLY n 
1 134 GLY n 
1 135 SER n 
1 136 GLY n 
1 137 LYS n 
1 138 THR n 
1 139 PHE n 
1 140 ASP n 
1 141 TRP n 
1 142 SER n 
1 143 LEU n 
1 144 ILE n 
1 145 LEU n 
1 146 PRO n 
1 147 TYR n 
1 148 ARG n 
1 149 ASP n 
1 150 ARG n 
1 151 PHE n 
1 152 ARG n 
1 153 TYR n 
1 154 LEU n 
1 155 VAL n 
1 156 LEU n 
1 157 SER n 
1 158 GLY n 
1 159 GLY n 
1 160 LEU n 
1 161 ASN n 
1 162 PRO n 
1 163 GLU n 
1 164 ASN n 
1 165 VAL n 
1 166 ARG n 
1 167 SER n 
1 168 ALA n 
1 169 ILE n 
1 170 ASP n 
1 171 VAL n 
1 172 VAL n 
1 173 ARG n 
1 174 PRO n 
1 175 PHE n 
1 176 ALA n 
1 177 VAL n 
1 178 ASP n 
1 179 VAL n 
1 180 SER n 
1 181 SER n 
1 182 GLY n 
1 183 VAL n 
1 184 GLU n 
1 185 ALA n 
1 186 PHE n 
1 187 PRO n 
1 188 GLY n 
1 189 LYS n 
1 190 LYS n 
1 191 ASP n 
1 192 HIS n 
1 193 ASP n 
1 194 SER n 
1 195 ILE n 
1 196 LYS n 
1 197 MET n 
1 198 PHE n 
1 199 ILE n 
1 200 LYS n 
1 201 ASN n 
1 202 ALA n 
1 203 LYS n 
1 204 GLY n 
1 205 LEU n 
# 
_entity_src_gen.entity_id                          1 
_entity_src_gen.pdbx_src_id                        1 
_entity_src_gen.pdbx_alt_source_flag               sample 
_entity_src_gen.pdbx_seq_type                      ? 
_entity_src_gen.pdbx_beg_seq_num                   ? 
_entity_src_gen.pdbx_end_seq_num                   ? 
_entity_src_gen.gene_src_common_name               ? 
_entity_src_gen.gene_src_genus                     Thermotoga 
_entity_src_gen.pdbx_gene_src_gene                 ? 
_entity_src_gen.gene_src_species                   ? 
_entity_src_gen.gene_src_strain                    ? 
_entity_src_gen.gene_src_tissue                    ? 
_entity_src_gen.gene_src_tissue_fraction           ? 
_entity_src_gen.gene_src_details                   ? 
_entity_src_gen.pdbx_gene_src_fragment             ? 
_entity_src_gen.pdbx_gene_src_scientific_name      'Thermotoga maritima' 
_entity_src_gen.pdbx_gene_src_ncbi_taxonomy_id     2336 
_entity_src_gen.pdbx_gene_src_variant              ? 
_entity_src_gen.pdbx_gene_src_cell_line            ? 
_entity_src_gen.pdbx_gene_src_atcc                 ? 
_entity_src_gen.pdbx_gene_src_organ                ? 
_entity_src_gen.pdbx_gene_src_organelle            ? 
_entity_src_gen.pdbx_gene_src_cell                 ? 
_entity_src_gen.pdbx_gene_src_cellular_location    ? 
_entity_src_gen.host_org_common_name               ? 
_entity_src_gen.pdbx_host_org_scientific_name      'Escherichia coli' 
_entity_src_gen.pdbx_host_org_ncbi_taxonomy_id     562 
_entity_src_gen.host_org_genus                     Escherichia 
_entity_src_gen.pdbx_host_org_gene                 ? 
_entity_src_gen.pdbx_host_org_organ                ? 
_entity_src_gen.host_org_species                   ? 
_entity_src_gen.pdbx_host_org_tissue               ? 
_entity_src_gen.pdbx_host_org_tissue_fraction      ? 
_entity_src_gen.pdbx_host_org_strain               ? 
_entity_src_gen.pdbx_host_org_variant              ? 
_entity_src_gen.pdbx_host_org_cell_line            ? 
_entity_src_gen.pdbx_host_org_atcc                 ? 
_entity_src_gen.pdbx_host_org_culture_collection   ? 
_entity_src_gen.pdbx_host_org_cell                 ? 
_entity_src_gen.pdbx_host_org_organelle            ? 
_entity_src_gen.pdbx_host_org_cellular_location    ? 
_entity_src_gen.pdbx_host_org_vector_type          ? 
_entity_src_gen.pdbx_host_org_vector               ? 
_entity_src_gen.host_org_details                   ? 
_entity_src_gen.expression_system_id               ? 
_entity_src_gen.plasmid_name                       ? 
_entity_src_gen.plasmid_details                    ? 
_entity_src_gen.pdbx_description                   ? 
# 
_struct_ref.id                         1 
_struct_ref.db_name                    UNP 
_struct_ref.db_code                    TRPF_THEMA 
_struct_ref.entity_id                  1 
_struct_ref.pdbx_seq_one_letter_code   
;MVRVKICGITNLEDALFSVESGADAVGFVFYPKSKRYISPEDARRISVELPPFVFRVGVFVNEEPEKILDVASYVQLNAV
QLHGEEPIELCRKIAERILVIKAVGVSNERDMERALNYREFPILLDTKTPEYGGSGKTFDWSLILPYRDRFRYLVLSGGL
NPENVRSAIDVVRPFAVDVSSGVEAFPGKKDHDSIKMFIKNAKGL
;
_struct_ref.pdbx_align_begin           1 
_struct_ref.pdbx_db_accession          Q56320 
_struct_ref.pdbx_db_isoform            ? 
# 
_struct_ref_seq.align_id                      1 
_struct_ref_seq.ref_id                        1 
_struct_ref_seq.pdbx_PDB_id_code              1LBM 
_struct_ref_seq.pdbx_strand_id                A 
_struct_ref_seq.seq_align_beg                 1 
_struct_ref_seq.pdbx_seq_align_beg_ins_code   ? 
_struct_ref_seq.seq_align_end                 205 
_struct_ref_seq.pdbx_seq_align_end_ins_code   ? 
_struct_ref_seq.pdbx_db_accession             Q56320 
_struct_ref_seq.db_align_beg                  1 
_struct_ref_seq.pdbx_db_align_beg_ins_code    ? 
_struct_ref_seq.db_align_end                  205 
_struct_ref_seq.pdbx_db_align_end_ins_code    ? 
_struct_ref_seq.pdbx_auth_seq_align_beg       1 
_struct_ref_seq.pdbx_auth_seq_align_end       205 
# 
loop_
_chem_comp.id 
_chem_comp.type 
_chem_comp.mon_nstd_flag 
_chem_comp.name 
_chem_comp.pdbx_synonyms 
_chem_comp.formula 
_chem_comp.formula_weight 
137 non-polymer         . '1-(O-CARBOXY-PHENYLAMINO)-1-DEOXY-D-RIBULOSE-5-PHOSPHATE' ? 'C12 H18 N O9 P' 351.246 
ALA 'L-peptide linking' y ALANINE                                                    ? 'C3 H7 N O2'     89.093  
ARG 'L-peptide linking' y ARGININE                                                   ? 'C6 H15 N4 O2 1' 175.209 
ASN 'L-peptide linking' y ASPARAGINE                                                 ? 'C4 H8 N2 O3'    132.118 
ASP 'L-peptide linking' y 'ASPARTIC ACID'                                            ? 'C4 H7 N O4'     133.103 
CYS 'L-peptide linking' y CYSTEINE                                                   ? 'C3 H7 N O2 S'   121.158 
GLN 'L-peptide linking' y GLUTAMINE                                                  ? 'C5 H10 N2 O3'   146.144 
GLU 'L-peptide linking' y 'GLUTAMIC ACID'                                            ? 'C5 H9 N O4'     147.129 
GLY 'peptide linking'   y GLYCINE                                                    ? 'C2 H5 N O2'     75.067  
HIS 'L-peptide linking' y HISTIDINE                                                  ? 'C6 H10 N3 O2 1' 156.162 
HOH non-polymer         . WATER                                                      ? 'H2 O'           18.015  
ILE 'L-peptide linking' y ISOLEUCINE                                                 ? 'C6 H13 N O2'    131.173 
LEU 'L-peptide linking' y LEUCINE                                                    ? 'C6 H13 N O2'    131.173 
LYS 'L-peptide linking' y LYSINE                                                     ? 'C6 H15 N2 O2 1' 147.195 
MET 'L-peptide linking' y METHIONINE                                                 ? 'C5 H11 N O2 S'  149.211 
PHE 'L-peptide linking' y PHENYLALANINE                                              ? 'C9 H11 N O2'    165.189 
PRO 'L-peptide linking' y PROLINE                                                    ? 'C5 H9 N O2'     115.130 
SER 'L-peptide linking' y SERINE                                                     ? 'C3 H7 N O3'     105.093 
THR 'L-peptide linking' y THREONINE                                                  ? 'C4 H9 N O3'     119.119 
TRP 'L-peptide linking' y TRYPTOPHAN                                                 ? 'C11 H12 N2 O2'  204.225 
TYR 'L-peptide linking' y TYROSINE                                                   ? 'C9 H11 N O3'    181.189 
VAL 'L-peptide linking' y VALINE                                                     ? 'C5 H11 N O2'    117.146 
# 
_exptl.entry_id          1LBM 
_exptl.method            'X-RAY DIFFRACTION' 
_exptl.crystals_number   1 
# 
_exptl_crystal.id                    1 
_exptl_crystal.density_meas          ? 
_exptl_crystal.density_percent_sol   55.64 
_exptl_crystal.density_Matthews      2.77 
_exptl_crystal.description           ? 
# 
_exptl_crystal_grow.crystal_id      1 
_exptl_crystal_grow.method          'VAPOR DIFFUSION, HANGING DROP' 
_exptl_crystal_grow.temp            277 
_exptl_crystal_grow.temp_details    ? 
_exptl_crystal_grow.pH              7.5 
_exptl_crystal_grow.pdbx_details    
'50 mM potassium phosphate , 2.1 M ammonium sulphate, pH 7.5, VAPOR DIFFUSION, HANGING DROP, temperature 277K' 
_exptl_crystal_grow.pdbx_pH_range   . 
# 
_diffrn.id                     1 
_diffrn.ambient_temp           277 
_diffrn.ambient_temp_details   ? 
_diffrn.crystal_id             1 
# 
_diffrn_detector.diffrn_id              1 
_diffrn_detector.detector               'IMAGE PLATE' 
_diffrn_detector.type                   MARRESEARCH 
_diffrn_detector.pdbx_collection_date   1995-07-25 
_diffrn_detector.details                ? 
# 
_diffrn_radiation.diffrn_id                        1 
_diffrn_radiation.wavelength_id                    1 
_diffrn_radiation.pdbx_monochromatic_or_laue_m_l   M 
_diffrn_radiation.monochromator                    graphite 
_diffrn_radiation.pdbx_diffrn_protocol             'SINGLE WAVELENGTH' 
_diffrn_radiation.pdbx_scattering_type             x-ray 
# 
_diffrn_radiation_wavelength.id           1 
_diffrn_radiation_wavelength.wavelength   1.5418 
_diffrn_radiation_wavelength.wt           1.0 
# 
_diffrn_source.diffrn_id                   1 
_diffrn_source.source                      'ROTATING ANODE' 
_diffrn_source.type                        'ELLIOTT GX-20' 
_diffrn_source.pdbx_synchrotron_site       ? 
_diffrn_source.pdbx_synchrotron_beamline   ? 
_diffrn_source.pdbx_wavelength             ? 
_diffrn_source.pdbx_wavelength_list        1.5418 
# 
_reflns.entry_id                     1LBM 
_reflns.observed_criterion_sigma_I   0.0 
_reflns.observed_criterion_sigma_F   0.0 
_reflns.d_resolution_low             20.0 
_reflns.d_resolution_high            2.8 
_reflns.number_obs                   6978 
_reflns.number_all                   ? 
_reflns.percent_possible_obs         99.3 
_reflns.pdbx_Rmerge_I_obs            0.099 
_reflns.pdbx_Rsym_value              ? 
_reflns.pdbx_netI_over_sigmaI        ? 
_reflns.B_iso_Wilson_estimate        ? 
_reflns.pdbx_redundancy              ? 
_reflns.R_free_details               ? 
_reflns.limit_h_max                  ? 
_reflns.limit_h_min                  ? 
_reflns.limit_k_max                  ? 
_reflns.limit_k_min                  ? 
_reflns.limit_l_max                  ? 
_reflns.limit_l_min                  ? 
_reflns.observed_criterion_F_max     ? 
_reflns.observed_criterion_F_min     ? 
_reflns.pdbx_ordinal                 1 
_reflns.pdbx_diffrn_id               1 
# 
_refine.entry_id                                 1LBM 
_refine.ls_number_reflns_obs                     6978 
_refine.ls_number_reflns_all                     6978 
_refine.pdbx_ls_sigma_I                          ? 
_refine.pdbx_ls_sigma_F                          0.0 
_refine.pdbx_data_cutoff_high_absF               ? 
_refine.pdbx_data_cutoff_low_absF                ? 
_refine.ls_d_res_low                             20.0 
_refine.ls_d_res_high                            2.8 
_refine.ls_percent_reflns_obs                    ? 
_refine.ls_R_factor_obs                          ? 
_refine.ls_R_factor_all                          ? 
_refine.ls_R_factor_R_work                       0.17 
_refine.ls_R_factor_R_free                       0.228 
_refine.ls_R_factor_R_free_error                 ? 
_refine.ls_R_factor_R_free_error_details         ? 
_refine.ls_percent_reflns_R_free                 5 
_refine.ls_number_reflns_R_free                  348 
_refine.ls_number_parameters                     ? 
_refine.ls_number_restraints                     ? 
_refine.occupancy_min                            ? 
_refine.occupancy_max                            ? 
_refine.B_iso_mean                               ? 
_refine.aniso_B[1][1]                            ? 
_refine.aniso_B[2][2]                            ? 
_refine.aniso_B[3][3]                            ? 
_refine.aniso_B[1][2]                            ? 
_refine.aniso_B[1][3]                            ? 
_refine.aniso_B[2][3]                            ? 
_refine.solvent_model_details                    ? 
_refine.solvent_model_param_ksol                 ? 
_refine.solvent_model_param_bsol                 ? 
_refine.pdbx_ls_cross_valid_method               THROUGHOUT 
_refine.details                                  ? 
_refine.pdbx_starting_model                      1nsj 
_refine.pdbx_method_to_determine_struct          'FOURIER SYNTHESIS' 
_refine.pdbx_isotropic_thermal_model             ? 
_refine.pdbx_stereochemistry_target_values       'Engh & Huber' 
_refine.pdbx_stereochem_target_val_spec_case     ? 
_refine.pdbx_R_Free_selection_details            random 
_refine.pdbx_overall_ESU_R_Free                  ? 
_refine.overall_SU_B                             ? 
_refine.ls_redundancy_reflns_obs                 ? 
_refine.B_iso_min                                ? 
_refine.B_iso_max                                ? 
_refine.correlation_coeff_Fo_to_Fc               ? 
_refine.overall_SU_R_Cruickshank_DPI             ? 
_refine.overall_SU_R_free                        ? 
_refine.overall_SU_ML                            ? 
_refine.pdbx_overall_ESU_R                       ? 
_refine.pdbx_data_cutoff_high_rms_absF           ? 
_refine.correlation_coeff_Fo_to_Fc_free          ? 
_refine.pdbx_solvent_vdw_probe_radii             ? 
_refine.pdbx_solvent_ion_probe_radii             ? 
_refine.pdbx_solvent_shrinkage_radii             ? 
_refine.pdbx_refine_id                           'X-RAY DIFFRACTION' 
_refine.pdbx_diffrn_id                           1 
_refine.pdbx_TLS_residual_ADP_flag               ? 
_refine.pdbx_overall_phase_error                 ? 
_refine.pdbx_overall_SU_R_free_Cruickshank_DPI   ? 
_refine.pdbx_overall_SU_R_Blow_DPI               ? 
_refine.pdbx_overall_SU_R_free_Blow_DPI          ? 
# 
_refine_hist.pdbx_refine_id                   'X-RAY DIFFRACTION' 
_refine_hist.cycle_id                         LAST 
_refine_hist.pdbx_number_atoms_protein        1548 
_refine_hist.pdbx_number_atoms_nucleic_acid   0 
_refine_hist.pdbx_number_atoms_ligand         23 
_refine_hist.number_atoms_solvent             69 
_refine_hist.number_atoms_total               1640 
_refine_hist.d_res_high                       2.8 
_refine_hist.d_res_low                        20.0 
# 
loop_
_refine_ls_restr.type 
_refine_ls_restr.dev_ideal 
_refine_ls_restr.dev_ideal_target 
_refine_ls_restr.weight 
_refine_ls_restr.number 
_refine_ls_restr.pdbx_refine_id 
_refine_ls_restr.pdbx_restraint_function 
x_bond_d    0.010 ? ? ? 'X-RAY DIFFRACTION' ? 
x_angle_deg 1.8   ? ? ? 'X-RAY DIFFRACTION' ? 
# 
_pdbx_refine.entry_id                                    1LBM 
_pdbx_refine.R_factor_all_no_cutoff                      ? 
_pdbx_refine.R_factor_obs_no_cutoff                      ? 
_pdbx_refine.number_reflns_obs_no_cutoff                 ? 
_pdbx_refine.free_R_factor_no_cutoff                     ? 
_pdbx_refine.free_R_val_test_set_ct_no_cutoff            ? 
_pdbx_refine.free_R_val_test_set_size_perc_no_cutoff     5 
_pdbx_refine.R_factor_all_4sig_cutoff                    ? 
_pdbx_refine.R_factor_obs_4sig_cutoff                    ? 
_pdbx_refine.number_reflns_obs_4sig_cutoff               ? 
_pdbx_refine.free_R_factor_4sig_cutoff                   ? 
_pdbx_refine.free_R_val_test_set_ct_4sig_cutoff          ? 
_pdbx_refine.free_R_val_test_set_size_perc_4sig_cutoff   ? 
_pdbx_refine.pdbx_refine_id                              'X-RAY DIFFRACTION' 
_pdbx_refine.free_R_error_no_cutoff                      ? 
# 
_struct.entry_id                  1LBM 
_struct.title                     
;CRYSTAL STRUCTURE OF PHOSPHORIBOSYL ANTHRANILATE ISOMERASE (PRAI) IN COMPLEX WITH REDUCED 1-(O-CARBOXYPHENYLAMINO)-1-DEOXYRIBULOSE 5-PHOSPHATE (RCDRP)
;
_struct.pdbx_model_details        ? 
_struct.pdbx_CASP_flag            ? 
_struct.pdbx_model_type_details   ? 
# 
_struct_keywords.entry_id        1LBM 
_struct_keywords.pdbx_keywords   ISOMERASE 
_struct_keywords.text            'BETA BARREL, ligand complex, product analogue complex, tryptophan biosynthesis, ISOMERASE' 
# 
loop_
_struct_asym.id 
_struct_asym.pdbx_blank_PDB_chainid_flag 
_struct_asym.pdbx_modified 
_struct_asym.entity_id 
_struct_asym.details 
A N N 1 ? 
B N N 2 ? 
C N N 3 ? 
# 
_struct_biol.id   1 
# 
loop_
_struct_conf.conf_type_id 
_struct_conf.id 
_struct_conf.pdbx_PDB_helix_id 
_struct_conf.beg_label_comp_id 
_struct_conf.beg_label_asym_id 
_struct_conf.beg_label_seq_id 
_struct_conf.pdbx_beg_PDB_ins_code 
_struct_conf.end_label_comp_id 
_struct_conf.end_label_asym_id 
_struct_conf.end_label_seq_id 
_struct_conf.pdbx_end_PDB_ins_code 
_struct_conf.beg_auth_comp_id 
_struct_conf.beg_auth_asym_id 
_struct_conf.beg_auth_seq_id 
_struct_conf.end_auth_comp_id 
_struct_conf.end_auth_asym_id 
_struct_conf.end_auth_seq_id 
_struct_conf.pdbx_PDB_helix_class 
_struct_conf.details 
_struct_conf.pdbx_PDB_helix_length 
HELX_P HELX_P1 1 ASN A 11  ? SER A 21  ? ASN A 11  SER A 21  1 ? 11 
HELX_P HELX_P2 2 SER A 39  ? LEU A 50  ? SER A 39  LEU A 50  1 ? 12 
HELX_P HELX_P3 3 GLU A 64  ? VAL A 75  ? GLU A 64  VAL A 75  1 ? 12 
HELX_P HELX_P4 4 PRO A 87  ? ILE A 98  ? PRO A 87  ILE A 98  1 ? 12 
HELX_P HELX_P5 5 ASN A 108 ? LEU A 116 ? ASN A 108 LEU A 116 1 ? 9  
HELX_P HELX_P6 6 ASN A 117 ? ARG A 119 ? ASN A 117 ARG A 119 5 ? 3  
HELX_P HELX_P7 7 ASP A 140 ? PHE A 151 ? ASP A 140 PHE A 151 5 ? 12 
HELX_P HELX_P8 8 ASN A 164 ? ARG A 173 ? ASN A 164 ARG A 173 1 ? 10 
HELX_P HELX_P9 9 ASP A 191 ? GLY A 204 ? ASP A 191 GLY A 204 1 ? 14 
# 
_struct_conf_type.id          HELX_P 
_struct_conf_type.criteria    ? 
_struct_conf_type.reference   ? 
# 
loop_
_struct_sheet.id 
_struct_sheet.type 
_struct_sheet.number_strands 
_struct_sheet.details 
A ? 9 ? 
B ? 2 ? 
# 
loop_
_struct_sheet_order.sheet_id 
_struct_sheet_order.range_id_1 
_struct_sheet_order.range_id_2 
_struct_sheet_order.offset 
_struct_sheet_order.sense 
A 1 2 ? parallel      
A 2 3 ? parallel      
A 3 4 ? parallel      
A 4 5 ? parallel      
A 5 6 ? parallel      
A 6 7 ? parallel      
A 7 8 ? parallel      
A 8 9 ? parallel      
B 1 2 ? anti-parallel 
# 
loop_
_struct_sheet_range.sheet_id 
_struct_sheet_range.id 
_struct_sheet_range.beg_label_comp_id 
_struct_sheet_range.beg_label_asym_id 
_struct_sheet_range.beg_label_seq_id 
_struct_sheet_range.pdbx_beg_PDB_ins_code 
_struct_sheet_range.end_label_comp_id 
_struct_sheet_range.end_label_asym_id 
_struct_sheet_range.end_label_seq_id 
_struct_sheet_range.pdbx_end_PDB_ins_code 
_struct_sheet_range.beg_auth_comp_id 
_struct_sheet_range.beg_auth_asym_id 
_struct_sheet_range.beg_auth_seq_id 
_struct_sheet_range.end_auth_comp_id 
_struct_sheet_range.end_auth_asym_id 
_struct_sheet_range.end_auth_seq_id 
A 1 ARG A 3   ? ILE A 6   ? ARG A 3   ILE A 6   
A 2 ALA A 25  ? VAL A 29  ? ALA A 25  VAL A 29  
A 3 PHE A 55  ? PHE A 60  ? PHE A 55  PHE A 60  
A 4 ALA A 79  ? LEU A 82  ? ALA A 79  LEU A 82  
A 5 LEU A 99  ? GLY A 105 ? LEU A 99  GLY A 105 
A 6 ILE A 123 ? ASP A 126 ? ILE A 123 ASP A 126 
A 7 LEU A 154 ? SER A 157 ? LEU A 154 SER A 157 
A 8 ALA A 176 ? VAL A 179 ? ALA A 176 VAL A 179 
A 9 ARG A 3   ? ILE A 6   ? ARG A 3   ILE A 6   
B 1 GLU A 184 ? PHE A 186 ? GLU A 184 PHE A 186 
B 2 LYS A 189 ? LYS A 190 ? LYS A 189 LYS A 190 
# 
loop_
_pdbx_struct_sheet_hbond.sheet_id 
_pdbx_struct_sheet_hbond.range_id_1 
_pdbx_struct_sheet_hbond.range_id_2 
_pdbx_struct_sheet_hbond.range_1_label_atom_id 
_pdbx_struct_sheet_hbond.range_1_label_comp_id 
_pdbx_struct_sheet_hbond.range_1_label_asym_id 
_pdbx_struct_sheet_hbond.range_1_label_seq_id 
_pdbx_struct_sheet_hbond.range_1_PDB_ins_code 
_pdbx_struct_sheet_hbond.range_1_auth_atom_id 
_pdbx_struct_sheet_hbond.range_1_auth_comp_id 
_pdbx_struct_sheet_hbond.range_1_auth_asym_id 
_pdbx_struct_sheet_hbond.range_1_auth_seq_id 
_pdbx_struct_sheet_hbond.range_2_label_atom_id 
_pdbx_struct_sheet_hbond.range_2_label_comp_id 
_pdbx_struct_sheet_hbond.range_2_label_asym_id 
_pdbx_struct_sheet_hbond.range_2_label_seq_id 
_pdbx_struct_sheet_hbond.range_2_PDB_ins_code 
_pdbx_struct_sheet_hbond.range_2_auth_atom_id 
_pdbx_struct_sheet_hbond.range_2_auth_comp_id 
_pdbx_struct_sheet_hbond.range_2_auth_asym_id 
_pdbx_struct_sheet_hbond.range_2_auth_seq_id 
A 1 2 N ILE A 6   ? N ILE A 6   O GLY A 27  ? O GLY A 27  
A 2 3 N PHE A 28  ? N PHE A 28  O VAL A 59  ? O VAL A 59  
A 3 4 N PHE A 60  ? N PHE A 60  O GLN A 81  ? O GLN A 81  
A 4 5 N VAL A 80  ? N VAL A 80  O ILE A 101 ? O ILE A 101 
A 5 6 N LYS A 102 ? N LYS A 102 O LEU A 124 ? O LEU A 124 
A 6 7 N ILE A 123 ? N ILE A 123 O VAL A 155 ? O VAL A 155 
A 7 8 N LEU A 156 ? N LEU A 156 O ASP A 178 ? O ASP A 178 
A 8 9 O VAL A 177 ? O VAL A 177 N LYS A 5   ? N LYS A 5   
B 1 2 N PHE A 186 ? N PHE A 186 O LYS A 189 ? O LYS A 189 
# 
_struct_site.id                   AC1 
_struct_site.pdbx_evidence_code   Software 
_struct_site.pdbx_auth_asym_id    A 
_struct_site.pdbx_auth_comp_id    137 
_struct_site.pdbx_auth_seq_id     400 
_struct_site.pdbx_auth_ins_code   ? 
_struct_site.pdbx_num_residues    14 
_struct_site.details              'BINDING SITE FOR RESIDUE 137 A 400' 
# 
loop_
_struct_site_gen.id 
_struct_site_gen.site_id 
_struct_site_gen.pdbx_num_res 
_struct_site_gen.label_comp_id 
_struct_site_gen.label_asym_id 
_struct_site_gen.label_seq_id 
_struct_site_gen.pdbx_auth_ins_code 
_struct_site_gen.auth_comp_id 
_struct_site_gen.auth_asym_id 
_struct_site_gen.auth_seq_id 
_struct_site_gen.label_atom_id 
_struct_site_gen.label_alt_id 
_struct_site_gen.symmetry 
_struct_site_gen.details 
1  AC1 14 SER A 34  ? SER A 34  . ? 1_555 ? 
2  AC1 14 ARG A 36  ? ARG A 36  . ? 1_555 ? 
3  AC1 14 GLN A 81  ? GLN A 81  . ? 1_555 ? 
4  AC1 14 HIS A 83  ? HIS A 83  . ? 1_555 ? 
5  AC1 14 ASP A 126 ? ASP A 126 . ? 1_555 ? 
6  AC1 14 SER A 157 ? SER A 157 . ? 1_555 ? 
7  AC1 14 GLY A 158 ? GLY A 158 . ? 1_555 ? 
8  AC1 14 GLY A 159 ? GLY A 159 . ? 1_555 ? 
9  AC1 14 ASP A 178 ? ASP A 178 . ? 1_555 ? 
10 AC1 14 SER A 180 ? SER A 180 . ? 1_555 ? 
11 AC1 14 SER A 181 ? SER A 181 . ? 1_555 ? 
12 AC1 14 GLY A 182 ? GLY A 182 . ? 1_555 ? 
13 AC1 14 HOH C .   ? HOH A 403 . ? 1_555 ? 
14 AC1 14 HOH C .   ? HOH A 436 . ? 1_555 ? 
# 
_atom_sites.entry_id                    1LBM 
_atom_sites.fract_transf_matrix[1][1]   0.00771715 
_atom_sites.fract_transf_matrix[1][2]   -0.00529414 
_atom_sites.fract_transf_matrix[1][3]   0.01392201 
_atom_sites.fract_transf_matrix[2][1]   -0.00215967 
_atom_sites.fract_transf_matrix[2][2]   0.00825574 
_atom_sites.fract_transf_matrix[2][3]   0.01444227 
_atom_sites.fract_transf_matrix[3][1]   -0.00419613 
_atom_sites.fract_transf_matrix[3][2]   -0.00310267 
_atom_sites.fract_transf_matrix[3][3]   0.00114612 
_atom_sites.fract_transf_vector[1]      0.335972 
_atom_sites.fract_transf_vector[2]      0.515987 
_atom_sites.fract_transf_vector[3]      0.311890 
# 
loop_
_atom_type.symbol 
C 
N 
O 
P 
S 
# 
loop_
_atom_site.group_PDB 
_atom_site.id 
_atom_site.type_symbol 
_atom_site.label_atom_id 
_atom_site.label_alt_id 
_atom_site.label_comp_id 
_atom_site.label_asym_id 
_atom_site.label_entity_id 
_atom_site.label_seq_id 
_atom_site.pdbx_PDB_ins_code 
_atom_site.Cartn_x 
_atom_site.Cartn_y 
_atom_site.Cartn_z 
_atom_site.occupancy 
_atom_site.B_iso_or_equiv 
_atom_site.pdbx_formal_charge 
_atom_site.auth_seq_id 
_atom_site.auth_comp_id 
_atom_site.auth_asym_id 
_atom_site.auth_atom_id 
_atom_site.pdbx_PDB_model_num 
ATOM   1    N N     . MET A 1 1   ? 0.117   4.504   -17.250 1.00 41.22 ? 1   MET A N     1 
ATOM   2    C CA    . MET A 1 1   ? 0.862   3.363   -16.666 1.00 41.47 ? 1   MET A CA    1 
ATOM   3    C C     . MET A 1 1   ? 0.563   3.222   -15.169 1.00 39.84 ? 1   MET A C     1 
ATOM   4    O O     . MET A 1 1   ? 0.427   4.216   -14.445 1.00 40.53 ? 1   MET A O     1 
ATOM   5    C CB    . MET A 1 1   ? 2.354   3.570   -16.866 1.00 42.47 ? 1   MET A CB    1 
ATOM   6    C CG    . MET A 1 1   ? 3.205   2.496   -16.232 1.00 46.05 ? 1   MET A CG    1 
ATOM   7    S SD    . MET A 1 1   ? 4.984   2.869   -16.470 1.00 52.96 ? 1   MET A SD    1 
ATOM   8    C CE    . MET A 1 1   ? 5.226   2.107   -18.091 1.00 53.64 ? 1   MET A CE    1 
ATOM   9    N N     . VAL A 1 2   ? 0.468   1.981   -14.711 1.00 37.15 ? 2   VAL A N     1 
ATOM   10   C CA    . VAL A 1 2   ? 0.161   1.696   -13.330 1.00 34.97 ? 2   VAL A CA    1 
ATOM   11   C C     . VAL A 1 2   ? 1.314   1.958   -12.342 1.00 32.72 ? 2   VAL A C     1 
ATOM   12   O O     . VAL A 1 2   ? 2.472   1.718   -12.657 1.00 32.72 ? 2   VAL A O     1 
ATOM   13   C CB    . VAL A 1 2   ? -0.336  0.234   -13.207 1.00 34.99 ? 2   VAL A CB    1 
ATOM   14   C CG1   . VAL A 1 2   ? 0.785   -0.735  -13.285 1.00 35.13 ? 2   VAL A CG1   1 
ATOM   15   C CG2   . VAL A 1 2   ? -1.054  0.041   -11.894 1.00 36.87 ? 2   VAL A CG2   1 
ATOM   16   N N     . ARG A 1 3   ? 0.978   2.465   -11.156 1.00 29.83 ? 3   ARG A N     1 
ATOM   17   C CA    . ARG A 1 3   ? 1.950   2.712   -10.097 1.00 27.82 ? 3   ARG A CA    1 
ATOM   18   C C     . ARG A 1 3   ? 2.120   1.466   -9.234  1.00 26.06 ? 3   ARG A C     1 
ATOM   19   O O     . ARG A 1 3   ? 1.195   0.690   -9.094  1.00 25.79 ? 3   ARG A O     1 
ATOM   20   C CB    . ARG A 1 3   ? 1.511   3.878   -9.209  1.00 28.03 ? 3   ARG A CB    1 
ATOM   21   C CG    . ARG A 1 3   ? 2.017   5.262   -9.631  1.00 27.08 ? 3   ARG A CG    1 
ATOM   22   C CD    . ARG A 1 3   ? 1.368   5.774   -10.886 1.00 26.59 ? 3   ARG A CD    1 
ATOM   23   N NE    . ARG A 1 3   ? 1.849   7.104   -11.243 1.00 27.47 ? 3   ARG A NE    1 
ATOM   24   C CZ    . ARG A 1 3   ? 1.303   7.869   -12.178 1.00 27.11 ? 3   ARG A CZ    1 
ATOM   25   N NH1   . ARG A 1 3   ? 0.256   7.450   -12.885 1.00 24.84 ? 3   ARG A NH1   1 
ATOM   26   N NH2   . ARG A 1 3   ? 1.830   9.054   -12.429 1.00 28.36 ? 3   ARG A NH2   1 
ATOM   27   N N     . VAL A 1 4   ? 3.311   1.290   -8.663  1.00 23.99 ? 4   VAL A N     1 
ATOM   28   C CA    . VAL A 1 4   ? 3.632   0.120   -7.870  1.00 22.47 ? 4   VAL A CA    1 
ATOM   29   C C     . VAL A 1 4   ? 4.176   0.471   -6.485  1.00 21.57 ? 4   VAL A C     1 
ATOM   30   O O     . VAL A 1 4   ? 5.143   1.184   -6.356  1.00 21.42 ? 4   VAL A O     1 
ATOM   31   C CB    . VAL A 1 4   ? 4.691   -0.719  -8.569  1.00 22.28 ? 4   VAL A CB    1 
ATOM   32   C CG1   . VAL A 1 4   ? 4.977   -1.981  -7.778  1.00 22.24 ? 4   VAL A CG1   1 
ATOM   33   C CG2   . VAL A 1 4   ? 4.250   -1.077  -9.967  1.00 22.25 ? 4   VAL A CG2   1 
ATOM   34   N N     . LYS A 1 5   ? 3.558   -0.074  -5.452  1.00 20.68 ? 5   LYS A N     1 
ATOM   35   C CA    . LYS A 1 5   ? 3.983   0.137   -4.080  1.00 19.86 ? 5   LYS A CA    1 
ATOM   36   C C     . LYS A 1 5   ? 4.482   -1.207  -3.559  1.00 18.98 ? 5   LYS A C     1 
ATOM   37   O O     . LYS A 1 5   ? 3.858   -2.228  -3.820  1.00 18.44 ? 5   LYS A O     1 
ATOM   38   C CB    . LYS A 1 5   ? 2.801   0.631   -3.237  1.00 20.06 ? 5   LYS A CB    1 
ATOM   39   C CG    . LYS A 1 5   ? 3.008   0.639   -1.721  1.00 19.91 ? 5   LYS A CG    1 
ATOM   40   C CD    . LYS A 1 5   ? 1.733   1.132   -1.011  1.00 22.23 ? 5   LYS A CD    1 
ATOM   41   C CE    . LYS A 1 5   ? 1.788   0.921   0.528   1.00 26.29 ? 5   LYS A CE    1 
ATOM   42   N NZ    . LYS A 1 5   ? 1.896   -0.501  1.112   1.00 26.47 ? 5   LYS A NZ    1 
ATOM   43   N N     . ILE A 1 6   ? 5.629   -1.200  -2.886  1.00 17.92 ? 6   ILE A N     1 
ATOM   44   C CA    . ILE A 1 6   ? 6.205   -2.398  -2.293  1.00 17.33 ? 6   ILE A CA    1 
ATOM   45   C C     . ILE A 1 6   ? 6.031   -2.206  -0.784  1.00 17.01 ? 6   ILE A C     1 
ATOM   46   O O     . ILE A 1 6   ? 6.556   -1.264  -0.226  1.00 17.44 ? 6   ILE A O     1 
ATOM   47   C CB    . ILE A 1 6   ? 7.709   -2.525  -2.707  1.00 17.29 ? 6   ILE A CB    1 
ATOM   48   C CG1   . ILE A 1 6   ? 7.850   -2.709  -4.226  1.00 17.99 ? 6   ILE A CG1   1 
ATOM   49   C CG2   . ILE A 1 6   ? 8.372   -3.680  -2.067  1.00 16.88 ? 6   ILE A CG2   1 
ATOM   50   C CD1   . ILE A 1 6   ? 7.307   -3.989  -4.745  1.00 18.83 ? 6   ILE A CD1   1 
ATOM   51   N N     . CYS A 1 7   ? 5.263   -3.057  -0.114  1.00 16.58 ? 7   CYS A N     1 
ATOM   52   C CA    . CYS A 1 7   ? 5.006   -2.827  1.303   1.00 16.56 ? 7   CYS A CA    1 
ATOM   53   C C     . CYS A 1 7   ? 5.820   -3.725  2.237   1.00 16.65 ? 7   CYS A C     1 
ATOM   54   O O     . CYS A 1 7   ? 6.450   -4.696  1.818   1.00 16.18 ? 7   CYS A O     1 
ATOM   55   C CB    . CYS A 1 7   ? 3.496   -2.948  1.597   1.00 16.44 ? 7   CYS A CB    1 
ATOM   56   S SG    . CYS A 1 7   ? 2.841   -1.661  2.692   1.00 15.25 ? 7   CYS A SG    1 
ATOM   57   N N     . GLY A 1 8   ? 5.787   -3.398  3.518   1.00 16.95 ? 8   GLY A N     1 
ATOM   58   C CA    . GLY A 1 8   ? 6.521   -4.180  4.505   1.00 17.45 ? 8   GLY A CA    1 
ATOM   59   C C     . GLY A 1 8   ? 8.022   -4.168  4.300   1.00 18.19 ? 8   GLY A C     1 
ATOM   60   O O     . GLY A 1 8   ? 8.641   -5.211  4.348   1.00 18.66 ? 8   GLY A O     1 
ATOM   61   N N     . ILE A 1 9   ? 8.595   -2.999  4.014   1.00 18.99 ? 9   ILE A N     1 
ATOM   62   C CA    . ILE A 1 9   ? 10.035  -2.847  3.878   1.00 19.48 ? 9   ILE A CA    1 
ATOM   63   C C     . ILE A 1 9   ? 10.597  -2.764  5.280   1.00 19.60 ? 9   ILE A C     1 
ATOM   64   O O     . ILE A 1 9   ? 10.111  -1.994  6.075   1.00 19.72 ? 9   ILE A O     1 
ATOM   65   C CB    . ILE A 1 9   ? 10.403  -1.506  3.160   1.00 19.71 ? 9   ILE A CB    1 
ATOM   66   C CG1   . ILE A 1 9   ? 9.976   -1.504  1.704   1.00 19.91 ? 9   ILE A CG1   1 
ATOM   67   C CG2   . ILE A 1 9   ? 11.890  -1.266  3.203   1.00 19.61 ? 9   ILE A CG2   1 
ATOM   68   C CD1   . ILE A 1 9   ? 10.609  -2.589  0.895   1.00 20.17 ? 9   ILE A CD1   1 
ATOM   69   N N     . THR A 1 10  ? 11.656  -3.496  5.576   1.00 20.02 ? 10  THR A N     1 
ATOM   70   C CA    . THR A 1 10  ? 12.248  -3.423  6.910   1.00 20.16 ? 10  THR A CA    1 
ATOM   71   C C     . THR A 1 10  ? 13.733  -3.080  6.889   1.00 20.58 ? 10  THR A C     1 
ATOM   72   O O     . THR A 1 10  ? 14.365  -2.970  7.940   1.00 20.92 ? 10  THR A O     1 
ATOM   73   C CB    . THR A 1 10  ? 12.063  -4.745  7.667   1.00 20.03 ? 10  THR A CB    1 
ATOM   74   O OG1   . THR A 1 10  ? 12.791  -5.779  6.988   1.00 19.62 ? 10  THR A OG1   1 
ATOM   75   C CG2   . THR A 1 10  ? 10.611  -5.190  7.638   1.00 19.22 ? 10  THR A CG2   1 
ATOM   76   N N     . ASN A 1 11  ? 14.308  -2.897  5.716   1.00 21.06 ? 11  ASN A N     1 
ATOM   77   C CA    . ASN A 1 11  ? 15.718  -2.520  5.666   1.00 21.54 ? 11  ASN A CA    1 
ATOM   78   C C     . ASN A 1 11  ? 16.052  -1.678  4.459   1.00 21.57 ? 11  ASN A C     1 
ATOM   79   O O     . ASN A 1 11  ? 15.409  -1.731  3.406   1.00 21.90 ? 11  ASN A O     1 
ATOM   80   C CB    . ASN A 1 11  ? 16.602  -3.747  5.644   1.00 21.66 ? 11  ASN A CB    1 
ATOM   81   C CG    . ASN A 1 11  ? 16.411  -4.546  4.401   1.00 21.87 ? 11  ASN A CG    1 
ATOM   82   O OD1   . ASN A 1 11  ? 16.855  -4.144  3.322   1.00 21.07 ? 11  ASN A OD1   1 
ATOM   83   N ND2   . ASN A 1 11  ? 15.707  -5.669  4.521   1.00 22.89 ? 11  ASN A ND2   1 
ATOM   84   N N     . LEU A 1 12  ? 17.091  -0.895  4.620   1.00 21.32 ? 12  LEU A N     1 
ATOM   85   C CA    . LEU A 1 12  ? 17.489  0.019   3.588   1.00 20.61 ? 12  LEU A CA    1 
ATOM   86   C C     . LEU A 1 12  ? 17.750  -0.642  2.273   1.00 20.42 ? 12  LEU A C     1 
ATOM   87   O O     . LEU A 1 12  ? 17.172  -0.252  1.261   1.00 20.53 ? 12  LEU A O     1 
ATOM   88   C CB    . LEU A 1 12  ? 18.731  0.749   4.033   1.00 20.26 ? 12  LEU A CB    1 
ATOM   89   C CG    . LEU A 1 12  ? 19.100  1.912   3.137   1.00 20.30 ? 12  LEU A CG    1 
ATOM   90   C CD1   . LEU A 1 12  ? 17.916  2.844   3.000   1.00 21.03 ? 12  LEU A CD1   1 
ATOM   91   C CD2   . LEU A 1 12  ? 20.325  2.627   3.672   1.00 18.83 ? 12  LEU A CD2   1 
ATOM   92   N N     . GLU A 1 13  ? 18.619  -1.642  2.269   1.00 20.28 ? 13  GLU A N     1 
ATOM   93   C CA    . GLU A 1 13  ? 18.980  -2.270  1.008   1.00 20.15 ? 13  GLU A CA    1 
ATOM   94   C C     . GLU A 1 13  ? 17.759  -2.696  0.199   1.00 19.47 ? 13  GLU A C     1 
ATOM   95   O O     . GLU A 1 13  ? 17.774  -2.555  -1.015  1.00 19.81 ? 13  GLU A O     1 
ATOM   96   C CB    . GLU A 1 13  ? 19.952  -3.439  1.192   1.00 20.52 ? 13  GLU A CB    1 
ATOM   97   C CG    . GLU A 1 13  ? 21.374  -3.068  1.609   1.00 22.18 ? 13  GLU A CG    1 
ATOM   98   C CD    . GLU A 1 13  ? 21.991  -1.895  0.851   1.00 25.57 ? 13  GLU A CD    1 
ATOM   99   O OE1   . GLU A 1 13  ? 21.686  -1.672  -0.360  1.00 25.94 ? 13  GLU A OE1   1 
ATOM   100  O OE2   . GLU A 1 13  ? 22.813  -1.191  1.492   1.00 27.57 ? 13  GLU A OE2   1 
ATOM   101  N N     . ASP A 1 14  ? 16.694  -3.182  0.833   1.00 18.31 ? 14  ASP A N     1 
ATOM   102  C CA    . ASP A 1 14  ? 15.528  -3.614  0.073   1.00 17.07 ? 14  ASP A CA    1 
ATOM   103  C C     . ASP A 1 14  ? 14.806  -2.425  -0.508  1.00 16.22 ? 14  ASP A C     1 
ATOM   104  O O     . ASP A 1 14  ? 14.319  -2.464  -1.621  1.00 17.07 ? 14  ASP A O     1 
ATOM   105  C CB    . ASP A 1 14  ? 14.595  -4.398  0.962   1.00 17.23 ? 14  ASP A CB    1 
ATOM   106  C CG    . ASP A 1 14  ? 15.081  -5.819  1.228   1.00 17.77 ? 14  ASP A CG    1 
ATOM   107  O OD1   . ASP A 1 14  ? 15.956  -6.333  0.479   1.00 19.66 ? 14  ASP A OD1   1 
ATOM   108  O OD2   . ASP A 1 14  ? 14.607  -6.499  2.159   1.00 17.09 ? 14  ASP A OD2   1 
ATOM   109  N N     . ALA A 1 15  ? 14.753  -1.340  0.234   1.00 15.16 ? 15  ALA A N     1 
ATOM   110  C CA    . ALA A 1 15  ? 14.062  -0.142  -0.225  1.00 14.22 ? 15  ALA A CA    1 
ATOM   111  C C     . ALA A 1 15  ? 14.722  0.465   -1.451  1.00 14.02 ? 15  ALA A C     1 
ATOM   112  O O     . ALA A 1 15  ? 14.074  0.757   -2.460  1.00 14.27 ? 15  ALA A O     1 
ATOM   113  C CB    . ALA A 1 15  ? 14.075  0.838   0.846   1.00 14.16 ? 15  ALA A CB    1 
ATOM   114  N N     . LEU A 1 16  ? 16.031  0.644   -1.361  1.00 13.91 ? 16  LEU A N     1 
ATOM   115  C CA    . LEU A 1 16  ? 16.790  1.245   -2.447  1.00 13.70 ? 16  LEU A CA    1 
ATOM   116  C C     . LEU A 1 16  ? 16.674  0.417   -3.690  1.00 14.19 ? 16  LEU A C     1 
ATOM   117  O O     . LEU A 1 16  ? 16.465  0.953   -4.781  1.00 13.13 ? 16  LEU A O     1 
ATOM   118  C CB    . LEU A 1 16  ? 18.257  1.401   -2.070  1.00 13.49 ? 16  LEU A CB    1 
ATOM   119  C CG    . LEU A 1 16  ? 18.485  2.507   -1.048  1.00 12.43 ? 16  LEU A CG    1 
ATOM   120  C CD1   . LEU A 1 16  ? 19.955  2.560   -0.589  1.00 11.50 ? 16  LEU A CD1   1 
ATOM   121  C CD2   . LEU A 1 16  ? 18.031  3.832   -1.636  1.00 11.59 ? 16  LEU A CD2   1 
ATOM   122  N N     . PHE A 1 17  ? 16.808  -0.897  -3.531  1.00 15.02 ? 17  PHE A N     1 
ATOM   123  C CA    . PHE A 1 17  ? 16.663  -1.778  -4.675  1.00 15.70 ? 17  PHE A CA    1 
ATOM   124  C C     . PHE A 1 17  ? 15.305  -1.554  -5.313  1.00 16.59 ? 17  PHE A C     1 
ATOM   125  O O     . PHE A 1 17  ? 15.179  -1.546  -6.551  1.00 16.07 ? 17  PHE A O     1 
ATOM   126  C CB    . PHE A 1 17  ? 16.795  -3.256  -4.316  1.00 15.82 ? 17  PHE A CB    1 
ATOM   127  C CG    . PHE A 1 17  ? 16.749  -4.159  -5.532  1.00 16.90 ? 17  PHE A CG    1 
ATOM   128  C CD1   . PHE A 1 17  ? 17.919  -4.540  -6.179  1.00 17.88 ? 17  PHE A CD1   1 
ATOM   129  C CD2   . PHE A 1 17  ? 15.535  -4.576  -6.062  1.00 17.87 ? 17  PHE A CD2   1 
ATOM   130  C CE1   . PHE A 1 17  ? 17.882  -5.333  -7.304  1.00 18.27 ? 17  PHE A CE1   1 
ATOM   131  C CE2   . PHE A 1 17  ? 15.494  -5.361  -7.212  1.00 18.46 ? 17  PHE A CE2   1 
ATOM   132  C CZ    . PHE A 1 17  ? 16.676  -5.746  -7.823  1.00 18.38 ? 17  PHE A CZ    1 
ATOM   133  N N     . SER A 1 18  ? 14.287  -1.377  -4.465  1.00 17.19 ? 18  SER A N     1 
ATOM   134  C CA    . SER A 1 18  ? 12.952  -1.174  -4.983  1.00 17.79 ? 18  SER A CA    1 
ATOM   135  C C     . SER A 1 18  ? 12.884  0.077   -5.863  1.00 18.42 ? 18  SER A C     1 
ATOM   136  O O     . SER A 1 18  ? 12.358  0.028   -6.962  1.00 18.22 ? 18  SER A O     1 
ATOM   137  C CB    . SER A 1 18  ? 11.962  -1.101  -3.832  1.00 17.99 ? 18  SER A CB    1 
ATOM   138  O OG    . SER A 1 18  ? 11.851  -2.361  -3.197  1.00 17.06 ? 18  SER A OG    1 
ATOM   139  N N     . VAL A 1 19  ? 13.415  1.190   -5.358  1.00 19.30 ? 19  VAL A N     1 
ATOM   140  C CA    . VAL A 1 19  ? 13.427  2.473   -6.073  1.00 20.06 ? 19  VAL A CA    1 
ATOM   141  C C     . VAL A 1 19  ? 14.108  2.383   -7.429  1.00 20.11 ? 19  VAL A C     1 
ATOM   142  O O     . VAL A 1 19  ? 13.542  2.790   -8.434  1.00 19.57 ? 19  VAL A O     1 
ATOM   143  C CB    . VAL A 1 19  ? 14.143  3.533   -5.243  1.00 20.56 ? 19  VAL A CB    1 
ATOM   144  C CG1   . VAL A 1 19  ? 14.184  4.862   -5.948  1.00 21.81 ? 19  VAL A CG1   1 
ATOM   145  C CG2   . VAL A 1 19  ? 13.453  3.694   -3.935  1.00 21.98 ? 19  VAL A CG2   1 
ATOM   146  N N     . GLU A 1 20  ? 15.317  1.831   -7.445  1.00 20.70 ? 20  GLU A N     1 
ATOM   147  C CA    . GLU A 1 20  ? 16.084  1.673   -8.675  1.00 21.25 ? 20  GLU A CA    1 
ATOM   148  C C     . GLU A 1 20  ? 15.416  0.793   -9.707  1.00 21.44 ? 20  GLU A C     1 
ATOM   149  O O     . GLU A 1 20  ? 15.729  0.908   -10.869 1.00 22.03 ? 20  GLU A O     1 
ATOM   150  C CB    . GLU A 1 20  ? 17.460  1.083   -8.388  1.00 21.58 ? 20  GLU A CB    1 
ATOM   151  C CG    . GLU A 1 20  ? 18.389  1.965   -7.577  1.00 22.37 ? 20  GLU A CG    1 
ATOM   152  C CD    . GLU A 1 20  ? 18.474  3.372   -8.119  1.00 24.59 ? 20  GLU A CD    1 
ATOM   153  O OE1   . GLU A 1 20  ? 18.542  4.297   -7.302  1.00 27.18 ? 20  GLU A OE1   1 
ATOM   154  O OE2   . GLU A 1 20  ? 18.472  3.562   -9.361  1.00 25.94 ? 20  GLU A OE2   1 
ATOM   155  N N     . SER A 1 21  ? 14.538  -0.114  -9.278  1.00 21.72 ? 21  SER A N     1 
ATOM   156  C CA    . SER A 1 21  ? 13.787  -1.003  -10.160 1.00 21.29 ? 21  SER A CA    1 
ATOM   157  C C     . SER A 1 21  ? 12.483  -0.355  -10.643 1.00 20.74 ? 21  SER A C     1 
ATOM   158  O O     . SER A 1 21  ? 11.852  -0.895  -11.507 1.00 22.21 ? 21  SER A O     1 
ATOM   159  C CB    . SER A 1 21  ? 13.460  -2.290  -9.410  1.00 21.36 ? 21  SER A CB    1 
ATOM   160  O OG    . SER A 1 21  ? 14.654  -2.885  -8.925  1.00 23.05 ? 21  SER A OG    1 
ATOM   161  N N     . GLY A 1 22  ? 12.047  0.781   -10.136 1.00 19.53 ? 22  GLY A N     1 
ATOM   162  C CA    . GLY A 1 22  ? 10.848  1.383   -10.714 1.00 19.11 ? 22  GLY A CA    1 
ATOM   163  C C     . GLY A 1 22  ? 9.643   1.553   -9.784  1.00 18.73 ? 22  GLY A C     1 
ATOM   164  O O     . GLY A 1 22  ? 8.582   2.051   -10.202 1.00 18.54 ? 22  GLY A O     1 
ATOM   165  N N     . ALA A 1 23  ? 9.800   1.151   -8.525  1.00 17.50 ? 23  ALA A N     1 
ATOM   166  C CA    . ALA A 1 23  ? 8.754   1.286   -7.538  1.00 16.43 ? 23  ALA A CA    1 
ATOM   167  C C     . ALA A 1 23  ? 8.458   2.750   -7.290  1.00 15.85 ? 23  ALA A C     1 
ATOM   168  O O     . ALA A 1 23  ? 9.368   3.549   -7.141  1.00 15.80 ? 23  ALA A O     1 
ATOM   169  C CB    . ALA A 1 23  ? 9.189   0.655   -6.260  1.00 16.50 ? 23  ALA A CB    1 
ATOM   170  N N     . ASP A 1 24  ? 7.175   3.088   -7.214  1.00 14.93 ? 24  ASP A N     1 
ATOM   171  C CA    . ASP A 1 24  ? 6.734   4.445   -6.991  1.00 13.67 ? 24  ASP A CA    1 
ATOM   172  C C     . ASP A 1 24  ? 6.490   4.776   -5.530  1.00 13.25 ? 24  ASP A C     1 
ATOM   173  O O     . ASP A 1 24  ? 6.365   5.963   -5.169  1.00 12.12 ? 24  ASP A O     1 
ATOM   174  C CB    . ASP A 1 24  ? 5.445   4.652   -7.726  1.00 13.56 ? 24  ASP A CB    1 
ATOM   175  C CG    . ASP A 1 24  ? 5.559   4.323   -9.135  1.00 12.67 ? 24  ASP A CG    1 
ATOM   176  O OD1   . ASP A 1 24  ? 5.963   5.232   -9.875  1.00 14.87 ? 24  ASP A OD1   1 
ATOM   177  O OD2   . ASP A 1 24  ? 5.274   3.205   -9.592  1.00 10.92 ? 24  ASP A OD2   1 
ATOM   178  N N     . ALA A 1 25  ? 6.364   3.747   -4.694  1.00 12.88 ? 25  ALA A N     1 
ATOM   179  C CA    . ALA A 1 25  ? 6.160   3.981   -3.275  1.00 13.27 ? 25  ALA A CA    1 
ATOM   180  C C     . ALA A 1 25  ? 6.710   2.856   -2.498  1.00 13.79 ? 25  ALA A C     1 
ATOM   181  O O     . ALA A 1 25  ? 6.823   1.761   -2.983  1.00 14.47 ? 25  ALA A O     1 
ATOM   182  C CB    . ALA A 1 25  ? 4.699   4.135   -2.961  1.00 13.36 ? 25  ALA A CB    1 
ATOM   183  N N     . VAL A 1 26  ? 7.020   3.120   -1.251  1.00 14.94 ? 26  VAL A N     1 
ATOM   184  C CA    . VAL A 1 26  ? 7.570   2.112   -0.377  1.00 15.32 ? 26  VAL A CA    1 
ATOM   185  C C     . VAL A 1 26  ? 6.784   2.232   0.908   1.00 15.66 ? 26  VAL A C     1 
ATOM   186  O O     . VAL A 1 26  ? 6.375   3.342   1.274   1.00 14.82 ? 26  VAL A O     1 
ATOM   187  C CB    . VAL A 1 26  ? 9.040   2.403   -0.197  1.00 15.57 ? 26  VAL A CB    1 
ATOM   188  C CG1   . VAL A 1 26  ? 9.408   2.502   1.224   1.00 16.45 ? 26  VAL A CG1   1 
ATOM   189  C CG2   . VAL A 1 26  ? 9.851   1.353   -0.901  1.00 16.72 ? 26  VAL A CG2   1 
ATOM   190  N N     . GLY A 1 27  ? 6.508   1.104   1.560   1.00 16.58 ? 27  GLY A N     1 
ATOM   191  C CA    . GLY A 1 27  ? 5.694   1.120   2.771   1.00 17.39 ? 27  GLY A CA    1 
ATOM   192  C C     . GLY A 1 27  ? 6.312   0.499   4.009   1.00 18.32 ? 27  GLY A C     1 
ATOM   193  O O     . GLY A 1 27  ? 7.123   -0.436  3.899   1.00 18.24 ? 27  GLY A O     1 
ATOM   194  N N     . PHE A 1 28  ? 5.899   1.007   5.180   1.00 19.15 ? 28  PHE A N     1 
ATOM   195  C CA    . PHE A 1 28  ? 6.361   0.512   6.482   1.00 20.10 ? 28  PHE A CA    1 
ATOM   196  C C     . PHE A 1 28  ? 5.146   0.136   7.329   1.00 20.39 ? 28  PHE A C     1 
ATOM   197  O O     . PHE A 1 28  ? 4.205   0.917   7.467   1.00 20.63 ? 28  PHE A O     1 
ATOM   198  C CB    . PHE A 1 28  ? 7.172   1.587   7.228   1.00 20.62 ? 28  PHE A CB    1 
ATOM   199  C CG    . PHE A 1 28  ? 8.276   2.205   6.414   1.00 22.53 ? 28  PHE A CG    1 
ATOM   200  C CD1   . PHE A 1 28  ? 8.234   3.525   6.076   1.00 25.05 ? 28  PHE A CD1   1 
ATOM   201  C CD2   . PHE A 1 28  ? 9.360   1.468   5.998   1.00 24.30 ? 28  PHE A CD2   1 
ATOM   202  C CE1   . PHE A 1 28  ? 9.250   4.081   5.334   1.00 26.34 ? 28  PHE A CE1   1 
ATOM   203  C CE2   . PHE A 1 28  ? 10.368  2.038   5.256   1.00 24.16 ? 28  PHE A CE2   1 
ATOM   204  C CZ    . PHE A 1 28  ? 10.309  3.331   4.930   1.00 24.72 ? 28  PHE A CZ    1 
ATOM   205  N N     . VAL A 1 29  ? 5.168   -1.049  7.922   1.00 21.04 ? 29  VAL A N     1 
ATOM   206  C CA    . VAL A 1 29  ? 4.047   -1.523  8.724   1.00 21.30 ? 29  VAL A CA    1 
ATOM   207  C C     . VAL A 1 29  ? 4.283   -1.168  10.211  1.00 21.70 ? 29  VAL A C     1 
ATOM   208  O O     . VAL A 1 29  ? 5.169   -1.705  10.848  1.00 20.24 ? 29  VAL A O     1 
ATOM   209  C CB    . VAL A 1 29  ? 3.853   -3.049  8.578   1.00 21.38 ? 29  VAL A CB    1 
ATOM   210  C CG1   . VAL A 1 29  ? 2.758   -3.533  9.494   1.00 22.30 ? 29  VAL A CG1   1 
ATOM   211  C CG2   . VAL A 1 29  ? 3.515   -3.443  7.141   1.00 20.16 ? 29  VAL A CG2   1 
ATOM   212  N N     . PHE A 1 30  ? 3.494   -0.230  10.732  1.00 23.08 ? 30  PHE A N     1 
ATOM   213  C CA    . PHE A 1 30  ? 3.597   0.205   12.127  1.00 23.91 ? 30  PHE A CA    1 
ATOM   214  C C     . PHE A 1 30  ? 2.589   -0.519  13.033  1.00 24.77 ? 30  PHE A C     1 
ATOM   215  O O     . PHE A 1 30  ? 2.149   -0.025  14.077  1.00 25.08 ? 30  PHE A O     1 
ATOM   216  C CB    . PHE A 1 30  ? 3.396   1.710   12.212  1.00 23.97 ? 30  PHE A CB    1 
ATOM   217  C CG    . PHE A 1 30  ? 4.482   2.487   11.560  1.00 24.75 ? 30  PHE A CG    1 
ATOM   218  C CD1   . PHE A 1 30  ? 4.204   3.320   10.502  1.00 27.10 ? 30  PHE A CD1   1 
ATOM   219  C CD2   . PHE A 1 30  ? 5.781   2.368   11.977  1.00 24.26 ? 30  PHE A CD2   1 
ATOM   220  C CE1   . PHE A 1 30  ? 5.207   4.027   9.879   1.00 27.51 ? 30  PHE A CE1   1 
ATOM   221  C CE2   . PHE A 1 30  ? 6.784   3.087   11.363  1.00 24.61 ? 30  PHE A CE2   1 
ATOM   222  C CZ    . PHE A 1 30  ? 6.499   3.911   10.315  1.00 25.59 ? 30  PHE A CZ    1 
ATOM   223  N N     . TYR A 1 31  ? 2.235   -1.715  12.630  1.00 25.80 ? 31  TYR A N     1 
ATOM   224  C CA    . TYR A 1 31  ? 1.333   -2.526  13.398  1.00 26.79 ? 31  TYR A CA    1 
ATOM   225  C C     . TYR A 1 31  ? 2.185   -3.503  14.211  1.00 27.27 ? 31  TYR A C     1 
ATOM   226  O O     . TYR A 1 31  ? 2.780   -4.395  13.653  1.00 26.36 ? 31  TYR A O     1 
ATOM   227  C CB    . TYR A 1 31  ? 0.386   -3.239  12.440  1.00 27.00 ? 31  TYR A CB    1 
ATOM   228  C CG    . TYR A 1 31  ? -0.637  -4.089  13.122  1.00 28.53 ? 31  TYR A CG    1 
ATOM   229  C CD1   . TYR A 1 31  ? -1.342  -3.598  14.204  1.00 31.02 ? 31  TYR A CD1   1 
ATOM   230  C CD2   . TYR A 1 31  ? -0.895  -5.382  12.695  1.00 29.44 ? 31  TYR A CD2   1 
ATOM   231  C CE1   . TYR A 1 31  ? -2.274  -4.366  14.845  1.00 32.00 ? 31  TYR A CE1   1 
ATOM   232  C CE2   . TYR A 1 31  ? -1.838  -6.161  13.324  1.00 30.77 ? 31  TYR A CE2   1 
ATOM   233  C CZ    . TYR A 1 31  ? -2.521  -5.641  14.409  1.00 32.13 ? 31  TYR A CZ    1 
ATOM   234  O OH    . TYR A 1 31  ? -3.457  -6.361  15.097  1.00 33.86 ? 31  TYR A OH    1 
ATOM   235  N N     . PRO A 1 32  ? 2.221   -3.341  15.531  1.00 28.98 ? 32  PRO A N     1 
ATOM   236  C CA    . PRO A 1 32  ? 3.104   -4.120  16.420  1.00 29.78 ? 32  PRO A CA    1 
ATOM   237  C C     . PRO A 1 32  ? 2.977   -5.618  16.265  1.00 30.85 ? 32  PRO A C     1 
ATOM   238  O O     . PRO A 1 32  ? 3.948   -6.314  16.494  1.00 31.06 ? 32  PRO A O     1 
ATOM   239  C CB    . PRO A 1 32  ? 2.645   -3.714  17.818  1.00 29.43 ? 32  PRO A CB    1 
ATOM   240  C CG    . PRO A 1 32  ? 2.088   -2.346  17.644  1.00 29.73 ? 32  PRO A CG    1 
ATOM   241  C CD    . PRO A 1 32  ? 1.378   -2.413  16.300  1.00 29.44 ? 32  PRO A CD    1 
ATOM   242  N N     . LYS A 1 33  ? 1.813   -6.124  15.891  1.00 32.35 ? 33  LYS A N     1 
ATOM   243  C CA    . LYS A 1 33  ? 1.681   -7.565  15.732  1.00 33.50 ? 33  LYS A CA    1 
ATOM   244  C C     . LYS A 1 33  ? 2.060   -8.121  14.372  1.00 33.27 ? 33  LYS A C     1 
ATOM   245  O O     . LYS A 1 33  ? 1.876   -9.309  14.149  1.00 33.52 ? 33  LYS A O     1 
ATOM   246  C CB    . LYS A 1 33  ? 0.262   -8.000  16.035  1.00 34.34 ? 33  LYS A CB    1 
ATOM   247  C CG    . LYS A 1 33  ? -0.066  -8.024  17.520  1.00 37.61 ? 33  LYS A CG    1 
ATOM   248  C CD    . LYS A 1 33  ? -1.561  -8.272  17.716  1.00 42.32 ? 33  LYS A CD    1 
ATOM   249  C CE    . LYS A 1 33  ? -2.117  -7.493  18.917  1.00 44.74 ? 33  LYS A CE    1 
ATOM   250  N NZ    . LYS A 1 33  ? -3.632  -7.449  18.936  1.00 46.24 ? 33  LYS A NZ    1 
ATOM   251  N N     . SER A 1 34  ? 2.571   -7.300  13.457  1.00 33.08 ? 34  SER A N     1 
ATOM   252  C CA    . SER A 1 34  ? 2.998   -7.828  12.158  1.00 32.47 ? 34  SER A CA    1 
ATOM   253  C C     . SER A 1 34  ? 4.411   -8.331  12.250  1.00 32.35 ? 34  SER A C     1 
ATOM   254  O O     . SER A 1 34  ? 5.236   -7.831  13.006  1.00 31.87 ? 34  SER A O     1 
ATOM   255  C CB    . SER A 1 34  ? 2.938   -6.782  11.053  1.00 32.46 ? 34  SER A CB    1 
ATOM   256  O OG    . SER A 1 34  ? 3.568   -7.267  9.873   1.00 31.10 ? 34  SER A OG    1 
ATOM   257  N N     . LYS A 1 35  ? 4.672   -9.348  11.465  1.00 32.67 ? 35  LYS A N     1 
ATOM   258  C CA    . LYS A 1 35  ? 5.997   -9.900  11.388  1.00 33.32 ? 35  LYS A CA    1 
ATOM   259  C C     . LYS A 1 35  ? 6.854   -8.915  10.603  1.00 31.81 ? 35  LYS A C     1 
ATOM   260  O O     . LYS A 1 35  ? 8.045   -8.829  10.790  1.00 31.48 ? 35  LYS A O     1 
ATOM   261  C CB    . LYS A 1 35  ? 5.944   -11.270 10.715  1.00 34.33 ? 35  LYS A CB    1 
ATOM   262  C CG    . LYS A 1 35  ? 5.330   -12.371 11.590  1.00 39.00 ? 35  LYS A CG    1 
ATOM   263  C CD    . LYS A 1 35  ? 5.591   -13.787 11.013  1.00 45.58 ? 35  LYS A CD    1 
ATOM   264  C CE    . LYS A 1 35  ? 4.325   -14.473 10.444  1.00 49.00 ? 35  LYS A CE    1 
ATOM   265  N NZ    . LYS A 1 35  ? 3.847   -13.883 9.146   1.00 51.23 ? 35  LYS A NZ    1 
ATOM   266  N N     . ARG A 1 36  ? 6.214   -8.118  9.764   1.00 30.78 ? 36  ARG A N     1 
ATOM   267  C CA    . ARG A 1 36  ? 6.903   -7.092  9.004   1.00 29.60 ? 36  ARG A CA    1 
ATOM   268  C C     . ARG A 1 36  ? 6.967   -5.783  9.794   1.00 27.69 ? 36  ARG A C     1 
ATOM   269  O O     . ARG A 1 36  ? 7.250   -4.748  9.246   1.00 28.15 ? 36  ARG A O     1 
ATOM   270  C CB    . ARG A 1 36  ? 6.164   -6.867  7.694   1.00 29.94 ? 36  ARG A CB    1 
ATOM   271  C CG    . ARG A 1 36  ? 6.393   -7.925  6.644   1.00 33.04 ? 36  ARG A CG    1 
ATOM   272  C CD    . ARG A 1 36  ? 5.285   -8.012  5.610   1.00 36.37 ? 36  ARG A CD    1 
ATOM   273  N NE    . ARG A 1 36  ? 4.351   -9.099  5.892   1.00 40.30 ? 36  ARG A NE    1 
ATOM   274  C CZ    . ARG A 1 36  ? 4.533   -10.359 5.521   1.00 44.48 ? 36  ARG A CZ    1 
ATOM   275  N NH1   . ARG A 1 36  ? 5.625   -10.714 4.849   1.00 47.01 ? 36  ARG A NH1   1 
ATOM   276  N NH2   . ARG A 1 36  ? 3.632   -11.275 5.824   1.00 46.48 ? 36  ARG A NH2   1 
ATOM   277  N N     . TYR A 1 37  ? 6.733   -5.813  11.089  1.00 25.82 ? 37  TYR A N     1 
ATOM   278  C CA    . TYR A 1 37  ? 6.800   -4.585  11.870  1.00 25.05 ? 37  TYR A CA    1 
ATOM   279  C C     . TYR A 1 37  ? 8.181   -3.859  11.881  1.00 24.93 ? 37  TYR A C     1 
ATOM   280  O O     . TYR A 1 37  ? 9.231   -4.487  11.899  1.00 25.23 ? 37  TYR A O     1 
ATOM   281  C CB    . TYR A 1 37  ? 6.369   -4.869  13.307  1.00 24.32 ? 37  TYR A CB    1 
ATOM   282  C CG    . TYR A 1 37  ? 6.491   -3.667  14.199  1.00 22.86 ? 37  TYR A CG    1 
ATOM   283  C CD1   . TYR A 1 37  ? 5.546   -2.643  14.158  1.00 22.44 ? 37  TYR A CD1   1 
ATOM   284  C CD2   . TYR A 1 37  ? 7.559   -3.540  15.073  1.00 21.63 ? 37  TYR A CD2   1 
ATOM   285  C CE1   . TYR A 1 37  ? 5.656   -1.533  14.985  1.00 21.82 ? 37  TYR A CE1   1 
ATOM   286  C CE2   . TYR A 1 37  ? 7.689   -2.427  15.907  1.00 20.00 ? 37  TYR A CE2   1 
ATOM   287  C CZ    . TYR A 1 37  ? 6.749   -1.433  15.853  1.00 20.69 ? 37  TYR A CZ    1 
ATOM   288  O OH    . TYR A 1 37  ? 6.905   -0.350  16.668  1.00 19.42 ? 37  TYR A OH    1 
ATOM   289  N N     . ILE A 1 38  ? 8.173   -2.533  11.869  1.00 24.52 ? 38  ILE A N     1 
ATOM   290  C CA    . ILE A 1 38  ? 9.406   -1.763  11.979  1.00 24.77 ? 38  ILE A CA    1 
ATOM   291  C C     . ILE A 1 38  ? 9.174   -0.531  12.878  1.00 25.30 ? 38  ILE A C     1 
ATOM   292  O O     . ILE A 1 38  ? 8.115   0.092   12.839  1.00 25.30 ? 38  ILE A O     1 
ATOM   293  C CB    . ILE A 1 38  ? 9.995   -1.383  10.576  1.00 24.77 ? 38  ILE A CB    1 
ATOM   294  C CG1   . ILE A 1 38  ? 11.276  -0.559  10.749  1.00 24.80 ? 38  ILE A CG1   1 
ATOM   295  C CG2   . ILE A 1 38  ? 8.981   -0.660  9.712   1.00 24.72 ? 38  ILE A CG2   1 
ATOM   296  C CD1   . ILE A 1 38  ? 11.875  -0.049  9.455   1.00 26.05 ? 38  ILE A CD1   1 
ATOM   297  N N     . SER A 1 39  ? 10.132  -0.201  13.734  1.00 25.78 ? 39  SER A N     1 
ATOM   298  C CA    . SER A 1 39  ? 9.930   0.928   14.623  1.00 26.74 ? 39  SER A CA    1 
ATOM   299  C C     . SER A 1 39  ? 10.108  2.279   13.929  1.00 27.37 ? 39  SER A C     1 
ATOM   300  O O     . SER A 1 39  ? 10.893  2.424   13.014  1.00 26.72 ? 39  SER A O     1 
ATOM   301  C CB    . SER A 1 39  ? 10.871  0.829   15.824  1.00 26.81 ? 39  SER A CB    1 
ATOM   302  O OG    . SER A 1 39  ? 12.200  1.077   15.442  1.00 27.78 ? 39  SER A OG    1 
ATOM   303  N N     . PRO A 1 40  ? 9.365   3.277   14.371  1.00 28.78 ? 40  PRO A N     1 
ATOM   304  C CA    . PRO A 1 40  ? 9.498   4.612   13.798  1.00 29.87 ? 40  PRO A CA    1 
ATOM   305  C C     . PRO A 1 40  ? 10.951  5.041   13.650  1.00 31.41 ? 40  PRO A C     1 
ATOM   306  O O     . PRO A 1 40  ? 11.317  5.596   12.613  1.00 31.47 ? 40  PRO A O     1 
ATOM   307  C CB    . PRO A 1 40  ? 8.756   5.480   14.806  1.00 29.72 ? 40  PRO A CB    1 
ATOM   308  C CG    . PRO A 1 40  ? 7.642   4.568   15.281  1.00 28.83 ? 40  PRO A CG    1 
ATOM   309  C CD    . PRO A 1 40  ? 8.338   3.236   15.432  1.00 28.83 ? 40  PRO A CD    1 
ATOM   310  N N     . GLU A 1 41  ? 11.778  4.785   14.656  1.00 33.10 ? 41  GLU A N     1 
ATOM   311  C CA    . GLU A 1 41  ? 13.178  5.195   14.568  1.00 34.53 ? 41  GLU A CA    1 
ATOM   312  C C     . GLU A 1 41  ? 13.870  4.483   13.410  1.00 33.73 ? 41  GLU A C     1 
ATOM   313  O O     . GLU A 1 41  ? 14.455  5.140   12.550  1.00 33.95 ? 41  GLU A O     1 
ATOM   314  C CB    . GLU A 1 41  ? 13.934  5.048   15.904  1.00 35.38 ? 41  GLU A CB    1 
ATOM   315  C CG    . GLU A 1 41  ? 13.460  3.916   16.804  1.00 41.13 ? 41  GLU A CG    1 
ATOM   316  C CD    . GLU A 1 41  ? 12.159  4.208   17.594  1.00 48.24 ? 41  GLU A CD    1 
ATOM   317  O OE1   . GLU A 1 41  ? 11.639  3.263   18.242  1.00 52.76 ? 41  GLU A OE1   1 
ATOM   318  O OE2   . GLU A 1 41  ? 11.640  5.357   17.583  1.00 51.83 ? 41  GLU A OE2   1 
ATOM   319  N N     . ASP A 1 42  ? 13.776  3.166   13.340  1.00 32.90 ? 42  ASP A N     1 
ATOM   320  C CA    . ASP A 1 42  ? 14.397  2.461   12.224  1.00 32.75 ? 42  ASP A CA    1 
ATOM   321  C C     . ASP A 1 42  ? 13.839  2.892   10.866  1.00 31.98 ? 42  ASP A C     1 
ATOM   322  O O     . ASP A 1 42  ? 14.535  2.846   9.862   1.00 31.94 ? 42  ASP A O     1 
ATOM   323  C CB    . ASP A 1 42  ? 14.204  0.960   12.372  1.00 33.24 ? 42  ASP A CB    1 
ATOM   324  C CG    . ASP A 1 42  ? 15.106  0.363   13.425  1.00 35.31 ? 42  ASP A CG    1 
ATOM   325  O OD1   . ASP A 1 42  ? 14.631  -0.384  14.309  1.00 37.16 ? 42  ASP A OD1   1 
ATOM   326  O OD2   . ASP A 1 42  ? 16.331  0.590   13.451  1.00 40.39 ? 42  ASP A OD2   1 
ATOM   327  N N     . ALA A 1 43  ? 12.573  3.287   10.840  1.00 31.51 ? 43  ALA A N     1 
ATOM   328  C CA    . ALA A 1 43  ? 11.920  3.713   9.616   1.00 30.99 ? 43  ALA A CA    1 
ATOM   329  C C     . ALA A 1 43  ? 12.439  5.062   9.214   1.00 30.58 ? 43  ALA A C     1 
ATOM   330  O O     . ALA A 1 43  ? 12.660  5.334   8.057   1.00 29.80 ? 43  ALA A O     1 
ATOM   331  C CB    . ALA A 1 43  ? 10.439  3.776   9.813   1.00 30.80 ? 43  ALA A CB    1 
ATOM   332  N N     . ARG A 1 44  ? 12.617  5.922   10.194  1.00 31.10 ? 44  ARG A N     1 
ATOM   333  C CA    . ARG A 1 44  ? 13.139  7.258   9.945   1.00 31.59 ? 44  ARG A CA    1 
ATOM   334  C C     . ARG A 1 44  ? 14.442  7.195   9.177   1.00 31.54 ? 44  ARG A C     1 
ATOM   335  O O     . ARG A 1 44  ? 14.597  7.896   8.190   1.00 31.52 ? 44  ARG A O     1 
ATOM   336  C CB    . ARG A 1 44  ? 13.374  8.008   11.245  1.00 31.78 ? 44  ARG A CB    1 
ATOM   337  C CG    . ARG A 1 44  ? 13.612  9.500   11.033  1.00 32.62 ? 44  ARG A CG    1 
ATOM   338  C CD    . ARG A 1 44  ? 13.918  10.325  12.312  1.00 34.14 ? 44  ARG A CD    1 
ATOM   339  N NE    . ARG A 1 44  ? 13.667  11.738  12.047  1.00 34.51 ? 44  ARG A NE    1 
ATOM   340  C CZ    . ARG A 1 44  ? 14.547  12.553  11.479  1.00 37.21 ? 44  ARG A CZ    1 
ATOM   341  N NH1   . ARG A 1 44  ? 15.753  12.103  11.163  1.00 40.59 ? 44  ARG A NH1   1 
ATOM   342  N NH2   . ARG A 1 44  ? 14.246  13.821  11.238  1.00 35.95 ? 44  ARG A NH2   1 
ATOM   343  N N     . ARG A 1 45  ? 15.359  6.335   9.617   1.00 31.78 ? 45  ARG A N     1 
ATOM   344  C CA    . ARG A 1 45  ? 16.652  6.170   8.956   1.00 32.41 ? 45  ARG A CA    1 
ATOM   345  C C     . ARG A 1 45  ? 16.487  5.824   7.519   1.00 30.56 ? 45  ARG A C     1 
ATOM   346  O O     . ARG A 1 45  ? 17.159  6.362   6.675   1.00 30.88 ? 45  ARG A O     1 
ATOM   347  C CB    . ARG A 1 45  ? 17.493  5.085   9.620   1.00 33.71 ? 45  ARG A CB    1 
ATOM   348  C CG    . ARG A 1 45  ? 18.252  5.596   10.833  1.00 39.98 ? 45  ARG A CG    1 
ATOM   349  C CD    . ARG A 1 45  ? 18.840  4.506   11.706  1.00 48.72 ? 45  ARG A CD    1 
ATOM   350  N NE    . ARG A 1 45  ? 18.769  4.878   13.127  1.00 56.42 ? 45  ARG A NE    1 
ATOM   351  C CZ    . ARG A 1 45  ? 18.838  4.012   14.139  1.00 62.13 ? 45  ARG A CZ    1 
ATOM   352  N NH1   . ARG A 1 45  ? 19.005  2.710   13.877  1.00 64.61 ? 45  ARG A NH1   1 
ATOM   353  N NH2   . ARG A 1 45  ? 18.751  4.439   15.402  1.00 63.66 ? 45  ARG A NH2   1 
ATOM   354  N N     . ILE A 1 46  ? 15.564  4.931   7.228   1.00 29.25 ? 46  ILE A N     1 
ATOM   355  C CA    . ILE A 1 46  ? 15.341  4.529   5.852   1.00 27.63 ? 46  ILE A CA    1 
ATOM   356  C C     . ILE A 1 46  ? 14.670  5.689   5.095   1.00 26.84 ? 46  ILE A C     1 
ATOM   357  O O     . ILE A 1 46  ? 15.139  6.116   4.062   1.00 26.36 ? 46  ILE A O     1 
ATOM   358  C CB    . ILE A 1 46  ? 14.491  3.275   5.855   1.00 26.99 ? 46  ILE A CB    1 
ATOM   359  C CG1   . ILE A 1 46  ? 15.227  2.163   6.635   1.00 26.96 ? 46  ILE A CG1   1 
ATOM   360  C CG2   . ILE A 1 46  ? 14.184  2.903   4.448   1.00 26.94 ? 46  ILE A CG2   1 
ATOM   361  C CD1   . ILE A 1 46  ? 14.704  0.721   6.425   1.00 26.85 ? 46  ILE A CD1   1 
ATOM   362  N N     . SER A 1 47  ? 13.585  6.225   5.637   1.00 26.52 ? 47  SER A N     1 
ATOM   363  C CA    . SER A 1 47  ? 12.875  7.317   4.970   1.00 26.30 ? 47  SER A CA    1 
ATOM   364  C C     . SER A 1 47  ? 13.839  8.399   4.478   1.00 25.97 ? 47  SER A C     1 
ATOM   365  O O     . SER A 1 47  ? 13.878  8.795   3.314   1.00 25.91 ? 47  SER A O     1 
ATOM   366  C CB    . SER A 1 47  ? 11.857  7.953   5.928   1.00 26.23 ? 47  SER A CB    1 
ATOM   367  O OG    . SER A 1 47  ? 11.071  8.894   5.218   1.00 26.18 ? 47  SER A OG    1 
ATOM   368  N N     . VAL A 1 48  ? 14.603  8.883   5.423   1.00 25.58 ? 48  VAL A N     1 
ATOM   369  C CA    . VAL A 1 48  ? 15.515  9.990   5.235   1.00 25.23 ? 48  VAL A CA    1 
ATOM   370  C C     . VAL A 1 48  ? 16.563  9.776   4.131   1.00 24.56 ? 48  VAL A C     1 
ATOM   371  O O     . VAL A 1 48  ? 17.000  10.711  3.482   1.00 24.74 ? 48  VAL A O     1 
ATOM   372  C CB    . VAL A 1 48  ? 16.169  10.232  6.620   1.00 25.45 ? 48  VAL A CB    1 
ATOM   373  C CG1   . VAL A 1 48  ? 17.659  10.323  6.542   1.00 26.11 ? 48  VAL A CG1   1 
ATOM   374  C CG2   . VAL A 1 48  ? 15.529  11.410  7.319   1.00 25.12 ? 48  VAL A CG2   1 
ATOM   375  N N     . GLU A 1 49  ? 16.972  8.544   3.916   1.00 23.69 ? 49  GLU A N     1 
ATOM   376  C CA    . GLU A 1 49  ? 17.985  8.256   2.921   1.00 22.94 ? 49  GLU A CA    1 
ATOM   377  C C     . GLU A 1 49  ? 17.417  8.007   1.520   1.00 21.25 ? 49  GLU A C     1 
ATOM   378  O O     . GLU A 1 49  ? 18.170  7.730   0.584   1.00 21.25 ? 49  GLU A O     1 
ATOM   379  C CB    . GLU A 1 49  ? 18.725  7.006   3.360   1.00 23.58 ? 49  GLU A CB    1 
ATOM   380  C CG    . GLU A 1 49  ? 20.167  6.927   2.910   1.00 27.13 ? 49  GLU A CG    1 
ATOM   381  C CD    . GLU A 1 49  ? 21.115  7.500   3.946   1.00 31.33 ? 49  GLU A CD    1 
ATOM   382  O OE1   . GLU A 1 49  ? 22.258  7.828   3.563   1.00 36.18 ? 49  GLU A OE1   1 
ATOM   383  O OE2   . GLU A 1 49  ? 20.719  7.625   5.131   1.00 31.81 ? 49  GLU A OE2   1 
ATOM   384  N N     . LEU A 1 50  ? 16.102  8.078   1.351   1.00 19.11 ? 50  LEU A N     1 
ATOM   385  C CA    . LEU A 1 50  ? 15.531  7.761   0.049   1.00 17.48 ? 50  LEU A CA    1 
ATOM   386  C C     . LEU A 1 50  ? 15.499  8.982   -0.832  1.00 16.42 ? 50  LEU A C     1 
ATOM   387  O O     . LEU A 1 50  ? 15.437  10.080  -0.334  1.00 17.00 ? 50  LEU A O     1 
ATOM   388  C CB    . LEU A 1 50  ? 14.131  7.175   0.228   1.00 17.29 ? 50  LEU A CB    1 
ATOM   389  C CG    . LEU A 1 50  ? 13.998  5.774   0.833   1.00 15.86 ? 50  LEU A CG    1 
ATOM   390  C CD1   . LEU A 1 50  ? 12.547  5.450   1.022   1.00 17.75 ? 50  LEU A CD1   1 
ATOM   391  C CD2   . LEU A 1 50  ? 14.576  4.733   -0.060  1.00 15.43 ? 50  LEU A CD2   1 
ATOM   392  N N     . PRO A 1 51  ? 15.541  8.824   -2.138  1.00 15.49 ? 51  PRO A N     1 
ATOM   393  C CA    . PRO A 1 51  ? 15.499  9.981   -3.032  1.00 15.48 ? 51  PRO A CA    1 
ATOM   394  C C     . PRO A 1 51  ? 14.125  10.619  -2.939  1.00 15.99 ? 51  PRO A C     1 
ATOM   395  O O     . PRO A 1 51  ? 13.204  10.036  -2.359  1.00 16.29 ? 51  PRO A O     1 
ATOM   396  C CB    . PRO A 1 51  ? 15.650  9.351   -4.411  1.00 14.89 ? 51  PRO A CB    1 
ATOM   397  C CG    . PRO A 1 51  ? 15.021  8.052   -4.242  1.00 15.20 ? 51  PRO A CG    1 
ATOM   398  C CD    . PRO A 1 51  ? 15.550  7.572   -2.896  1.00 15.83 ? 51  PRO A CD    1 
ATOM   399  N N     . PRO A 1 52  ? 13.954  11.801  -3.498  1.00 16.30 ? 52  PRO A N     1 
ATOM   400  C CA    . PRO A 1 52  ? 12.612  12.381  -3.559  1.00 16.07 ? 52  PRO A CA    1 
ATOM   401  C C     . PRO A 1 52  ? 11.826  11.665  -4.651  1.00 15.52 ? 52  PRO A C     1 
ATOM   402  O O     . PRO A 1 52  ? 12.351  10.714  -5.227  1.00 13.95 ? 52  PRO A O     1 
ATOM   403  C CB    . PRO A 1 52  ? 12.893  13.827  -3.948  1.00 16.81 ? 52  PRO A CB    1 
ATOM   404  C CG    . PRO A 1 52  ? 14.114  13.697  -4.837  1.00 17.03 ? 52  PRO A CG    1 
ATOM   405  C CD    . PRO A 1 52  ? 14.974  12.692  -4.090  1.00 16.25 ? 52  PRO A CD    1 
ATOM   406  N N     . PHE A 1 53  ? 10.594  12.096  -4.911  1.00 15.74 ? 53  PHE A N     1 
ATOM   407  C CA    . PHE A 1 53  ? 9.764   11.470  -5.947  1.00 16.51 ? 53  PHE A CA    1 
ATOM   408  C C     . PHE A 1 53  ? 9.437   9.978   -5.701  1.00 16.31 ? 53  PHE A C     1 
ATOM   409  O O     . PHE A 1 53  ? 9.157   9.239   -6.610  1.00 16.03 ? 53  PHE A O     1 
ATOM   410  C CB    . PHE A 1 53  ? 10.438  11.632  -7.311  1.00 16.86 ? 53  PHE A CB    1 
ATOM   411  C CG    . PHE A 1 53  ? 10.838  13.036  -7.613  1.00 18.71 ? 53  PHE A CG    1 
ATOM   412  C CD1   . PHE A 1 53  ? 11.919  13.305  -8.416  1.00 21.85 ? 53  PHE A CD1   1 
ATOM   413  C CD2   . PHE A 1 53  ? 10.148  14.090  -7.083  1.00 20.38 ? 53  PHE A CD2   1 
ATOM   414  C CE1   . PHE A 1 53  ? 12.298  14.625  -8.682  1.00 22.27 ? 53  PHE A CE1   1 
ATOM   415  C CE2   . PHE A 1 53  ? 10.530  15.391  -7.340  1.00 21.24 ? 53  PHE A CE2   1 
ATOM   416  C CZ    . PHE A 1 53  ? 11.600  15.654  -8.140  1.00 21.23 ? 53  PHE A CZ    1 
ATOM   417  N N     . VAL A 1 54  ? 9.471   9.551   -4.456  1.00 16.71 ? 54  VAL A N     1 
ATOM   418  C CA    . VAL A 1 54  ? 9.142   8.184   -4.091  1.00 17.01 ? 54  VAL A CA    1 
ATOM   419  C C     . VAL A 1 54  ? 8.340   8.357   -2.789  1.00 16.15 ? 54  VAL A C     1 
ATOM   420  O O     . VAL A 1 54  ? 8.850   8.900   -1.826  1.00 14.40 ? 54  VAL A O     1 
ATOM   421  C CB    . VAL A 1 54  ? 10.403  7.375   -3.791  1.00 17.82 ? 54  VAL A CB    1 
ATOM   422  C CG1   . VAL A 1 54  ? 10.056  5.974   -3.332  1.00 18.86 ? 54  VAL A CG1   1 
ATOM   423  C CG2   . VAL A 1 54  ? 11.278  7.317   -5.002  1.00 19.96 ? 54  VAL A CG2   1 
ATOM   424  N N     . PHE A 1 55  ? 7.097   7.895   -2.791  1.00 15.70 ? 55  PHE A N     1 
ATOM   425  C CA    . PHE A 1 55  ? 6.238   8.037   -1.629  1.00 15.68 ? 55  PHE A CA    1 
ATOM   426  C C     . PHE A 1 55  ? 6.654   7.101   -0.497  1.00 15.33 ? 55  PHE A C     1 
ATOM   427  O O     . PHE A 1 55  ? 7.018   5.937   -0.737  1.00 14.42 ? 55  PHE A O     1 
ATOM   428  C CB    . PHE A 1 55  ? 4.788   7.711   -1.993  1.00 15.53 ? 55  PHE A CB    1 
ATOM   429  C CG    . PHE A 1 55  ? 3.871   8.881   -1.986  1.00 15.67 ? 55  PHE A CG    1 
ATOM   430  C CD1   . PHE A 1 55  ? 4.065   9.929   -2.837  1.00 17.25 ? 55  PHE A CD1   1 
ATOM   431  C CD2   . PHE A 1 55  ? 2.787   8.918   -1.133  1.00 16.22 ? 55  PHE A CD2   1 
ATOM   432  C CE1   . PHE A 1 55  ? 3.196   10.992  -2.830  1.00 17.49 ? 55  PHE A CE1   1 
ATOM   433  C CE2   . PHE A 1 55  ? 1.927   9.976   -1.133  1.00 15.65 ? 55  PHE A CE2   1 
ATOM   434  C CZ    . PHE A 1 55  ? 2.136   11.012  -1.971  1.00 16.43 ? 55  PHE A CZ    1 
ATOM   435  N N     . ARG A 1 56  ? 6.543   7.620   0.727   1.00 15.14 ? 56  ARG A N     1 
ATOM   436  C CA    . ARG A 1 56  ? 6.783   6.853   1.940   1.00 15.81 ? 56  ARG A CA    1 
ATOM   437  C C     . ARG A 1 56  ? 5.428   6.737   2.648   1.00 15.69 ? 56  ARG A C     1 
ATOM   438  O O     . ARG A 1 56  ? 4.852   7.758   3.081   1.00 15.04 ? 56  ARG A O     1 
ATOM   439  C CB    . ARG A 1 56  ? 7.820   7.513   2.859   1.00 15.77 ? 56  ARG A CB    1 
ATOM   440  C CG    . ARG A 1 56  ? 9.227   7.700   2.257   1.00 17.60 ? 56  ARG A CG    1 
ATOM   441  C CD    . ARG A 1 56  ? 9.527   9.148   1.869   1.00 20.12 ? 56  ARG A CD    1 
ATOM   442  N NE    . ARG A 1 56  ? 10.946  9.542   1.889   1.00 21.82 ? 56  ARG A NE    1 
ATOM   443  C CZ    . ARG A 1 56  ? 11.680  9.819   0.812   1.00 21.27 ? 56  ARG A CZ    1 
ATOM   444  N NH1   . ARG A 1 56  ? 11.182  9.710   -0.407  1.00 22.36 ? 56  ARG A NH1   1 
ATOM   445  N NH2   . ARG A 1 56  ? 12.929  10.196  0.954   1.00 21.53 ? 56  ARG A NH2   1 
ATOM   446  N N     . VAL A 1 57  ? 4.922   5.504   2.740   1.00 15.65 ? 57  VAL A N     1 
ATOM   447  C CA    . VAL A 1 57  ? 3.625   5.247   3.339   1.00 16.34 ? 57  VAL A CA    1 
ATOM   448  C C     . VAL A 1 57  ? 3.761   4.474   4.616   1.00 16.47 ? 57  VAL A C     1 
ATOM   449  O O     . VAL A 1 57  ? 4.585   3.576   4.707   1.00 16.88 ? 57  VAL A O     1 
ATOM   450  C CB    . VAL A 1 57  ? 2.721   4.422   2.374   1.00 16.70 ? 57  VAL A CB    1 
ATOM   451  C CG1   . VAL A 1 57  ? 1.413   4.058   3.023   1.00 17.34 ? 57  VAL A CG1   1 
ATOM   452  C CG2   . VAL A 1 57  ? 2.426   5.203   1.106   1.00 17.45 ? 57  VAL A CG2   1 
ATOM   453  N N     . GLY A 1 58  ? 2.922   4.794   5.592   1.00 17.09 ? 58  GLY A N     1 
ATOM   454  C CA    . GLY A 1 58  ? 2.918   4.085   6.867   1.00 17.87 ? 58  GLY A CA    1 
ATOM   455  C C     . GLY A 1 58  ? 1.586   3.421   7.178   1.00 18.29 ? 58  GLY A C     1 
ATOM   456  O O     . GLY A 1 58  ? 0.570   4.083   7.257   1.00 18.61 ? 58  GLY A O     1 
ATOM   457  N N     . VAL A 1 59  ? 1.605   2.111   7.364   1.00 18.89 ? 59  VAL A N     1 
ATOM   458  C CA    . VAL A 1 59  ? 0.408   1.341   7.660   1.00 19.24 ? 59  VAL A CA    1 
ATOM   459  C C     . VAL A 1 59  ? 0.115   1.281   9.150   1.00 19.45 ? 59  VAL A C     1 
ATOM   460  O O     . VAL A 1 59  ? 0.928   0.852   9.925   1.00 19.29 ? 59  VAL A O     1 
ATOM   461  C CB    . VAL A 1 59  ? 0.571   -0.083  7.163   1.00 19.42 ? 59  VAL A CB    1 
ATOM   462  C CG1   . VAL A 1 59  ? -0.748  -0.768  7.118   1.00 19.22 ? 59  VAL A CG1   1 
ATOM   463  C CG2   . VAL A 1 59  ? 1.218   -0.091  5.765   1.00 19.63 ? 59  VAL A CG2   1 
ATOM   464  N N     . PHE A 1 60  ? -1.066  1.730   9.526   1.00 20.67 ? 60  PHE A N     1 
ATOM   465  C CA    . PHE A 1 60  ? -1.545  1.696   10.894  1.00 21.24 ? 60  PHE A CA    1 
ATOM   466  C C     . PHE A 1 60  ? -2.843  0.899   10.996  1.00 22.36 ? 60  PHE A C     1 
ATOM   467  O O     . PHE A 1 60  ? -3.697  0.977   10.118  1.00 22.58 ? 60  PHE A O     1 
ATOM   468  C CB    . PHE A 1 60  ? -1.839  3.110   11.332  1.00 21.36 ? 60  PHE A CB    1 
ATOM   469  C CG    . PHE A 1 60  ? -0.637  3.971   11.380  1.00 21.00 ? 60  PHE A CG    1 
ATOM   470  C CD1   . PHE A 1 60  ? -0.240  4.672   10.278  1.00 21.16 ? 60  PHE A CD1   1 
ATOM   471  C CD2   . PHE A 1 60  ? 0.111   4.049   12.525  1.00 20.31 ? 60  PHE A CD2   1 
ATOM   472  C CE1   . PHE A 1 60  ? 0.862   5.449   10.328  1.00 21.61 ? 60  PHE A CE1   1 
ATOM   473  C CE2   . PHE A 1 60  ? 1.206   4.810   12.577  1.00 20.53 ? 60  PHE A CE2   1 
ATOM   474  C CZ    . PHE A 1 60  ? 1.583   5.525   11.483  1.00 21.84 ? 60  PHE A CZ    1 
ATOM   475  N N     . VAL A 1 61  ? -2.994  0.132   12.071  1.00 23.65 ? 61  VAL A N     1 
ATOM   476  C CA    . VAL A 1 61  ? -4.213  -0.645  12.301  1.00 23.79 ? 61  VAL A CA    1 
ATOM   477  C C     . VAL A 1 61  ? -4.888  -0.165  13.576  1.00 24.52 ? 61  VAL A C     1 
ATOM   478  O O     . VAL A 1 61  ? -4.377  -0.324  14.674  1.00 24.32 ? 61  VAL A O     1 
ATOM   479  C CB    . VAL A 1 61  ? -3.896  -2.175  12.356  1.00 23.59 ? 61  VAL A CB    1 
ATOM   480  C CG1   . VAL A 1 61  ? -5.143  -2.995  12.537  1.00 23.62 ? 61  VAL A CG1   1 
ATOM   481  C CG2   . VAL A 1 61  ? -3.204  -2.629  11.064  1.00 24.61 ? 61  VAL A CG2   1 
ATOM   482  N N     . ASN A 1 62  ? -6.036  0.467   13.427  1.00 26.15 ? 62  ASN A N     1 
ATOM   483  C CA    . ASN A 1 62  ? -6.766  0.999   14.587  1.00 27.35 ? 62  ASN A CA    1 
ATOM   484  C C     . ASN A 1 62  ? -5.870  1.690   15.604  1.00 28.81 ? 62  ASN A C     1 
ATOM   485  O O     . ASN A 1 62  ? -5.918  1.385   16.771  1.00 28.96 ? 62  ASN A O     1 
ATOM   486  C CB    . ASN A 1 62  ? -7.543  -0.113  15.279  1.00 27.14 ? 62  ASN A CB    1 
ATOM   487  C CG    . ASN A 1 62  ? -8.522  -0.774  14.360  1.00 26.86 ? 62  ASN A CG    1 
ATOM   488  O OD1   . ASN A 1 62  ? -8.524  -1.997  14.195  1.00 23.81 ? 62  ASN A OD1   1 
ATOM   489  N ND2   . ASN A 1 62  ? -9.363  0.040   13.726  1.00 27.16 ? 62  ASN A ND2   1 
ATOM   490  N N     . GLU A 1 63  ? -5.040  2.614   15.159  1.00 31.03 ? 63  GLU A N     1 
ATOM   491  C CA    . GLU A 1 63  ? -4.192  3.348   16.067  1.00 32.66 ? 63  GLU A CA    1 
ATOM   492  C C     . GLU A 1 63  ? -4.942  4.604   16.329  1.00 33.28 ? 63  GLU A C     1 
ATOM   493  O O     . GLU A 1 63  ? -5.823  4.955   15.550  1.00 33.06 ? 63  GLU A O     1 
ATOM   494  C CB    . GLU A 1 63  ? -2.861  3.648   15.396  1.00 33.45 ? 63  GLU A CB    1 
ATOM   495  C CG    . GLU A 1 63  ? -1.839  4.268   16.332  1.00 35.25 ? 63  GLU A CG    1 
ATOM   496  C CD    . GLU A 1 63  ? -1.552  3.388   17.529  1.00 36.38 ? 63  GLU A CD    1 
ATOM   497  O OE1   . GLU A 1 63  ? -2.117  3.667   18.629  1.00 38.45 ? 63  GLU A OE1   1 
ATOM   498  O OE2   . GLU A 1 63  ? -0.767  2.434   17.351  1.00 35.88 ? 63  GLU A OE2   1 
ATOM   499  N N     . GLU A 1 64  ? -4.609  5.277   17.421  1.00 34.56 ? 64  GLU A N     1 
ATOM   500  C CA    . GLU A 1 64  ? -5.286  6.524   17.774  1.00 35.67 ? 64  GLU A CA    1 
ATOM   501  C C     . GLU A 1 64  ? -4.682  7.695   16.990  1.00 36.06 ? 64  GLU A C     1 
ATOM   502  O O     . GLU A 1 64  ? -3.468  7.767   16.813  1.00 35.84 ? 64  GLU A O     1 
ATOM   503  C CB    . GLU A 1 64  ? -5.189  6.767   19.264  1.00 35.75 ? 64  GLU A CB    1 
ATOM   504  C CG    . GLU A 1 64  ? -3.773  6.800   19.781  1.00 37.87 ? 64  GLU A CG    1 
ATOM   505  C CD    . GLU A 1 64  ? -3.550  7.988   20.704  1.00 41.27 ? 64  GLU A CD    1 
ATOM   506  O OE1   . GLU A 1 64  ? -2.897  7.763   21.762  1.00 41.69 ? 64  GLU A OE1   1 
ATOM   507  O OE2   . GLU A 1 64  ? -4.023  9.130   20.363  1.00 40.25 ? 64  GLU A OE2   1 
ATOM   508  N N     . PRO A 1 65  ? -5.528  8.630   16.569  1.00 36.71 ? 65  PRO A N     1 
ATOM   509  C CA    . PRO A 1 65  ? -5.139  9.687   15.622  1.00 37.56 ? 65  PRO A CA    1 
ATOM   510  C C     . PRO A 1 65  ? -3.845  10.444  15.953  1.00 38.20 ? 65  PRO A C     1 
ATOM   511  O O     . PRO A 1 65  ? -3.065  10.763  15.078  1.00 37.49 ? 65  PRO A O     1 
ATOM   512  C CB    . PRO A 1 65  ? -6.364  10.611  15.618  1.00 37.10 ? 65  PRO A CB    1 
ATOM   513  C CG    . PRO A 1 65  ? -7.030  10.281  16.857  1.00 36.84 ? 65  PRO A CG    1 
ATOM   514  C CD    . PRO A 1 65  ? -6.919  8.799   17.003  1.00 36.54 ? 65  PRO A CD    1 
ATOM   515  N N     . GLU A 1 66  ? -3.614  10.717  17.220  1.00 39.83 ? 66  GLU A N     1 
ATOM   516  C CA    . GLU A 1 66  ? -2.412  11.437  17.610  1.00 40.87 ? 66  GLU A CA    1 
ATOM   517  C C     . GLU A 1 66  ? -1.155  10.609  17.324  1.00 39.97 ? 66  GLU A C     1 
ATOM   518  O O     . GLU A 1 66  ? -0.190  11.122  16.798  1.00 40.10 ? 66  GLU A O     1 
ATOM   519  C CB    . GLU A 1 66  ? -2.499  11.813  19.084  1.00 41.73 ? 66  GLU A CB    1 
ATOM   520  C CG    . GLU A 1 66  ? -1.487  12.856  19.527  1.00 45.94 ? 66  GLU A CG    1 
ATOM   521  C CD    . GLU A 1 66  ? -1.533  13.133  21.050  1.00 51.40 ? 66  GLU A CD    1 
ATOM   522  O OE1   . GLU A 1 66  ? -0.580  12.754  21.784  1.00 52.38 ? 66  GLU A OE1   1 
ATOM   523  O OE2   . GLU A 1 66  ? -2.528  13.740  21.525  1.00 54.89 ? 66  GLU A OE2   1 
ATOM   524  N N     . LYS A 1 67  ? -1.158  9.329   17.653  1.00 39.24 ? 67  LYS A N     1 
ATOM   525  C CA    . LYS A 1 67  ? 0.010   8.509   17.366  1.00 39.24 ? 67  LYS A CA    1 
ATOM   526  C C     . LYS A 1 67  ? 0.306   8.455   15.847  1.00 37.88 ? 67  LYS A C     1 
ATOM   527  O O     . LYS A 1 67  ? 1.443   8.464   15.419  1.00 37.67 ? 67  LYS A O     1 
ATOM   528  C CB    . LYS A 1 67  ? -0.192  7.098   17.931  1.00 39.84 ? 67  LYS A CB    1 
ATOM   529  C CG    . LYS A 1 67  ? 0.983   6.149   17.666  1.00 43.13 ? 67  LYS A CG    1 
ATOM   530  C CD    . LYS A 1 67  ? 2.060   6.229   18.758  1.00 47.81 ? 67  LYS A CD    1 
ATOM   531  C CE    . LYS A 1 67  ? 2.183   4.887   19.535  1.00 50.93 ? 67  LYS A CE    1 
ATOM   532  N NZ    . LYS A 1 67  ? 2.429   3.672   18.643  1.00 51.35 ? 67  LYS A NZ    1 
ATOM   533  N N     . ILE A 1 68  ? -0.744  8.393   15.046  1.00 36.56 ? 68  ILE A N     1 
ATOM   534  C CA    . ILE A 1 68  ? -0.620  8.375   13.616  1.00 35.33 ? 68  ILE A CA    1 
ATOM   535  C C     . ILE A 1 68  ? 0.090   9.652   13.194  1.00 34.13 ? 68  ILE A C     1 
ATOM   536  O O     . ILE A 1 68  ? 1.049   9.613   12.443  1.00 34.63 ? 68  ILE A O     1 
ATOM   537  C CB    . ILE A 1 68  ? -2.019  8.289   12.989  1.00 35.18 ? 68  ILE A CB    1 
ATOM   538  C CG1   . ILE A 1 68  ? -2.643  6.937   13.273  1.00 36.00 ? 68  ILE A CG1   1 
ATOM   539  C CG2   . ILE A 1 68  ? -1.963  8.464   11.496  1.00 35.71 ? 68  ILE A CG2   1 
ATOM   540  C CD1   . ILE A 1 68  ? -4.103  6.847   12.852  1.00 36.47 ? 68  ILE A CD1   1 
ATOM   541  N N     . LEU A 1 69  ? -0.357  10.787  13.697  1.00 32.59 ? 69  LEU A N     1 
ATOM   542  C CA    . LEU A 1 69  ? 0.243   12.060  13.318  1.00 31.82 ? 69  LEU A CA    1 
ATOM   543  C C     . LEU A 1 69  ? 1.698   12.257  13.742  1.00 31.18 ? 69  LEU A C     1 
ATOM   544  O O     . LEU A 1 69  ? 2.481   12.915  13.055  1.00 31.14 ? 69  LEU A O     1 
ATOM   545  C CB    . LEU A 1 69  ? -0.598  13.203  13.849  1.00 31.46 ? 69  LEU A CB    1 
ATOM   546  C CG    . LEU A 1 69  ? -1.951  13.314  13.151  1.00 31.53 ? 69  LEU A CG    1 
ATOM   547  C CD1   . LEU A 1 69  ? -2.644  14.599  13.542  1.00 31.67 ? 69  LEU A CD1   1 
ATOM   548  C CD2   . LEU A 1 69  ? -1.841  13.220  11.639  1.00 30.57 ? 69  LEU A CD2   1 
ATOM   549  N N     . ASP A 1 70  ? 2.063   11.700  14.876  1.00 30.37 ? 70  ASP A N     1 
ATOM   550  C CA    . ASP A 1 70  ? 3.420   11.846  15.356  1.00 29.67 ? 70  ASP A CA    1 
ATOM   551  C C     . ASP A 1 70  ? 4.389   10.976  14.586  1.00 28.71 ? 70  ASP A C     1 
ATOM   552  O O     . ASP A 1 70  ? 5.462   11.442  14.199  1.00 28.77 ? 70  ASP A O     1 
ATOM   553  C CB    . ASP A 1 70  ? 3.489   11.513  16.837  1.00 29.95 ? 70  ASP A CB    1 
ATOM   554  C CG    . ASP A 1 70  ? 3.016   12.658  17.702  1.00 30.13 ? 70  ASP A CG    1 
ATOM   555  O OD1   . ASP A 1 70  ? 2.411   13.605  17.154  1.00 30.61 ? 70  ASP A OD1   1 
ATOM   556  O OD2   . ASP A 1 70  ? 3.209   12.696  18.927  1.00 30.90 ? 70  ASP A OD2   1 
ATOM   557  N N     . VAL A 1 71  ? 4.021   9.719   14.355  1.00 27.24 ? 71  VAL A N     1 
ATOM   558  C CA    . VAL A 1 71  ? 4.902   8.833   13.609  1.00 26.02 ? 71  VAL A CA    1 
ATOM   559  C C     . VAL A 1 71  ? 5.104   9.451   12.238  1.00 25.15 ? 71  VAL A C     1 
ATOM   560  O O     . VAL A 1 71  ? 6.205   9.461   11.727  1.00 25.00 ? 71  VAL A O     1 
ATOM   561  C CB    . VAL A 1 71  ? 4.348   7.420   13.515  1.00 25.77 ? 71  VAL A CB    1 
ATOM   562  C CG1   . VAL A 1 71  ? 5.243   6.543   12.700  1.00 25.60 ? 71  VAL A CG1   1 
ATOM   563  C CG2   . VAL A 1 71  ? 4.185   6.828   14.899  1.00 25.58 ? 71  VAL A CG2   1 
ATOM   564  N N     . ALA A 1 72  ? 4.058   10.056  11.702  1.00 24.28 ? 72  ALA A N     1 
ATOM   565  C CA    . ALA A 1 72  ? 4.092   10.613  10.360  1.00 24.09 ? 72  ALA A CA    1 
ATOM   566  C C     . ALA A 1 72  ? 5.041   11.766  10.169  1.00 24.00 ? 72  ALA A C     1 
ATOM   567  O O     . ALA A 1 72  ? 5.696   11.857  9.133   1.00 23.82 ? 72  ALA A O     1 
ATOM   568  C CB    . ALA A 1 72  ? 2.682   11.037  9.929   1.00 24.13 ? 72  ALA A CB    1 
ATOM   569  N N     . SER A 1 73  ? 5.094   12.669  11.141  1.00 24.35 ? 73  SER A N     1 
ATOM   570  C CA    . SER A 1 73  ? 5.978   13.827  11.037  1.00 24.53 ? 73  SER A CA    1 
ATOM   571  C C     . SER A 1 73  ? 7.413   13.434  11.387  1.00 24.37 ? 73  SER A C     1 
ATOM   572  O O     . SER A 1 73  ? 8.364   13.940  10.792  1.00 25.09 ? 73  SER A O     1 
ATOM   573  C CB    . SER A 1 73  ? 5.498   14.965  11.921  1.00 24.38 ? 73  SER A CB    1 
ATOM   574  O OG    . SER A 1 73  ? 5.773   14.653  13.256  1.00 25.15 ? 73  SER A OG    1 
ATOM   575  N N     . TYR A 1 74  ? 7.559   12.505  12.322  1.00 24.31 ? 74  TYR A N     1 
ATOM   576  C CA    . TYR A 1 74  ? 8.871   11.982  12.710  1.00 24.32 ? 74  TYR A CA    1 
ATOM   577  C C     . TYR A 1 74  ? 9.592   11.236  11.593  1.00 23.94 ? 74  TYR A C     1 
ATOM   578  O O     . TYR A 1 74  ? 10.761  11.502  11.323  1.00 24.19 ? 74  TYR A O     1 
ATOM   579  C CB    . TYR A 1 74  ? 8.698   11.026  13.875  1.00 24.26 ? 74  TYR A CB    1 
ATOM   580  C CG    . TYR A 1 74  ? 9.975   10.466  14.455  1.00 25.47 ? 74  TYR A CG    1 
ATOM   581  C CD1   . TYR A 1 74  ? 10.811  11.239  15.287  1.00 26.05 ? 74  TYR A CD1   1 
ATOM   582  C CD2   . TYR A 1 74  ? 10.312  9.142   14.233  1.00 26.75 ? 74  TYR A CD2   1 
ATOM   583  C CE1   . TYR A 1 74  ? 11.975  10.684  15.840  1.00 26.46 ? 74  TYR A CE1   1 
ATOM   584  C CE2   . TYR A 1 74  ? 11.442  8.588   14.775  1.00 28.64 ? 74  TYR A CE2   1 
ATOM   585  C CZ    . TYR A 1 74  ? 12.274  9.342   15.564  1.00 29.92 ? 74  TYR A CZ    1 
ATOM   586  O OH    . TYR A 1 74  ? 13.388  8.661   16.010  1.00 35.53 ? 74  TYR A OH    1 
ATOM   587  N N     . VAL A 1 75  ? 8.895   10.281  10.987  1.00 23.46 ? 75  VAL A N     1 
ATOM   588  C CA    . VAL A 1 75  ? 9.436   9.485   9.899   1.00 22.74 ? 75  VAL A CA    1 
ATOM   589  C C     . VAL A 1 75  ? 9.343   10.244  8.594   1.00 22.75 ? 75  VAL A C     1 
ATOM   590  O O     . VAL A 1 75  ? 9.927   9.820   7.605   1.00 22.52 ? 75  VAL A O     1 
ATOM   591  C CB    . VAL A 1 75  ? 8.661   8.165   9.747   1.00 22.43 ? 75  VAL A CB    1 
ATOM   592  C CG1   . VAL A 1 75  ? 9.125   7.393   8.521   1.00 21.80 ? 75  VAL A CG1   1 
ATOM   593  C CG2   . VAL A 1 75  ? 8.807   7.327   11.011  1.00 22.32 ? 75  VAL A CG2   1 
ATOM   594  N N     . GLN A 1 76  ? 8.625   11.367  8.581   1.00 22.48 ? 76  GLN A N     1 
ATOM   595  C CA    . GLN A 1 76  ? 8.430   12.123  7.336   1.00 22.00 ? 76  GLN A CA    1 
ATOM   596  C C     . GLN A 1 76  ? 7.688   11.304  6.295   1.00 20.96 ? 76  GLN A C     1 
ATOM   597  O O     . GLN A 1 76  ? 8.199   11.043  5.218   1.00 20.88 ? 76  GLN A O     1 
ATOM   598  C CB    . GLN A 1 76  ? 9.765   12.646  6.778   1.00 21.94 ? 76  GLN A CB    1 
ATOM   599  C CG    . GLN A 1 76  ? 10.334  13.759  7.623   1.00 22.89 ? 76  GLN A CG    1 
ATOM   600  C CD    . GLN A 1 76  ? 11.646  14.348  7.111   1.00 23.98 ? 76  GLN A CD    1 
ATOM   601  O OE1   . GLN A 1 76  ? 12.093  14.084  5.986   1.00 22.99 ? 76  GLN A OE1   1 
ATOM   602  N NE2   . GLN A 1 76  ? 12.264  15.155  7.956   1.00 24.57 ? 76  GLN A NE2   1 
ATOM   603  N N     . LEU A 1 77  ? 6.463   10.927  6.623   1.00 20.05 ? 77  LEU A N     1 
ATOM   604  C CA    . LEU A 1 77  ? 5.647   10.147  5.695   1.00 19.55 ? 77  LEU A CA    1 
ATOM   605  C C     . LEU A 1 77  ? 4.976   11.052  4.697   1.00 18.39 ? 77  LEU A C     1 
ATOM   606  O O     . LEU A 1 77  ? 4.826   12.226  4.949   1.00 17.90 ? 77  LEU A O     1 
ATOM   607  C CB    . LEU A 1 77  ? 4.589   9.376   6.459   1.00 19.41 ? 77  LEU A CB    1 
ATOM   608  C CG    . LEU A 1 77  ? 5.119   8.248   7.331   1.00 19.85 ? 77  LEU A CG    1 
ATOM   609  C CD1   . LEU A 1 77  ? 3.965   7.532   7.880   1.00 21.60 ? 77  LEU A CD1   1 
ATOM   610  C CD2   . LEU A 1 77  ? 5.948   7.283   6.563   1.00 20.14 ? 77  LEU A CD2   1 
ATOM   611  N N     . ASN A 1 78  ? 4.569   10.492  3.570   1.00 17.79 ? 78  ASN A N     1 
ATOM   612  C CA    . ASN A 1 78  ? 3.867   11.263  2.544   1.00 17.37 ? 78  ASN A CA    1 
ATOM   613  C C     . ASN A 1 78  ? 2.399   10.881  2.520   1.00 17.15 ? 78  ASN A C     1 
ATOM   614  O O     . ASN A 1 78  ? 1.572   11.616  2.020   1.00 17.18 ? 78  ASN A O     1 
ATOM   615  C CB    . ASN A 1 78  ? 4.498   11.044  1.185   1.00 17.13 ? 78  ASN A CB    1 
ATOM   616  C CG    . ASN A 1 78  ? 5.969   11.357  1.191   1.00 16.47 ? 78  ASN A CG    1 
ATOM   617  O OD1   . ASN A 1 78  ? 6.373   12.433  1.593   1.00 17.73 ? 78  ASN A OD1   1 
ATOM   618  N ND2   . ASN A 1 78  ? 6.778   10.413  0.781   1.00 13.92 ? 78  ASN A ND2   1 
ATOM   619  N N     . ALA A 1 79  ? 2.079   9.741   3.115   1.00 17.30 ? 79  ALA A N     1 
ATOM   620  C CA    . ALA A 1 79  ? 0.716   9.244   3.161   1.00 17.33 ? 79  ALA A CA    1 
ATOM   621  C C     . ALA A 1 79  ? 0.562   8.292   4.313   1.00 17.32 ? 79  ALA A C     1 
ATOM   622  O O     . ALA A 1 79  ? 1.540   7.785   4.842   1.00 17.00 ? 79  ALA A O     1 
ATOM   623  C CB    . ALA A 1 79  ? 0.349   8.552   1.857   1.00 17.06 ? 79  ALA A CB    1 
ATOM   624  N N     . VAL A 1 80  ? -0.688  8.041   4.678   1.00 17.76 ? 80  VAL A N     1 
ATOM   625  C CA    . VAL A 1 80  ? -1.007  7.142   5.772   1.00 17.94 ? 80  VAL A CA    1 
ATOM   626  C C     . VAL A 1 80  ? -2.033  6.126   5.276   1.00 17.51 ? 80  VAL A C     1 
ATOM   627  O O     . VAL A 1 80  ? -3.023  6.500   4.697   1.00 17.26 ? 80  VAL A O     1 
ATOM   628  C CB    . VAL A 1 80  ? -1.503  7.968   6.965   1.00 18.23 ? 80  VAL A CB    1 
ATOM   629  C CG1   . VAL A 1 80  ? -2.761  7.399   7.608   1.00 19.43 ? 80  VAL A CG1   1 
ATOM   630  C CG2   . VAL A 1 80  ? -0.419  8.074   7.963   1.00 18.63 ? 80  VAL A CG2   1 
ATOM   631  N N     . GLN A 1 81  ? -1.775  4.845   5.472   1.00 17.14 ? 81  GLN A N     1 
ATOM   632  C CA    . GLN A 1 81  ? -2.707  3.807   5.041   1.00 17.34 ? 81  GLN A CA    1 
ATOM   633  C C     . GLN A 1 81  ? -3.434  3.260   6.263   1.00 17.38 ? 81  GLN A C     1 
ATOM   634  O O     . GLN A 1 81  ? -2.849  2.607   7.119   1.00 15.69 ? 81  GLN A O     1 
ATOM   635  C CB    . GLN A 1 81  ? -1.952  2.675   4.313   1.00 17.72 ? 81  GLN A CB    1 
ATOM   636  C CG    . GLN A 1 81  ? -2.805  1.529   3.800   1.00 18.28 ? 81  GLN A CG    1 
ATOM   637  C CD    . GLN A 1 81  ? -2.043  0.633   2.819   1.00 20.66 ? 81  GLN A CD    1 
ATOM   638  O OE1   . GLN A 1 81  ? -1.591  1.099   1.777   1.00 23.44 ? 81  GLN A OE1   1 
ATOM   639  N NE2   . GLN A 1 81  ? -1.883  -0.644  3.161   1.00 22.02 ? 81  GLN A NE2   1 
ATOM   640  N N     . LEU A 1 82  ? -4.724  3.551   6.338   1.00 18.31 ? 82  LEU A N     1 
ATOM   641  C CA    . LEU A 1 82  ? -5.548  3.118   7.462   1.00 18.55 ? 82  LEU A CA    1 
ATOM   642  C C     . LEU A 1 82  ? -6.190  1.781   7.212   1.00 19.08 ? 82  LEU A C     1 
ATOM   643  O O     . LEU A 1 82  ? -7.237  1.666   6.574   1.00 19.99 ? 82  LEU A O     1 
ATOM   644  C CB    . LEU A 1 82  ? -6.584  4.161   7.761   1.00 18.07 ? 82  LEU A CB    1 
ATOM   645  C CG    . LEU A 1 82  ? -5.854  5.379   8.286   1.00 18.46 ? 82  LEU A CG    1 
ATOM   646  C CD1   . LEU A 1 82  ? -6.801  6.510   8.642   1.00 19.47 ? 82  LEU A CD1   1 
ATOM   647  C CD2   . LEU A 1 82  ? -5.053  4.995   9.484   1.00 19.35 ? 82  LEU A CD2   1 
ATOM   648  N N     . HIS A 1 83  ? -5.513  0.763   7.732   1.00 20.19 ? 83  HIS A N     1 
ATOM   649  C CA    . HIS A 1 83  ? -5.815  -0.675  7.451   1.00 21.27 ? 83  HIS A CA    1 
ATOM   650  C C     . HIS A 1 83  ? -6.664  -1.446  8.467   1.00 22.73 ? 83  HIS A C     1 
ATOM   651  O O     . HIS A 1 83  ? -6.707  -2.685  8.434   1.00 21.94 ? 83  HIS A O     1 
ATOM   652  C CB    . HIS A 1 83  ? -4.496  -1.477  7.287   1.00 21.41 ? 83  HIS A CB    1 
ATOM   653  C CG    . HIS A 1 83  ? -4.421  -2.301  6.033   1.00 20.38 ? 83  HIS A CG    1 
ATOM   654  N ND1   . HIS A 1 83  ? -4.970  -3.563  5.918   1.00 20.58 ? 83  HIS A ND1   1 
ATOM   655  C CD2   . HIS A 1 83  ? -3.833  -2.044  4.841   1.00 21.15 ? 83  HIS A CD2   1 
ATOM   656  C CE1   . HIS A 1 83  ? -4.747  -4.037  4.702   1.00 18.99 ? 83  HIS A CE1   1 
ATOM   657  N NE2   . HIS A 1 83  ? -4.040  -3.142  4.034   1.00 21.28 ? 83  HIS A NE2   1 
ATOM   658  N N     . GLY A 1 84  ? -7.338  -0.731  9.363   1.00 24.65 ? 84  GLY A N     1 
ATOM   659  C CA    . GLY A 1 84  ? -8.198  -1.372  10.353  1.00 25.81 ? 84  GLY A CA    1 
ATOM   660  C C     . GLY A 1 84  ? -9.686  -1.180  10.060  1.00 26.99 ? 84  GLY A C     1 
ATOM   661  O O     . GLY A 1 84  ? -10.122 -1.301  8.920   1.00 27.33 ? 84  GLY A O     1 
ATOM   662  N N     . GLU A 1 85  ? -10.469 -0.887  11.090  1.00 28.12 ? 85  GLU A N     1 
ATOM   663  C CA    . GLU A 1 85  ? -11.891 -0.632  10.915  1.00 29.36 ? 85  GLU A CA    1 
ATOM   664  C C     . GLU A 1 85  ? -12.164 0.820   11.305  1.00 28.92 ? 85  GLU A C     1 
ATOM   665  O O     . GLU A 1 85  ? -13.068 1.102   12.052  1.00 28.64 ? 85  GLU A O     1 
ATOM   666  C CB    . GLU A 1 85  ? -12.721 -1.583  11.786  1.00 30.16 ? 85  GLU A CB    1 
ATOM   667  C CG    . GLU A 1 85  ? -12.530 -3.079  11.521  1.00 33.82 ? 85  GLU A CG    1 
ATOM   668  C CD    . GLU A 1 85  ? -11.739 -3.782  12.619  1.00 39.94 ? 85  GLU A CD    1 
ATOM   669  O OE1   . GLU A 1 85  ? -12.380 -4.162  13.642  1.00 43.97 ? 85  GLU A OE1   1 
ATOM   670  O OE2   . GLU A 1 85  ? -10.490 -3.968  12.466  1.00 42.08 ? 85  GLU A OE2   1 
ATOM   671  N N     . GLU A 1 86  ? -11.366 1.739   10.780  1.00 29.03 ? 86  GLU A N     1 
ATOM   672  C CA    . GLU A 1 86  ? -11.460 3.160   11.117  1.00 28.49 ? 86  GLU A CA    1 
ATOM   673  C C     . GLU A 1 86  ? -12.698 3.837   10.514  1.00 28.62 ? 86  GLU A C     1 
ATOM   674  O O     . GLU A 1 86  ? -12.980 3.665   9.328   1.00 28.12 ? 86  GLU A O     1 
ATOM   675  C CB    . GLU A 1 86  ? -10.207 3.897   10.615  1.00 28.10 ? 86  GLU A CB    1 
ATOM   676  C CG    . GLU A 1 86  ? -8.886  3.474   11.233  1.00 26.31 ? 86  GLU A CG    1 
ATOM   677  C CD    . GLU A 1 86  ? -8.303  2.196   10.643  1.00 25.04 ? 86  GLU A CD    1 
ATOM   678  O OE1   . GLU A 1 86  ? -7.405  1.615   11.283  1.00 24.49 ? 86  GLU A OE1   1 
ATOM   679  O OE2   . GLU A 1 86  ? -8.724  1.756   9.554   1.00 23.92 ? 86  GLU A OE2   1 
ATOM   680  N N     . PRO A 1 87  ? -13.469 4.547   11.333  1.00 29.09 ? 87  PRO A N     1 
ATOM   681  C CA    . PRO A 1 87  ? -14.627 5.291   10.832  1.00 29.82 ? 87  PRO A CA    1 
ATOM   682  C C     . PRO A 1 87  ? -14.252 6.546   10.071  1.00 30.21 ? 87  PRO A C     1 
ATOM   683  O O     . PRO A 1 87  ? -13.210 7.104   10.357  1.00 30.39 ? 87  PRO A O     1 
ATOM   684  C CB    . PRO A 1 87  ? -15.399 5.625   12.114  1.00 29.61 ? 87  PRO A CB    1 
ATOM   685  C CG    . PRO A 1 87  ? -14.384 5.681   13.137  1.00 29.62 ? 87  PRO A CG    1 
ATOM   686  C CD    . PRO A 1 87  ? -13.420 4.582   12.802  1.00 29.19 ? 87  PRO A CD    1 
ATOM   687  N N     . ILE A 1 88  ? -15.087 6.966   9.126   1.00 31.04 ? 88  ILE A N     1 
ATOM   688  C CA    . ILE A 1 88  ? -14.778 8.139   8.307   1.00 32.65 ? 88  ILE A CA    1 
ATOM   689  C C     . ILE A 1 88  ? -14.368 9.379   9.080   1.00 32.75 ? 88  ILE A C     1 
ATOM   690  O O     . ILE A 1 88  ? -13.646 10.202  8.517   1.00 33.36 ? 88  ILE A O     1 
ATOM   691  C CB    . ILE A 1 88  ? -15.905 8.516   7.278   1.00 33.11 ? 88  ILE A CB    1 
ATOM   692  C CG1   . ILE A 1 88  ? -17.275 8.126   7.786   1.00 35.79 ? 88  ILE A CG1   1 
ATOM   693  C CG2   . ILE A 1 88  ? -15.656 7.869   5.919   1.00 33.49 ? 88  ILE A CG2   1 
ATOM   694  C CD1   . ILE A 1 88  ? -17.789 9.074   8.842   1.00 39.87 ? 88  ILE A CD1   1 
ATOM   695  N N     . GLU A 1 89  ? -14.796 9.513   10.334  1.00 32.55 ? 89  GLU A N     1 
ATOM   696  C CA    . GLU A 1 89  ? -14.440 10.674  11.135  1.00 32.80 ? 89  GLU A CA    1 
ATOM   697  C C     . GLU A 1 89  ? -12.957 10.672  11.379  1.00 32.39 ? 89  GLU A C     1 
ATOM   698  O O     . GLU A 1 89  ? -12.268 11.657  11.116  1.00 32.94 ? 89  GLU A O     1 
ATOM   699  C CB    . GLU A 1 89  ? -15.159 10.674  12.489  1.00 33.30 ? 89  GLU A CB    1 
ATOM   700  C CG    . GLU A 1 89  ? -16.669 10.866  12.417  1.00 35.24 ? 89  GLU A CG    1 
ATOM   701  C CD    . GLU A 1 89  ? -17.442 9.547   12.312  1.00 38.86 ? 89  GLU A CD    1 
ATOM   702  O OE1   . GLU A 1 89  ? -18.695 9.584   12.363  1.00 41.86 ? 89  GLU A OE1   1 
ATOM   703  O OE2   . GLU A 1 89  ? -16.814 8.463   12.186  1.00 39.50 ? 89  GLU A OE2   1 
ATOM   704  N N     . LEU A 1 90  ? -12.469 9.552   11.891  1.00 32.01 ? 90  LEU A N     1 
ATOM   705  C CA    . LEU A 1 90  ? -11.055 9.421   12.150  1.00 31.95 ? 90  LEU A CA    1 
ATOM   706  C C     . LEU A 1 90  ? -10.326 9.695   10.845  1.00 31.90 ? 90  LEU A C     1 
ATOM   707  O O     . LEU A 1 90  ? -9.380  10.471  10.808  1.00 32.11 ? 90  LEU A O     1 
ATOM   708  C CB    . LEU A 1 90  ? -10.743 8.021   12.654  1.00 32.06 ? 90  LEU A CB    1 
ATOM   709  C CG    . LEU A 1 90  ? -9.265  7.746   12.925  1.00 33.03 ? 90  LEU A CG    1 
ATOM   710  C CD1   . LEU A 1 90  ? -8.700  8.822   13.785  1.00 34.79 ? 90  LEU A CD1   1 
ATOM   711  C CD2   . LEU A 1 90  ? -9.078  6.424   13.605  1.00 31.21 ? 90  LEU A CD2   1 
ATOM   712  N N     . CYS A 1 91  ? -10.800 9.063   9.774   1.00 31.38 ? 91  CYS A N     1 
ATOM   713  C CA    . CYS A 1 91  ? -10.237 9.260   8.456   1.00 30.89 ? 91  CYS A CA    1 
ATOM   714  C C     . CYS A 1 91  ? -10.217 10.711  8.090   1.00 31.20 ? 91  CYS A C     1 
ATOM   715  O O     . CYS A 1 91  ? -9.223  11.202  7.612   1.00 31.60 ? 91  CYS A O     1 
ATOM   716  C CB    . CYS A 1 91  ? -11.059 8.504   7.411   1.00 30.71 ? 91  CYS A CB    1 
ATOM   717  S SG    . CYS A 1 91  ? -10.854 6.703   7.452   1.00 28.95 ? 91  CYS A SG    1 
ATOM   718  N N     . ARG A 1 92  ? -11.338 11.379  8.292   1.00 31.48 ? 92  ARG A N     1 
ATOM   719  C CA    . ARG A 1 92  ? -11.474 12.782  7.939   1.00 31.79 ? 92  ARG A CA    1 
ATOM   720  C C     . ARG A 1 92  ? -10.594 13.672  8.793   1.00 31.37 ? 92  ARG A C     1 
ATOM   721  O O     . ARG A 1 92  ? -10.152 14.713  8.332   1.00 31.30 ? 92  ARG A O     1 
ATOM   722  C CB    . ARG A 1 92  ? -12.939 13.244  8.040   1.00 32.03 ? 92  ARG A CB    1 
ATOM   723  C CG    . ARG A 1 92  ? -13.547 13.620  6.692   1.00 35.22 ? 92  ARG A CG    1 
ATOM   724  C CD    . ARG A 1 92  ? -14.514 12.610  6.118   1.00 38.22 ? 92  ARG A CD    1 
ATOM   725  N NE    . ARG A 1 92  ? -15.818 12.716  6.763   1.00 41.02 ? 92  ARG A NE    1 
ATOM   726  C CZ    . ARG A 1 92  ? -16.989 12.747  6.125   1.00 42.10 ? 92  ARG A CZ    1 
ATOM   727  N NH1   . ARG A 1 92  ? -17.068 12.680  4.802   1.00 41.36 ? 92  ARG A NH1   1 
ATOM   728  N NH2   . ARG A 1 92  ? -18.090 12.834  6.835   1.00 43.25 ? 92  ARG A NH2   1 
ATOM   729  N N     . LYS A 1 93  ? -10.339 13.282  10.034  1.00 31.09 ? 93  LYS A N     1 
ATOM   730  C CA    . LYS A 1 93  ? -9.486  14.097  10.891  1.00 31.39 ? 93  LYS A CA    1 
ATOM   731  C C     . LYS A 1 93  ? -8.032  13.939  10.445  1.00 30.64 ? 93  LYS A C     1 
ATOM   732  O O     . LYS A 1 93  ? -7.311  14.924  10.251  1.00 31.16 ? 93  LYS A O     1 
ATOM   733  C CB    . LYS A 1 93  ? -9.644  13.728  12.366  1.00 31.59 ? 93  LYS A CB    1 
ATOM   734  C CG    . LYS A 1 93  ? -9.186  14.833  13.336  1.00 34.34 ? 93  LYS A CG    1 
ATOM   735  C CD    . LYS A 1 93  ? -7.964  14.435  14.224  1.00 37.08 ? 93  LYS A CD    1 
ATOM   736  C CE    . LYS A 1 93  ? -7.311  15.663  14.935  1.00 38.41 ? 93  LYS A CE    1 
ATOM   737  N NZ    . LYS A 1 93  ? -6.465  16.551  14.042  1.00 39.55 ? 93  LYS A NZ    1 
ATOM   738  N N     . ILE A 1 94  ? -7.614  12.702  10.251  1.00 29.30 ? 94  ILE A N     1 
ATOM   739  C CA    . ILE A 1 94  ? -6.274  12.454  9.793   1.00 28.58 ? 94  ILE A CA    1 
ATOM   740  C C     . ILE A 1 94  ? -6.025  13.229  8.505   1.00 28.17 ? 94  ILE A C     1 
ATOM   741  O O     . ILE A 1 94  ? -4.985  13.880  8.358   1.00 26.87 ? 94  ILE A O     1 
ATOM   742  C CB    . ILE A 1 94  ? -6.055  10.955  9.561   1.00 28.68 ? 94  ILE A CB    1 
ATOM   743  C CG1   . ILE A 1 94  ? -6.356  10.137  10.811  1.00 29.14 ? 94  ILE A CG1   1 
ATOM   744  C CG2   . ILE A 1 94  ? -4.626  10.680  9.167   1.00 29.27 ? 94  ILE A CG2   1 
ATOM   745  C CD1   . ILE A 1 94  ? -5.435  10.441  11.995  1.00 29.63 ? 94  ILE A CD1   1 
ATOM   746  N N     . ALA A 1 95  ? -6.990  13.175  7.588   1.00 28.33 ? 95  ALA A N     1 
ATOM   747  C CA    . ALA A 1 95  ? -6.854  13.783  6.264   1.00 28.88 ? 95  ALA A CA    1 
ATOM   748  C C     . ALA A 1 95  ? -6.713  15.285  6.231   1.00 30.26 ? 95  ALA A C     1 
ATOM   749  O O     . ALA A 1 95  ? -6.356  15.838  5.206   1.00 29.74 ? 95  ALA A O     1 
ATOM   750  C CB    . ALA A 1 95  ? -7.982  13.373  5.375   1.00 28.53 ? 95  ALA A CB    1 
ATOM   751  N N     . GLU A 1 96  ? -6.984  15.961  7.340   1.00 32.41 ? 96  GLU A N     1 
ATOM   752  C CA    . GLU A 1 96  ? -6.822  17.407  7.357   1.00 33.82 ? 96  GLU A CA    1 
ATOM   753  C C     . GLU A 1 96  ? -5.355  17.766  7.330   1.00 33.89 ? 96  GLU A C     1 
ATOM   754  O O     . GLU A 1 96  ? -5.020  18.802  6.824   1.00 33.59 ? 96  GLU A O     1 
ATOM   755  C CB    . GLU A 1 96  ? -7.410  18.033  8.616   1.00 34.87 ? 96  GLU A CB    1 
ATOM   756  C CG    . GLU A 1 96  ? -8.892  17.859  8.846   1.00 37.83 ? 96  GLU A CG    1 
ATOM   757  C CD    . GLU A 1 96  ? -9.313  18.406  10.205  1.00 42.73 ? 96  GLU A CD    1 
ATOM   758  O OE1   . GLU A 1 96  ? -8.682  18.031  11.234  1.00 47.19 ? 96  GLU A OE1   1 
ATOM   759  O OE2   . GLU A 1 96  ? -10.273 19.211  10.260  1.00 45.25 ? 96  GLU A OE2   1 
ATOM   760  N N     . ARG A 1 97  ? -4.495  16.913  7.885   1.00 34.71 ? 97  ARG A N     1 
ATOM   761  C CA    . ARG A 1 97  ? -3.046  17.166  7.929   1.00 35.85 ? 97  ARG A CA    1 
ATOM   762  C C     . ARG A 1 97  ? -2.228  16.401  6.872   1.00 33.85 ? 97  ARG A C     1 
ATOM   763  O O     . ARG A 1 97  ? -1.208  16.863  6.409   1.00 33.88 ? 97  ARG A O     1 
ATOM   764  C CB    . ARG A 1 97  ? -2.475  16.842  9.322   1.00 37.19 ? 97  ARG A CB    1 
ATOM   765  C CG    . ARG A 1 97  ? -3.179  17.538  10.493  1.00 44.18 ? 97  ARG A CG    1 
ATOM   766  C CD    . ARG A 1 97  ? -2.608  18.913  10.856  1.00 53.71 ? 97  ARG A CD    1 
ATOM   767  N NE    . ARG A 1 97  ? -2.686  19.831  9.722   1.00 61.93 ? 97  ARG A NE    1 
ATOM   768  C CZ    . ARG A 1 97  ? -2.159  21.051  9.687   1.00 69.13 ? 97  ARG A CZ    1 
ATOM   769  N NH1   . ARG A 1 97  ? -2.292  21.793  8.585   1.00 71.41 ? 97  ARG A NH1   1 
ATOM   770  N NH2   . ARG A 1 97  ? -1.511  21.538  10.740  1.00 71.67 ? 97  ARG A NH2   1 
ATOM   771  N N     . ILE A 1 98  ? -2.658  15.217  6.501   1.00 32.20 ? 98  ILE A N     1 
ATOM   772  C CA    . ILE A 1 98  ? -1.884  14.427  5.559   1.00 30.76 ? 98  ILE A CA    1 
ATOM   773  C C     . ILE A 1 98  ? -2.809  13.537  4.739   1.00 29.00 ? 98  ILE A C     1 
ATOM   774  O O     . ILE A 1 98  ? -3.959  13.341  5.087   1.00 29.37 ? 98  ILE A O     1 
ATOM   775  C CB    . ILE A 1 98  ? -0.891  13.583  6.339   1.00 30.64 ? 98  ILE A CB    1 
ATOM   776  C CG1   . ILE A 1 98  ? 0.025   12.842  5.391   1.00 31.77 ? 98  ILE A CG1   1 
ATOM   777  C CG2   . ILE A 1 98  ? -1.637  12.618  7.242   1.00 30.53 ? 98  ILE A CG2   1 
ATOM   778  C CD1   . ILE A 1 98  ? 1.012   11.936  6.086   1.00 33.47 ? 98  ILE A CD1   1 
ATOM   779  N N     . LEU A 1 99  ? -2.314  13.014  3.639   1.00 26.61 ? 99  LEU A N     1 
ATOM   780  C CA    . LEU A 1 99  ? -3.124  12.191  2.764   1.00 24.81 ? 99  LEU A CA    1 
ATOM   781  C C     . LEU A 1 99  ? -3.349  10.800  3.332   1.00 23.16 ? 99  LEU A C     1 
ATOM   782  O O     . LEU A 1 99  ? -2.427  10.163  3.804   1.00 22.42 ? 99  LEU A O     1 
ATOM   783  C CB    . LEU A 1 99  ? -2.437  12.120  1.387   1.00 24.74 ? 99  LEU A CB    1 
ATOM   784  C CG    . LEU A 1 99  ? -3.180  11.536  0.189   1.00 23.81 ? 99  LEU A CG    1 
ATOM   785  C CD1   . LEU A 1 99  ? -2.648  12.136  -1.068  1.00 23.83 ? 99  LEU A CD1   1 
ATOM   786  C CD2   . LEU A 1 99  ? -3.004  10.058  0.145   1.00 25.16 ? 99  LEU A CD2   1 
ATOM   787  N N     . VAL A 1 100 ? -4.583  10.318  3.281   1.00 22.10 ? 100 VAL A N     1 
ATOM   788  C CA    . VAL A 1 100 ? -4.858  8.971   3.770   1.00 21.67 ? 100 VAL A CA    1 
ATOM   789  C C     . VAL A 1 100 ? -5.382  8.069   2.667   1.00 20.12 ? 100 VAL A C     1 
ATOM   790  O O     . VAL A 1 100 ? -6.043  8.526   1.776   1.00 19.68 ? 100 VAL A O     1 
ATOM   791  C CB    . VAL A 1 100 ? -5.853  8.929   4.989   1.00 21.97 ? 100 VAL A CB    1 
ATOM   792  C CG1   . VAL A 1 100 ? -5.751  10.200  5.865   1.00 21.87 ? 100 VAL A CG1   1 
ATOM   793  C CG2   . VAL A 1 100 ? -7.251  8.728   4.525   1.00 22.45 ? 100 VAL A CG2   1 
ATOM   794  N N     . ILE A 1 101 ? -5.049  6.790   2.762   1.00 19.31 ? 101 ILE A N     1 
ATOM   795  C CA    . ILE A 1 101 ? -5.524  5.742   1.881   1.00 19.06 ? 101 ILE A CA    1 
ATOM   796  C C     . ILE A 1 101 ? -6.252  4.763   2.788   1.00 18.36 ? 101 ILE A C     1 
ATOM   797  O O     . ILE A 1 101 ? -5.686  4.301   3.755   1.00 18.73 ? 101 ILE A O     1 
ATOM   798  C CB    . ILE A 1 101 ? -4.343  5.028   1.225   1.00 19.23 ? 101 ILE A CB    1 
ATOM   799  C CG1   . ILE A 1 101 ? -3.594  5.997   0.329   1.00 20.40 ? 101 ILE A CG1   1 
ATOM   800  C CG2   . ILE A 1 101 ? -4.815  3.812   0.455   1.00 18.10 ? 101 ILE A CG2   1 
ATOM   801  C CD1   . ILE A 1 101 ? -2.367  5.384   -0.301  1.00 22.19 ? 101 ILE A CD1   1 
ATOM   802  N N     . LYS A 1 102 ? -7.501  4.449   2.489   1.00 17.74 ? 102 LYS A N     1 
ATOM   803  C CA    . LYS A 1 102 ? -8.266  3.538   3.322   1.00 17.38 ? 102 LYS A CA    1 
ATOM   804  C C     . LYS A 1 102 ? -8.216  2.159   2.770   1.00 16.88 ? 102 LYS A C     1 
ATOM   805  O O     . LYS A 1 102 ? -8.568  1.959   1.619   1.00 16.95 ? 102 LYS A O     1 
ATOM   806  C CB    . LYS A 1 102 ? -9.734  3.948   3.382   1.00 17.44 ? 102 LYS A CB    1 
ATOM   807  C CG    . LYS A 1 102 ? -10.550 3.048   4.284   1.00 17.39 ? 102 LYS A CG    1 
ATOM   808  C CD    . LYS A 1 102 ? -10.324 3.415   5.737   1.00 17.80 ? 102 LYS A CD    1 
ATOM   809  C CE    . LYS A 1 102 ? -10.947 2.417   6.700   1.00 18.04 ? 102 LYS A CE    1 
ATOM   810  N NZ    . LYS A 1 102 ? -10.056 1.230   6.878   1.00 17.44 ? 102 LYS A NZ    1 
ATOM   811  N N     . ALA A 1 103 ? -7.826  1.209   3.608   1.00 16.97 ? 103 ALA A N     1 
ATOM   812  C CA    . ALA A 1 103 ? -7.765  -0.184  3.195   1.00 17.05 ? 103 ALA A CA    1 
ATOM   813  C C     . ALA A 1 103 ? -9.109  -0.809  3.550   1.00 17.16 ? 103 ALA A C     1 
ATOM   814  O O     . ALA A 1 103 ? -9.724  -0.454  4.571   1.00 16.70 ? 103 ALA A O     1 
ATOM   815  C CB    . ALA A 1 103 ? -6.617  -0.919  3.899   1.00 16.65 ? 103 ALA A CB    1 
ATOM   816  N N     . VAL A 1 104 ? -9.573  -1.710  2.693   1.00 17.23 ? 104 VAL A N     1 
ATOM   817  C CA    . VAL A 1 104 ? -10.805 -2.400  2.945   1.00 18.00 ? 104 VAL A CA    1 
ATOM   818  C C     . VAL A 1 104 ? -10.674 -3.813  2.428   1.00 18.38 ? 104 VAL A C     1 
ATOM   819  O O     . VAL A 1 104 ? -10.328 -4.004  1.268   1.00 18.43 ? 104 VAL A O     1 
ATOM   820  C CB    . VAL A 1 104 ? -11.965 -1.705  2.250   1.00 18.23 ? 104 VAL A CB    1 
ATOM   821  C CG1   . VAL A 1 104 ? -13.161 -2.600  2.222   1.00 19.19 ? 104 VAL A CG1   1 
ATOM   822  C CG2   . VAL A 1 104 ? -12.308 -0.383  2.939   1.00 18.15 ? 104 VAL A CG2   1 
ATOM   823  N N     . GLY A 1 105 ? -10.931 -4.801  3.285   1.00 18.77 ? 105 GLY A N     1 
ATOM   824  C CA    . GLY A 1 105 ? -10.893 -6.202  2.881   1.00 18.84 ? 105 GLY A CA    1 
ATOM   825  C C     . GLY A 1 105 ? -12.121 -6.578  2.063   1.00 19.64 ? 105 GLY A C     1 
ATOM   826  O O     . GLY A 1 105 ? -13.230 -6.181  2.396   1.00 19.28 ? 105 GLY A O     1 
ATOM   827  N N     . VAL A 1 106 ? -11.923 -7.336  0.987   1.00 20.58 ? 106 VAL A N     1 
ATOM   828  C CA    . VAL A 1 106 ? -12.993 -7.637  0.059   1.00 21.39 ? 106 VAL A CA    1 
ATOM   829  C C     . VAL A 1 106 ? -13.030 -9.066  -0.347  1.00 22.48 ? 106 VAL A C     1 
ATOM   830  O O     . VAL A 1 106 ? -12.017 -9.611  -0.739  1.00 22.41 ? 106 VAL A O     1 
ATOM   831  C CB    . VAL A 1 106 ? -12.824 -6.800  -1.253  1.00 21.44 ? 106 VAL A CB    1 
ATOM   832  C CG1   . VAL A 1 106 ? -13.551 -7.417  -2.422  1.00 20.41 ? 106 VAL A CG1   1 
ATOM   833  C CG2   . VAL A 1 106 ? -13.323 -5.403  -1.035  1.00 22.22 ? 106 VAL A CG2   1 
ATOM   834  N N     . SER A 1 107 ? -14.223 -9.660  -0.313  1.00 23.87 ? 107 SER A N     1 
ATOM   835  C CA    . SER A 1 107 ? -14.389 -11.011 -0.820  1.00 24.74 ? 107 SER A CA    1 
ATOM   836  C C     . SER A 1 107 ? -15.708 -11.273 -1.567  1.00 24.71 ? 107 SER A C     1 
ATOM   837  O O     . SER A 1 107 ? -15.833 -12.285 -2.246  1.00 25.55 ? 107 SER A O     1 
ATOM   838  C CB    . SER A 1 107 ? -14.139 -12.049 0.284   1.00 25.01 ? 107 SER A CB    1 
ATOM   839  O OG    . SER A 1 107 ? -14.956 -11.842 1.407   1.00 27.37 ? 107 SER A OG    1 
ATOM   840  N N     . ASN A 1 108 ? -16.664 -10.375 -1.470  1.00 25.01 ? 108 ASN A N     1 
ATOM   841  C CA    . ASN A 1 108 ? -17.922 -10.520 -2.193  1.00 25.56 ? 108 ASN A CA    1 
ATOM   842  C C     . ASN A 1 108 ? -18.513 -9.154  -2.351  1.00 25.53 ? 108 ASN A C     1 
ATOM   843  O O     . ASN A 1 108 ? -18.067 -8.191  -1.721  1.00 25.27 ? 108 ASN A O     1 
ATOM   844  C CB    . ASN A 1 108 ? -18.886 -11.434 -1.448  1.00 26.04 ? 108 ASN A CB    1 
ATOM   845  C CG    . ASN A 1 108 ? -19.088 -11.014 -0.018  1.00 26.40 ? 108 ASN A CG    1 
ATOM   846  O OD1   . ASN A 1 108 ? -18.985 -11.837 0.856   1.00 31.70 ? 108 ASN A OD1   1 
ATOM   847  N ND2   . ASN A 1 108 ? -19.341 -9.736  0.229   1.00 24.04 ? 108 ASN A ND2   1 
ATOM   848  N N     . GLU A 1 109 ? -19.543 -9.035  -3.159  1.00 26.00 ? 109 GLU A N     1 
ATOM   849  C CA    . GLU A 1 109 ? -20.067 -7.695  -3.387  1.00 26.48 ? 109 GLU A CA    1 
ATOM   850  C C     . GLU A 1 109 ? -20.603 -6.992  -2.141  1.00 26.57 ? 109 GLU A C     1 
ATOM   851  O O     . GLU A 1 109 ? -20.740 -5.789  -2.169  1.00 26.04 ? 109 GLU A O     1 
ATOM   852  C CB    . GLU A 1 109 ? -21.052 -7.634  -4.553  1.00 26.34 ? 109 GLU A CB    1 
ATOM   853  C CG    . GLU A 1 109 ? -21.659 -8.959  -4.972  1.00 27.05 ? 109 GLU A CG    1 
ATOM   854  C CD    . GLU A 1 109 ? -20.776 -9.786  -5.885  1.00 25.67 ? 109 GLU A CD    1 
ATOM   855  O OE1   . GLU A 1 109 ? -20.390 -10.876 -5.458  1.00 29.69 ? 109 GLU A OE1   1 
ATOM   856  O OE2   . GLU A 1 109 ? -20.492 -9.389  -7.026  1.00 23.18 ? 109 GLU A OE2   1 
ATOM   857  N N     . ARG A 1 110 ? -20.855 -7.695  -1.038  1.00 27.50 ? 110 ARG A N     1 
ATOM   858  C CA    . ARG A 1 110 ? -21.324 -7.013  0.183   1.00 28.20 ? 110 ARG A CA    1 
ATOM   859  C C     . ARG A 1 110 ? -20.215 -6.112  0.681   1.00 27.27 ? 110 ARG A C     1 
ATOM   860  O O     . ARG A 1 110 ? -20.460 -5.000  1.116   1.00 26.37 ? 110 ARG A O     1 
ATOM   861  C CB    . ARG A 1 110 ? -21.692 -7.987  1.286   1.00 29.03 ? 110 ARG A CB    1 
ATOM   862  C CG    . ARG A 1 110 ? -23.174 -8.212  1.492   1.00 33.55 ? 110 ARG A CG    1 
ATOM   863  C CD    . ARG A 1 110 ? -23.458 -9.400  2.429   1.00 40.96 ? 110 ARG A CD    1 
ATOM   864  N NE    . ARG A 1 110 ? -22.981 -10.660 1.840   1.00 46.62 ? 110 ARG A NE    1 
ATOM   865  C CZ    . ARG A 1 110 ? -23.736 -11.502 1.134   1.00 51.17 ? 110 ARG A CZ    1 
ATOM   866  N NH1   . ARG A 1 110 ? -25.030 -11.245 0.943   1.00 50.85 ? 110 ARG A NH1   1 
ATOM   867  N NH2   . ARG A 1 110 ? -23.188 -12.616 0.631   1.00 53.88 ? 110 ARG A NH2   1 
ATOM   868  N N     . ASP A 1 111 ? -18.987 -6.619  0.600   1.00 26.94 ? 111 ASP A N     1 
ATOM   869  C CA    . ASP A 1 111 ? -17.791 -5.872  0.991   1.00 26.52 ? 111 ASP A CA    1 
ATOM   870  C C     . ASP A 1 111 ? -17.568 -4.621  0.114   1.00 26.32 ? 111 ASP A C     1 
ATOM   871  O O     . ASP A 1 111 ? -17.150 -3.570  0.607   1.00 25.54 ? 111 ASP A O     1 
ATOM   872  C CB    . ASP A 1 111 ? -16.559 -6.780  0.912   1.00 26.32 ? 111 ASP A CB    1 
ATOM   873  C CG    . ASP A 1 111 ? -16.521 -7.844  2.020   1.00 26.23 ? 111 ASP A CG    1 
ATOM   874  O OD1   . ASP A 1 111 ? -16.967 -7.505  3.143   1.00 25.65 ? 111 ASP A OD1   1 
ATOM   875  O OD2   . ASP A 1 111 ? -16.048 -9.020  1.870   1.00 24.29 ? 111 ASP A OD2   1 
ATOM   876  N N     . MET A 1 112 ? -17.849 -4.739  -1.186  1.00 26.51 ? 112 MET A N     1 
ATOM   877  C CA    . MET A 1 112 ? -17.711 -3.608  -2.092  1.00 26.47 ? 112 MET A CA    1 
ATOM   878  C C     . MET A 1 112 ? -18.725 -2.537  -1.689  1.00 27.22 ? 112 MET A C     1 
ATOM   879  O O     . MET A 1 112 ? -18.483 -1.345  -1.858  1.00 26.88 ? 112 MET A O     1 
ATOM   880  C CB    . MET A 1 112 ? -17.907 -4.039  -3.553  1.00 26.21 ? 112 MET A CB    1 
ATOM   881  C CG    . MET A 1 112 ? -16.790 -4.912  -4.131  1.00 24.50 ? 112 MET A CG    1 
ATOM   882  S SD    . MET A 1 112 ? -15.126 -4.167  -4.064  1.00 22.17 ? 112 MET A SD    1 
ATOM   883  C CE    . MET A 1 112 ? -15.562 -2.507  -4.536  1.00 24.00 ? 112 MET A CE    1 
ATOM   884  N N     . GLU A 1 113 ? -19.844 -2.958  -1.110  1.00 28.66 ? 113 GLU A N     1 
ATOM   885  C CA    . GLU A 1 113 ? -20.854 -1.988  -0.675  1.00 29.71 ? 113 GLU A CA    1 
ATOM   886  C C     . GLU A 1 113 ? -20.402 -1.259  0.577   1.00 30.32 ? 113 GLU A C     1 
ATOM   887  O O     . GLU A 1 113 ? -20.801 -0.135  0.818   1.00 30.00 ? 113 GLU A O     1 
ATOM   888  C CB    . GLU A 1 113 ? -22.193 -2.653  -0.416  1.00 30.05 ? 113 GLU A CB    1 
ATOM   889  C CG    . GLU A 1 113 ? -22.921 -3.060  -1.674  1.00 30.07 ? 113 GLU A CG    1 
ATOM   890  C CD    . GLU A 1 113 ? -24.320 -3.491  -1.369  1.00 29.42 ? 113 GLU A CD    1 
ATOM   891  O OE1   . GLU A 1 113 ? -25.228 -2.639  -1.385  1.00 27.80 ? 113 GLU A OE1   1 
ATOM   892  O OE2   . GLU A 1 113 ? -24.484 -4.687  -1.080  1.00 31.97 ? 113 GLU A OE2   1 
ATOM   893  N N     . ARG A 1 114 ? -19.567 -1.906  1.370   1.00 31.63 ? 114 ARG A N     1 
ATOM   894  C CA    . ARG A 1 114 ? -19.032 -1.277  2.560   1.00 33.14 ? 114 ARG A CA    1 
ATOM   895  C C     . ARG A 1 114 ? -17.974 -0.267  2.071   1.00 31.84 ? 114 ARG A C     1 
ATOM   896  O O     . ARG A 1 114 ? -17.945 0.870   2.529   1.00 30.99 ? 114 ARG A O     1 
ATOM   897  C CB    . ARG A 1 114 ? -18.458 -2.357  3.482   1.00 34.61 ? 114 ARG A CB    1 
ATOM   898  C CG    . ARG A 1 114 ? -17.967 -1.906  4.843   1.00 41.59 ? 114 ARG A CG    1 
ATOM   899  C CD    . ARG A 1 114 ? -17.213 -3.025  5.649   1.00 51.05 ? 114 ARG A CD    1 
ATOM   900  N NE    . ARG A 1 114 ? -16.478 -2.489  6.809   1.00 58.71 ? 114 ARG A NE    1 
ATOM   901  C CZ    . ARG A 1 114 ? -15.148 -2.385  6.900   1.00 66.22 ? 114 ARG A CZ    1 
ATOM   902  N NH1   . ARG A 1 114 ? -14.589 -1.871  7.996   1.00 68.80 ? 114 ARG A NH1   1 
ATOM   903  N NH2   . ARG A 1 114 ? -14.365 -2.787  5.901   1.00 69.66 ? 114 ARG A NH2   1 
ATOM   904  N N     . ALA A 1 115 ? -17.162 -0.670  1.094   1.00 30.62 ? 115 ALA A N     1 
ATOM   905  C CA    . ALA A 1 115 ? -16.121 0.196   0.566   1.00 30.49 ? 115 ALA A CA    1 
ATOM   906  C C     . ALA A 1 115 ? -16.622 1.523   0.009   1.00 30.19 ? 115 ALA A C     1 
ATOM   907  O O     . ALA A 1 115 ? -15.958 2.552   0.138   1.00 29.89 ? 115 ALA A O     1 
ATOM   908  C CB    . ALA A 1 115 ? -15.309 -0.529  -0.481  1.00 30.69 ? 115 ALA A CB    1 
ATOM   909  N N     . LEU A 1 116 ? -17.776 1.500   -0.633  1.00 30.15 ? 116 LEU A N     1 
ATOM   910  C CA    . LEU A 1 116 ? -18.352 2.717   -1.195  1.00 30.07 ? 116 LEU A CA    1 
ATOM   911  C C     . LEU A 1 116 ? -18.610 3.809   -0.183  1.00 29.97 ? 116 LEU A C     1 
ATOM   912  O O     . LEU A 1 116 ? -18.860 4.936   -0.564  1.00 29.83 ? 116 LEU A O     1 
ATOM   913  C CB    . LEU A 1 116 ? -19.661 2.406   -1.908  1.00 30.20 ? 116 LEU A CB    1 
ATOM   914  C CG    . LEU A 1 116 ? -19.527 1.675   -3.244  1.00 30.81 ? 116 LEU A CG    1 
ATOM   915  C CD1   . LEU A 1 116 ? -20.893 1.280   -3.773  1.00 31.02 ? 116 LEU A CD1   1 
ATOM   916  C CD2   . LEU A 1 116 ? -18.804 2.518   -4.276  1.00 31.40 ? 116 LEU A CD2   1 
ATOM   917  N N     . ASN A 1 117 ? -18.552 3.502   1.104   1.00 30.23 ? 117 ASN A N     1 
ATOM   918  C CA    . ASN A 1 117 ? -18.748 4.544   2.113   1.00 30.50 ? 117 ASN A CA    1 
ATOM   919  C C     . ASN A 1 117 ? -17.532 5.433   2.267   1.00 30.16 ? 117 ASN A C     1 
ATOM   920  O O     . ASN A 1 117 ? -17.606 6.502   2.853   1.00 30.16 ? 117 ASN A O     1 
ATOM   921  C CB    . ASN A 1 117 ? -19.022 3.920   3.469   1.00 30.94 ? 117 ASN A CB    1 
ATOM   922  C CG    . ASN A 1 117 ? -20.446 3.378   3.602   1.00 32.54 ? 117 ASN A CG    1 
ATOM   923  O OD1   . ASN A 1 117 ? -21.436 4.074   3.346   1.00 35.41 ? 117 ASN A OD1   1 
ATOM   924  N ND2   . ASN A 1 117 ? -20.551 2.136   4.020   1.00 33.73 ? 117 ASN A ND2   1 
ATOM   925  N N     . TYR A 1 118 ? -16.404 4.954   1.768   1.00 29.73 ? 118 TYR A N     1 
ATOM   926  C CA    . TYR A 1 118 ? -15.177 5.675   1.868   1.00 29.60 ? 118 TYR A CA    1 
ATOM   927  C C     . TYR A 1 118 ? -14.714 6.224   0.517   1.00 29.64 ? 118 TYR A C     1 
ATOM   928  O O     . TYR A 1 118 ? -13.597 6.704   0.402   1.00 30.03 ? 118 TYR A O     1 
ATOM   929  C CB    . TYR A 1 118 ? -14.119 4.721   2.384   1.00 29.80 ? 118 TYR A CB    1 
ATOM   930  C CG    . TYR A 1 118 ? -14.368 4.118   3.749   1.00 28.84 ? 118 TYR A CG    1 
ATOM   931  C CD1   . TYR A 1 118 ? -14.859 2.840   3.888   1.00 27.71 ? 118 TYR A CD1   1 
ATOM   932  C CD2   . TYR A 1 118 ? -14.030 4.808   4.890   1.00 27.61 ? 118 TYR A CD2   1 
ATOM   933  C CE1   . TYR A 1 118 ? -15.029 2.290   5.131   1.00 26.91 ? 118 TYR A CE1   1 
ATOM   934  C CE2   . TYR A 1 118 ? -14.203 4.281   6.105   1.00 27.29 ? 118 TYR A CE2   1 
ATOM   935  C CZ    . TYR A 1 118 ? -14.703 3.033   6.245   1.00 27.59 ? 118 TYR A CZ    1 
ATOM   936  O OH    . TYR A 1 118 ? -14.858 2.575   7.545   1.00 28.08 ? 118 TYR A OH    1 
ATOM   937  N N     . ARG A 1 119 ? -15.558 6.156   -0.494  1.00 29.46 ? 119 ARG A N     1 
ATOM   938  C CA    . ARG A 1 119 ? -15.173 6.587   -1.830  1.00 29.83 ? 119 ARG A CA    1 
ATOM   939  C C     . ARG A 1 119 ? -14.590 8.006   -1.938  1.00 29.33 ? 119 ARG A C     1 
ATOM   940  O O     . ARG A 1 119 ? -14.046 8.368   -2.973  1.00 29.61 ? 119 ARG A O     1 
ATOM   941  C CB    . ARG A 1 119 ? -16.348 6.401   -2.821  1.00 30.47 ? 119 ARG A CB    1 
ATOM   942  C CG    . ARG A 1 119 ? -17.671 7.066   -2.425  1.00 32.26 ? 119 ARG A CG    1 
ATOM   943  C CD    . ARG A 1 119 ? -18.852 6.691   -3.293  1.00 34.47 ? 119 ARG A CD    1 
ATOM   944  N NE    . ARG A 1 119 ? -18.722 7.259   -4.625  1.00 37.97 ? 119 ARG A NE    1 
ATOM   945  C CZ    . ARG A 1 119 ? -19.406 8.304   -5.072  1.00 40.98 ? 119 ARG A CZ    1 
ATOM   946  N NH1   . ARG A 1 119 ? -19.221 8.750   -6.310  1.00 42.12 ? 119 ARG A NH1   1 
ATOM   947  N NH2   . ARG A 1 119 ? -20.287 8.903   -4.292  1.00 42.60 ? 119 ARG A NH2   1 
ATOM   948  N N     . GLU A 1 120 ? -14.670 8.813   -0.896  1.00 28.84 ? 120 GLU A N     1 
ATOM   949  C CA    . GLU A 1 120 ? -14.072 10.131  -0.996  1.00 28.85 ? 120 GLU A CA    1 
ATOM   950  C C     . GLU A 1 120 ? -12.544 10.080  -0.838  1.00 27.83 ? 120 GLU A C     1 
ATOM   951  O O     . GLU A 1 120 ? -11.883 11.040  -1.169  1.00 27.73 ? 120 GLU A O     1 
ATOM   952  C CB    . GLU A 1 120 ? -14.702 11.073  0.008   1.00 29.05 ? 120 GLU A CB    1 
ATOM   953  C CG    . GLU A 1 120 ? -14.362 10.793  1.461   1.00 31.74 ? 120 GLU A CG    1 
ATOM   954  C CD    . GLU A 1 120 ? -15.206 11.651  2.445   1.00 36.03 ? 120 GLU A CD    1 
ATOM   955  O OE1   . GLU A 1 120 ? -14.708 12.716  2.921   1.00 37.42 ? 120 GLU A OE1   1 
ATOM   956  O OE2   . GLU A 1 120 ? -16.380 11.262  2.756   1.00 35.45 ? 120 GLU A OE2   1 
ATOM   957  N N     . PHE A 1 121 ? -12.007 8.969   -0.332  1.00 26.89 ? 121 PHE A N     1 
ATOM   958  C CA    . PHE A 1 121 ? -10.578 8.798   -0.145  1.00 26.68 ? 121 PHE A CA    1 
ATOM   959  C C     . PHE A 1 121 ? -10.129 7.765   -1.153  1.00 26.11 ? 121 PHE A C     1 
ATOM   960  O O     . PHE A 1 121 ? -10.953 7.024   -1.657  1.00 25.45 ? 121 PHE A O     1 
ATOM   961  C CB    . PHE A 1 121 ? -10.229 8.237   1.246   1.00 26.77 ? 121 PHE A CB    1 
ATOM   962  C CG    . PHE A 1 121 ? -10.804 8.999   2.370   1.00 28.83 ? 121 PHE A CG    1 
ATOM   963  C CD1   . PHE A 1 121 ? -11.920 8.513   3.031   1.00 31.40 ? 121 PHE A CD1   1 
ATOM   964  C CD2   . PHE A 1 121 ? -10.251 10.206  2.778   1.00 29.85 ? 121 PHE A CD2   1 
ATOM   965  C CE1   . PHE A 1 121 ? -12.476 9.221   4.082   1.00 32.71 ? 121 PHE A CE1   1 
ATOM   966  C CE2   . PHE A 1 121 ? -10.812 10.927  3.841   1.00 30.49 ? 121 PHE A CE2   1 
ATOM   967  C CZ    . PHE A 1 121 ? -11.918 10.438  4.489   1.00 31.99 ? 121 PHE A CZ    1 
ATOM   968  N N     . PRO A 1 122 ? -8.831  7.709   -1.461  1.00 25.78 ? 122 PRO A N     1 
ATOM   969  C CA    . PRO A 1 122 ? -8.317  6.609   -2.281  1.00 25.29 ? 122 PRO A CA    1 
ATOM   970  C C     . PRO A 1 122 ? -8.506  5.297   -1.545  1.00 24.97 ? 122 PRO A C     1 
ATOM   971  O O     . PRO A 1 122 ? -8.373  5.281   -0.316  1.00 24.40 ? 122 PRO A O     1 
ATOM   972  C CB    . PRO A 1 122 ? -6.835  6.942   -2.408  1.00 25.58 ? 122 PRO A CB    1 
ATOM   973  C CG    . PRO A 1 122 ? -6.773  8.429   -2.167  1.00 25.78 ? 122 PRO A CG    1 
ATOM   974  C CD    . PRO A 1 122 ? -7.769  8.677   -1.104  1.00 25.43 ? 122 PRO A CD    1 
ATOM   975  N N     . ILE A 1 123 ? -8.822  4.225   -2.272  1.00 24.70 ? 123 ILE A N     1 
ATOM   976  C CA    . ILE A 1 123 ? -9.115  2.950   -1.640  1.00 24.33 ? 123 ILE A CA    1 
ATOM   977  C C     . ILE A 1 123 ? -8.075  1.960   -1.981  1.00 23.45 ? 123 ILE A C     1 
ATOM   978  O O     . ILE A 1 123 ? -7.659  1.912   -3.113  1.00 22.92 ? 123 ILE A O     1 
ATOM   979  C CB    . ILE A 1 123 ? -10.511 2.430   -2.098  1.00 24.44 ? 123 ILE A CB    1 
ATOM   980  C CG1   . ILE A 1 123 ? -11.628 3.149   -1.351  1.00 24.27 ? 123 ILE A CG1   1 
ATOM   981  C CG2   . ILE A 1 123 ? -10.672 0.965   -1.806  1.00 25.24 ? 123 ILE A CG2   1 
ATOM   982  C CD1   . ILE A 1 123 ? -11.598 2.880   0.133   1.00 25.10 ? 123 ILE A CD1   1 
ATOM   983  N N     . LEU A 1 124 ? -7.640  1.178   -0.999  1.00 23.40 ? 124 LEU A N     1 
ATOM   984  C CA    . LEU A 1 124 ? -6.771  0.027   -1.271  1.00 23.21 ? 124 LEU A CA    1 
ATOM   985  C C     . LEU A 1 124 ? -7.653  -1.184  -1.026  1.00 22.51 ? 124 LEU A C     1 
ATOM   986  O O     . LEU A 1 124 ? -8.091  -1.411  0.094   1.00 22.34 ? 124 LEU A O     1 
ATOM   987  C CB    . LEU A 1 124 ? -5.556  -0.005  -0.348  1.00 23.55 ? 124 LEU A CB    1 
ATOM   988  C CG    . LEU A 1 124 ? -4.531  -1.126  -0.551  1.00 24.92 ? 124 LEU A CG    1 
ATOM   989  C CD1   . LEU A 1 124 ? -3.132  -0.611  -0.265  1.00 26.23 ? 124 LEU A CD1   1 
ATOM   990  C CD2   . LEU A 1 124 ? -4.820  -2.327  0.331   1.00 26.91 ? 124 LEU A CD2   1 
ATOM   991  N N     . LEU A 1 125 ? -7.974  -1.923  -2.080  1.00 21.84 ? 125 LEU A N     1 
ATOM   992  C CA    . LEU A 1 125 ? -8.790  -3.110  -1.929  1.00 21.28 ? 125 LEU A CA    1 
ATOM   993  C C     . LEU A 1 125 ? -7.918  -4.330  -1.678  1.00 21.71 ? 125 LEU A C     1 
ATOM   994  O O     . LEU A 1 125 ? -7.250  -4.826  -2.572  1.00 21.73 ? 125 LEU A O     1 
ATOM   995  C CB    . LEU A 1 125 ? -9.612  -3.343  -3.167  1.00 21.04 ? 125 LEU A CB    1 
ATOM   996  C CG    . LEU A 1 125 ? -10.694 -2.307  -3.461  1.00 20.00 ? 125 LEU A CG    1 
ATOM   997  C CD1   . LEU A 1 125 ? -11.140 -2.472  -4.893  1.00 19.70 ? 125 LEU A CD1   1 
ATOM   998  C CD2   . LEU A 1 125 ? -11.847 -2.447  -2.565  1.00 18.74 ? 125 LEU A CD2   1 
ATOM   999  N N     . ASP A 1 126 ? -7.929  -4.805  -0.444  1.00 22.13 ? 126 ASP A N     1 
ATOM   1000 C CA    . ASP A 1 126 ? -7.178  -5.980  -0.044  1.00 22.59 ? 126 ASP A CA    1 
ATOM   1001 C C     . ASP A 1 126 ? -7.979  -7.232  -0.361  1.00 22.75 ? 126 ASP A C     1 
ATOM   1002 O O     . ASP A 1 126 ? -8.792  -7.650  0.433   1.00 22.51 ? 126 ASP A O     1 
ATOM   1003 C CB    . ASP A 1 126 ? -6.966  -5.887  1.457   1.00 22.80 ? 126 ASP A CB    1 
ATOM   1004 C CG    . ASP A 1 126 ? -5.802  -6.689  1.942   1.00 22.38 ? 126 ASP A CG    1 
ATOM   1005 O OD1   . ASP A 1 126 ? -5.321  -7.573  1.235   1.00 22.24 ? 126 ASP A OD1   1 
ATOM   1006 O OD2   . ASP A 1 126 ? -5.313  -6.507  3.055   1.00 24.94 ? 126 ASP A OD2   1 
ATOM   1007 N N     . THR A 1 127 ? -7.763  -7.847  -1.514  1.00 23.80 ? 127 THR A N     1 
ATOM   1008 C CA    . THR A 1 127 ? -8.601  -9.017  -1.910  1.00 24.28 ? 127 THR A CA    1 
ATOM   1009 C C     . THR A 1 127 ? -8.379  -10.309 -1.112  1.00 24.12 ? 127 THR A C     1 
ATOM   1010 O O     . THR A 1 127 ? -7.282  -10.573 -0.670  1.00 24.91 ? 127 THR A O     1 
ATOM   1011 C CB    . THR A 1 127 ? -8.538  -9.299  -3.453  1.00 24.12 ? 127 THR A CB    1 
ATOM   1012 O OG1   . THR A 1 127 ? -7.188  -9.570  -3.893  1.00 23.87 ? 127 THR A OG1   1 
ATOM   1013 C CG2   . THR A 1 127 ? -9.038  -8.064  -4.231  1.00 24.00 ? 127 THR A CG2   1 
ATOM   1014 N N     . PHE A 1 139 ? -7.935  -14.972 -7.316  1.00 45.59 ? 139 PHE A N     1 
ATOM   1015 C CA    . PHE A 1 139 ? -9.070  -14.118 -6.951  1.00 45.86 ? 139 PHE A CA    1 
ATOM   1016 C C     . PHE A 1 139 ? -9.780  -13.625 -8.207  1.00 45.37 ? 139 PHE A C     1 
ATOM   1017 O O     . PHE A 1 139 ? -9.158  -13.464 -9.270  1.00 45.48 ? 139 PHE A O     1 
ATOM   1018 C CB    . PHE A 1 139 ? -8.640  -12.914 -6.092  1.00 46.23 ? 139 PHE A CB    1 
ATOM   1019 C CG    . PHE A 1 139 ? -9.782  -12.040 -5.646  1.00 46.57 ? 139 PHE A CG    1 
ATOM   1020 C CD1   . PHE A 1 139 ? -10.354 -12.208 -4.407  1.00 47.69 ? 139 PHE A CD1   1 
ATOM   1021 C CD2   . PHE A 1 139 ? -10.260 -11.038 -6.459  1.00 47.55 ? 139 PHE A CD2   1 
ATOM   1022 C CE1   . PHE A 1 139 ? -11.394 -11.390 -3.994  1.00 49.10 ? 139 PHE A CE1   1 
ATOM   1023 C CE2   . PHE A 1 139 ? -11.297 -10.223 -6.050  1.00 48.44 ? 139 PHE A CE2   1 
ATOM   1024 C CZ    . PHE A 1 139 ? -11.862 -10.397 -4.820  1.00 48.95 ? 139 PHE A CZ    1 
ATOM   1025 N N     . ASP A 1 140 ? -11.085 -13.392 -8.091  1.00 44.53 ? 140 ASP A N     1 
ATOM   1026 C CA    . ASP A 1 140 ? -11.869 -12.962 -9.247  1.00 43.78 ? 140 ASP A CA    1 
ATOM   1027 C C     . ASP A 1 140 ? -12.004 -11.430 -9.356  1.00 42.50 ? 140 ASP A C     1 
ATOM   1028 O O     . ASP A 1 140 ? -12.909 -10.790 -8.813  1.00 42.28 ? 140 ASP A O     1 
ATOM   1029 C CB    . ASP A 1 140 ? -13.228 -13.653 -9.284  1.00 43.88 ? 140 ASP A CB    1 
ATOM   1030 C CG    . ASP A 1 140 ? -13.945 -13.418 -10.592 1.00 44.54 ? 140 ASP A CG    1 
ATOM   1031 O OD1   . ASP A 1 140 ? -13.349 -13.681 -11.652 1.00 44.70 ? 140 ASP A OD1   1 
ATOM   1032 O OD2   . ASP A 1 140 ? -15.091 -12.945 -10.666 1.00 46.65 ? 140 ASP A OD2   1 
ATOM   1033 N N     . TRP A 1 141 ? -11.051 -10.874 -10.081 1.00 41.05 ? 141 TRP A N     1 
ATOM   1034 C CA    . TRP A 1 141 ? -10.918 -9.452  -10.276 1.00 39.51 ? 141 TRP A CA    1 
ATOM   1035 C C     . TRP A 1 141 ? -12.185 -8.851  -10.861 1.00 38.73 ? 141 TRP A C     1 
ATOM   1036 O O     . TRP A 1 141 ? -12.580 -7.757  -10.489 1.00 38.34 ? 141 TRP A O     1 
ATOM   1037 C CB    . TRP A 1 141 ? -9.700  -9.188  -11.178 1.00 39.18 ? 141 TRP A CB    1 
ATOM   1038 C CG    . TRP A 1 141 ? -8.488  -9.899  -10.700 1.00 36.75 ? 141 TRP A CG    1 
ATOM   1039 C CD1   . TRP A 1 141 ? -7.743  -10.831 -11.378 1.00 36.56 ? 141 TRP A CD1   1 
ATOM   1040 C CD2   . TRP A 1 141 ? -7.890  -9.762  -9.429  1.00 34.08 ? 141 TRP A CD2   1 
ATOM   1041 N NE1   . TRP A 1 141 ? -6.702  -11.264 -10.587 1.00 35.95 ? 141 TRP A NE1   1 
ATOM   1042 C CE2   . TRP A 1 141 ? -6.771  -10.614 -9.387  1.00 33.43 ? 141 TRP A CE2   1 
ATOM   1043 C CE3   . TRP A 1 141 ? -8.162  -8.979  -8.321  1.00 34.22 ? 141 TRP A CE3   1 
ATOM   1044 C CZ2   . TRP A 1 141 ? -5.962  -10.708 -8.290  1.00 31.68 ? 141 TRP A CZ2   1 
ATOM   1045 C CZ3   . TRP A 1 141 ? -7.353  -9.082  -7.232  1.00 32.89 ? 141 TRP A CZ3   1 
ATOM   1046 C CH2   . TRP A 1 141 ? -6.276  -9.939  -7.216  1.00 31.58 ? 141 TRP A CH2   1 
ATOM   1047 N N     . SER A 1 142 ? -12.837 -9.568  -11.763 1.00 37.87 ? 142 SER A N     1 
ATOM   1048 C CA    . SER A 1 142 ? -14.035 -9.019  -12.402 1.00 37.33 ? 142 SER A CA    1 
ATOM   1049 C C     . SER A 1 142 ? -15.189 -8.621  -11.475 1.00 35.70 ? 142 SER A C     1 
ATOM   1050 O O     . SER A 1 142 ? -16.055 -7.855  -11.876 1.00 35.80 ? 142 SER A O     1 
ATOM   1051 C CB    . SER A 1 142 ? -14.565 -9.981  -13.463 1.00 37.54 ? 142 SER A CB    1 
ATOM   1052 O OG    . SER A 1 142 ? -14.604 -11.287 -12.937 1.00 38.14 ? 142 SER A OG    1 
ATOM   1053 N N     . LEU A 1 143 ? -15.227 -9.085  -10.245 1.00 33.83 ? 143 LEU A N     1 
ATOM   1054 C CA    . LEU A 1 143 ? -16.329 -8.644  -9.417  1.00 33.02 ? 143 LEU A CA    1 
ATOM   1055 C C     . LEU A 1 143 ? -16.187 -7.194  -8.934  1.00 32.22 ? 143 LEU A C     1 
ATOM   1056 O O     . LEU A 1 143 ? -17.119 -6.609  -8.395  1.00 32.04 ? 143 LEU A O     1 
ATOM   1057 C CB    . LEU A 1 143 ? -16.532 -9.589  -8.260  1.00 33.07 ? 143 LEU A CB    1 
ATOM   1058 C CG    . LEU A 1 143 ? -15.665 -9.431  -7.038  1.00 33.54 ? 143 LEU A CG    1 
ATOM   1059 C CD1   . LEU A 1 143 ? -16.231 -8.424  -6.115  1.00 31.87 ? 143 LEU A CD1   1 
ATOM   1060 C CD2   . LEU A 1 143 ? -15.589 -10.804 -6.340  1.00 35.77 ? 143 LEU A CD2   1 
ATOM   1061 N N     . ILE A 1 144 ? -15.023 -6.601  -9.152  1.00 31.30 ? 144 ILE A N     1 
ATOM   1062 C CA    . ILE A 1 144 ? -14.779 -5.224  -8.773  1.00 30.17 ? 144 ILE A CA    1 
ATOM   1063 C C     . ILE A 1 144 ? -15.254 -4.350  -9.901  1.00 28.88 ? 144 ILE A C     1 
ATOM   1064 O O     . ILE A 1 144 ? -15.726 -3.245  -9.696  1.00 28.38 ? 144 ILE A O     1 
ATOM   1065 C CB    . ILE A 1 144 ? -13.268 -5.026  -8.516  1.00 30.28 ? 144 ILE A CB    1 
ATOM   1066 C CG1   . ILE A 1 144 ? -12.855 -5.794  -7.262  1.00 31.30 ? 144 ILE A CG1   1 
ATOM   1067 C CG2   . ILE A 1 144 ? -12.914 -3.550  -8.339  1.00 30.43 ? 144 ILE A CG2   1 
ATOM   1068 C CD1   . ILE A 1 144 ? -11.393 -6.182  -7.230  1.00 32.43 ? 144 ILE A CD1   1 
ATOM   1069 N N     . LEU A 1 145 ? -15.144 -4.875  -11.102 1.00 28.03 ? 145 LEU A N     1 
ATOM   1070 C CA    . LEU A 1 145 ? -15.494 -4.124  -12.288 1.00 28.12 ? 145 LEU A CA    1 
ATOM   1071 C C     . LEU A 1 145 ? -16.753 -3.251  -12.197 1.00 26.80 ? 145 LEU A C     1 
ATOM   1072 O O     . LEU A 1 145 ? -16.676 -2.076  -12.481 1.00 27.04 ? 145 LEU A O     1 
ATOM   1073 C CB    . LEU A 1 145 ? -15.575 -5.038  -13.512 1.00 28.91 ? 145 LEU A CB    1 
ATOM   1074 C CG    . LEU A 1 145 ? -14.529 -4.794  -14.620 1.00 31.85 ? 145 LEU A CG    1 
ATOM   1075 C CD1   . LEU A 1 145 ? -14.806 -5.654  -15.845 1.00 33.40 ? 145 LEU A CD1   1 
ATOM   1076 C CD2   . LEU A 1 145 ? -14.498 -3.334  -15.066 1.00 34.07 ? 145 LEU A CD2   1 
ATOM   1077 N N     . PRO A 1 146 ? -17.918 -3.782  -11.866 1.00 25.14 ? 146 PRO A N     1 
ATOM   1078 C CA    . PRO A 1 146 ? -19.097 -2.918  -11.832 1.00 24.22 ? 146 PRO A CA    1 
ATOM   1079 C C     . PRO A 1 146 ? -19.028 -1.791  -10.826 1.00 24.17 ? 146 PRO A C     1 
ATOM   1080 O O     . PRO A 1 146 ? -19.929 -0.935  -10.796 1.00 24.02 ? 146 PRO A O     1 
ATOM   1081 C CB    . PRO A 1 146 ? -20.222 -3.879  -11.523 1.00 24.28 ? 146 PRO A CB    1 
ATOM   1082 C CG    . PRO A 1 146 ? -19.548 -5.057  -10.950 1.00 24.98 ? 146 PRO A CG    1 
ATOM   1083 C CD    . PRO A 1 146 ? -18.258 -5.197  -11.655 1.00 24.78 ? 146 PRO A CD    1 
ATOM   1084 N N     . TYR A 1 147 ? -17.960 -1.737  -10.040 1.00 23.93 ? 147 TYR A N     1 
ATOM   1085 C CA    . TYR A 1 147 ? -17.835 -0.663  -9.068  1.00 23.75 ? 147 TYR A CA    1 
ATOM   1086 C C     . TYR A 1 147 ? -16.681 0.314   -9.359  1.00 23.72 ? 147 TYR A C     1 
ATOM   1087 O O     . TYR A 1 147 ? -16.609 1.388   -8.746  1.00 23.07 ? 147 TYR A O     1 
ATOM   1088 C CB    . TYR A 1 147 ? -17.629 -1.256  -7.688  1.00 23.74 ? 147 TYR A CB    1 
ATOM   1089 C CG    . TYR A 1 147 ? -18.729 -2.142  -7.138  1.00 22.86 ? 147 TYR A CG    1 
ATOM   1090 C CD1   . TYR A 1 147 ? -18.628 -3.525  -7.201  1.00 22.32 ? 147 TYR A CD1   1 
ATOM   1091 C CD2   . TYR A 1 147 ? -19.817 -1.600  -6.477  1.00 21.69 ? 147 TYR A CD2   1 
ATOM   1092 C CE1   . TYR A 1 147 ? -19.596 -4.346  -6.639  1.00 20.73 ? 147 TYR A CE1   1 
ATOM   1093 C CE2   . TYR A 1 147 ? -20.790 -2.411  -5.921  1.00 21.13 ? 147 TYR A CE2   1 
ATOM   1094 C CZ    . TYR A 1 147 ? -20.675 -3.778  -5.993  1.00 20.08 ? 147 TYR A CZ    1 
ATOM   1095 O OH    . TYR A 1 147 ? -21.675 -4.560  -5.462  1.00 18.06 ? 147 TYR A OH    1 
ATOM   1096 N N     . ARG A 1 148 ? -15.788 -0.076  -10.272 1.00 23.75 ? 148 ARG A N     1 
ATOM   1097 C CA    . ARG A 1 148 ? -14.596 0.702   -10.602 1.00 24.32 ? 148 ARG A CA    1 
ATOM   1098 C C     . ARG A 1 148 ? -14.797 2.222   -10.683 1.00 23.27 ? 148 ARG A C     1 
ATOM   1099 O O     . ARG A 1 148 ? -14.108 2.985   -10.025 1.00 22.76 ? 148 ARG A O     1 
ATOM   1100 C CB    . ARG A 1 148 ? -13.973 0.198   -11.907 1.00 24.91 ? 148 ARG A CB    1 
ATOM   1101 C CG    . ARG A 1 148 ? -12.499 0.619   -12.053 1.00 28.35 ? 148 ARG A CG    1 
ATOM   1102 C CD    . ARG A 1 148 ? -12.202 1.123   -13.417 1.00 32.78 ? 148 ARG A CD    1 
ATOM   1103 N NE    . ARG A 1 148 ? -10.875 1.707   -13.548 1.00 36.03 ? 148 ARG A NE    1 
ATOM   1104 C CZ    . ARG A 1 148 ? -10.638 2.992   -13.778 1.00 38.61 ? 148 ARG A CZ    1 
ATOM   1105 N NH1   . ARG A 1 148 ? -9.388  3.421   -13.909 1.00 40.26 ? 148 ARG A NH1   1 
ATOM   1106 N NH2   . ARG A 1 148 ? -11.641 3.855   -13.872 1.00 39.22 ? 148 ARG A NH2   1 
ATOM   1107 N N     . ASP A 1 149 ? -15.760 2.660   -11.466 1.00 22.70 ? 149 ASP A N     1 
ATOM   1108 C CA    . ASP A 1 149 ? -15.951 4.077   -11.683 1.00 22.23 ? 149 ASP A CA    1 
ATOM   1109 C C     . ASP A 1 149 ? -16.644 4.829   -10.548 1.00 22.40 ? 149 ASP A C     1 
ATOM   1110 O O     . ASP A 1 149 ? -16.822 6.031   -10.654 1.00 22.14 ? 149 ASP A O     1 
ATOM   1111 C CB    . ASP A 1 149 ? -16.653 4.299   -13.014 1.00 21.80 ? 149 ASP A CB    1 
ATOM   1112 C CG    . ASP A 1 149 ? -15.834 3.771   -14.192 1.00 23.43 ? 149 ASP A CG    1 
ATOM   1113 O OD1   . ASP A 1 149 ? -14.584 3.738   -14.112 1.00 26.27 ? 149 ASP A OD1   1 
ATOM   1114 O OD2   . ASP A 1 149 ? -16.330 3.324   -15.241 1.00 24.52 ? 149 ASP A OD2   1 
ATOM   1115 N N     . ARG A 1 150 ? -16.997 4.167   -9.448  1.00 22.70 ? 150 ARG A N     1 
ATOM   1116 C CA    . ARG A 1 150 ? -17.586 4.875   -8.307  1.00 22.90 ? 150 ARG A CA    1 
ATOM   1117 C C     . ARG A 1 150 ? -16.485 5.484   -7.453  1.00 22.84 ? 150 ARG A C     1 
ATOM   1118 O O     . ARG A 1 150 ? -16.734 6.352   -6.619  1.00 21.98 ? 150 ARG A O     1 
ATOM   1119 C CB    . ARG A 1 150 ? -18.401 3.928   -7.430  1.00 23.43 ? 150 ARG A CB    1 
ATOM   1120 C CG    . ARG A 1 150 ? -19.519 3.244   -8.133  1.00 23.97 ? 150 ARG A CG    1 
ATOM   1121 C CD    . ARG A 1 150 ? -20.478 4.206   -8.685  1.00 25.88 ? 150 ARG A CD    1 
ATOM   1122 N NE    . ARG A 1 150 ? -21.124 4.996   -7.637  1.00 27.31 ? 150 ARG A NE    1 
ATOM   1123 C CZ    . ARG A 1 150 ? -21.469 6.276   -7.777  1.00 30.73 ? 150 ARG A CZ    1 
ATOM   1124 N NH1   . ARG A 1 150 ? -22.080 6.905   -6.795  1.00 31.18 ? 150 ARG A NH1   1 
ATOM   1125 N NH2   . ARG A 1 150 ? -21.211 6.944   -8.904  1.00 32.48 ? 150 ARG A NH2   1 
ATOM   1126 N N     . PHE A 1 151 ? -15.264 5.003   -7.663  1.00 23.52 ? 151 PHE A N     1 
ATOM   1127 C CA    . PHE A 1 151 ? -14.102 5.442   -6.890  1.00 24.04 ? 151 PHE A CA    1 
ATOM   1128 C C     . PHE A 1 151 ? -13.174 6.389   -7.672  1.00 24.87 ? 151 PHE A C     1 
ATOM   1129 O O     . PHE A 1 151 ? -13.070 6.294   -8.884  1.00 25.55 ? 151 PHE A O     1 
ATOM   1130 C CB    . PHE A 1 151 ? -13.296 4.216   -6.444  1.00 23.53 ? 151 PHE A CB    1 
ATOM   1131 C CG    . PHE A 1 151 ? -14.063 3.244   -5.603  1.00 22.75 ? 151 PHE A CG    1 
ATOM   1132 C CD1   . PHE A 1 151 ? -14.548 2.082   -6.143  1.00 24.11 ? 151 PHE A CD1   1 
ATOM   1133 C CD2   . PHE A 1 151 ? -14.280 3.487   -4.267  1.00 22.50 ? 151 PHE A CD2   1 
ATOM   1134 C CE1   . PHE A 1 151 ? -15.229 1.184   -5.370  1.00 25.41 ? 151 PHE A CE1   1 
ATOM   1135 C CE2   . PHE A 1 151 ? -14.961 2.606   -3.487  1.00 23.29 ? 151 PHE A CE2   1 
ATOM   1136 C CZ    . PHE A 1 151 ? -15.433 1.448   -4.027  1.00 25.30 ? 151 PHE A CZ    1 
ATOM   1137 N N     . ARG A 1 152 ? -12.504 7.298   -6.970  1.00 25.38 ? 152 ARG A N     1 
ATOM   1138 C CA    . ARG A 1 152 ? -11.521 8.209   -7.576  1.00 25.68 ? 152 ARG A CA    1 
ATOM   1139 C C     . ARG A 1 152 ? -10.280 7.446   -8.029  1.00 23.72 ? 152 ARG A C     1 
ATOM   1140 O O     . ARG A 1 152 ? -10.004 7.328   -9.205  1.00 23.02 ? 152 ARG A O     1 
ATOM   1141 C CB    . ARG A 1 152 ? -10.998 9.215   -6.530  1.00 27.19 ? 152 ARG A CB    1 
ATOM   1142 C CG    . ARG A 1 152 ? -11.943 10.174  -5.838  1.00 31.93 ? 152 ARG A CG    1 
ATOM   1143 C CD    . ARG A 1 152 ? -11.277 10.740  -4.584  1.00 39.85 ? 152 ARG A CD    1 
ATOM   1144 N NE    . ARG A 1 152 ? -11.480 12.172  -4.406  1.00 47.33 ? 152 ARG A NE    1 
ATOM   1145 C CZ    . ARG A 1 152 ? -10.807 13.120  -5.056  1.00 53.00 ? 152 ARG A CZ    1 
ATOM   1146 N NH1   . ARG A 1 152 ? -9.870  12.801  -5.941  1.00 53.78 ? 152 ARG A NH1   1 
ATOM   1147 N NH2   . ARG A 1 152 ? -11.084 14.404  -4.817  1.00 56.02 ? 152 ARG A NH2   1 
ATOM   1148 N N     . TYR A 1 153 ? -9.501  6.995   -7.048  1.00 22.00 ? 153 TYR A N     1 
ATOM   1149 C CA    . TYR A 1 153 ? -8.253  6.275   -7.286  1.00 20.74 ? 153 TYR A CA    1 
ATOM   1150 C C     . TYR A 1 153 ? -8.315  4.972   -6.510  1.00 19.82 ? 153 TYR A C     1 
ATOM   1151 O O     . TYR A 1 153 ? -8.679  4.977   -5.345  1.00 20.04 ? 153 TYR A O     1 
ATOM   1152 C CB    . TYR A 1 153 ? -7.039  7.118   -6.857  1.00 20.11 ? 153 TYR A CB    1 
ATOM   1153 C CG    . TYR A 1 153 ? -7.020  8.484   -7.509  1.00 18.11 ? 153 TYR A CG    1 
ATOM   1154 C CD1   . TYR A 1 153 ? -7.342  9.607   -6.791  1.00 15.64 ? 153 TYR A CD1   1 
ATOM   1155 C CD2   . TYR A 1 153 ? -6.683  8.638   -8.861  1.00 16.63 ? 153 TYR A CD2   1 
ATOM   1156 C CE1   . TYR A 1 153 ? -7.324  10.844  -7.381  1.00 16.66 ? 153 TYR A CE1   1 
ATOM   1157 C CE2   . TYR A 1 153 ? -6.640  9.877   -9.458  1.00 14.93 ? 153 TYR A CE2   1 
ATOM   1158 C CZ    . TYR A 1 153 ? -6.973  10.971  -8.721  1.00 17.06 ? 153 TYR A CZ    1 
ATOM   1159 O OH    . TYR A 1 153 ? -6.978  12.216  -9.323  1.00 20.11 ? 153 TYR A OH    1 
ATOM   1160 N N     . LEU A 1 154 ? -7.959  3.875   -7.171  1.00 18.52 ? 154 LEU A N     1 
ATOM   1161 C CA    . LEU A 1 154 ? -8.065  2.540   -6.627  1.00 17.84 ? 154 LEU A CA    1 
ATOM   1162 C C     . LEU A 1 154 ? -6.729  1.795   -6.586  1.00 17.64 ? 154 LEU A C     1 
ATOM   1163 O O     . LEU A 1 154 ? -6.054  1.666   -7.604  1.00 18.20 ? 154 LEU A O     1 
ATOM   1164 C CB    . LEU A 1 154 ? -9.005  1.798   -7.553  1.00 17.89 ? 154 LEU A CB    1 
ATOM   1165 C CG    . LEU A 1 154 ? -9.910  0.646   -7.130  1.00 19.24 ? 154 LEU A CG    1 
ATOM   1166 C CD1   . LEU A 1 154 ? -10.913 1.156   -6.126  1.00 20.27 ? 154 LEU A CD1   1 
ATOM   1167 C CD2   . LEU A 1 154 ? -10.622 0.109   -8.357  1.00 20.56 ? 154 LEU A CD2   1 
ATOM   1168 N N     . VAL A 1 155 ? -6.337  1.296   -5.424  1.00 17.45 ? 155 VAL A N     1 
ATOM   1169 C CA    . VAL A 1 155 ? -5.101  0.529   -5.306  1.00 17.76 ? 155 VAL A CA    1 
ATOM   1170 C C     . VAL A 1 155 ? -5.469  -0.929  -5.178  1.00 18.24 ? 155 VAL A C     1 
ATOM   1171 O O     . VAL A 1 155 ? -6.085  -1.342  -4.203  1.00 18.81 ? 155 VAL A O     1 
ATOM   1172 C CB    . VAL A 1 155 ? -4.298  0.926   -4.055  1.00 17.65 ? 155 VAL A CB    1 
ATOM   1173 C CG1   . VAL A 1 155 ? -2.945  0.259   -4.056  1.00 16.84 ? 155 VAL A CG1   1 
ATOM   1174 C CG2   . VAL A 1 155 ? -4.158  2.428   -3.963  1.00 18.10 ? 155 VAL A CG2   1 
ATOM   1175 N N     . LEU A 1 156 ? -5.110  -1.719  -6.164  1.00 18.92 ? 156 LEU A N     1 
ATOM   1176 C CA    . LEU A 1 156 ? -5.422  -3.140  -6.145  1.00 19.53 ? 156 LEU A CA    1 
ATOM   1177 C C     . LEU A 1 156 ? -4.389  -3.923  -5.330  1.00 19.82 ? 156 LEU A C     1 
ATOM   1178 O O     . LEU A 1 156 ? -3.198  -3.747  -5.501  1.00 20.99 ? 156 LEU A O     1 
ATOM   1179 C CB    . LEU A 1 156 ? -5.475  -3.632  -7.573  1.00 19.74 ? 156 LEU A CB    1 
ATOM   1180 C CG    . LEU A 1 156 ? -6.022  -5.035  -7.819  1.00 21.76 ? 156 LEU A CG    1 
ATOM   1181 C CD1   . LEU A 1 156 ? -7.442  -5.159  -7.305  1.00 23.94 ? 156 LEU A CD1   1 
ATOM   1182 C CD2   . LEU A 1 156 ? -5.960  -5.323  -9.301  1.00 21.85 ? 156 LEU A CD2   1 
ATOM   1183 N N     . SER A 1 157 ? -4.836  -4.792  -4.435  1.00 20.25 ? 157 SER A N     1 
ATOM   1184 C CA    . SER A 1 157 ? -3.896  -5.518  -3.590  1.00 20.54 ? 157 SER A CA    1 
ATOM   1185 C C     . SER A 1 157 ? -4.405  -6.901  -3.173  1.00 20.51 ? 157 SER A C     1 
ATOM   1186 O O     . SER A 1 157 ? -5.569  -7.211  -3.345  1.00 19.73 ? 157 SER A O     1 
ATOM   1187 C CB    . SER A 1 157 ? -3.585  -4.697  -2.358  1.00 20.95 ? 157 SER A CB    1 
ATOM   1188 O OG    . SER A 1 157 ? -2.841  -5.441  -1.410  1.00 20.32 ? 157 SER A OG    1 
ATOM   1189 N N     . GLY A 1 158 ? -3.510  -7.723  -2.631  1.00 20.81 ? 158 GLY A N     1 
ATOM   1190 C CA    . GLY A 1 158 ? -3.878  -9.053  -2.183  1.00 21.16 ? 158 GLY A CA    1 
ATOM   1191 C C     . GLY A 1 158 ? -3.463  -10.182 -3.113  1.00 21.55 ? 158 GLY A C     1 
ATOM   1192 O O     . GLY A 1 158 ? -3.967  -10.311 -4.212  1.00 22.84 ? 158 GLY A O     1 
ATOM   1193 N N     . GLY A 1 159 ? -2.520  -10.998 -2.689  1.00 21.44 ? 159 GLY A N     1 
ATOM   1194 C CA    . GLY A 1 159 ? -2.085  -12.123 -3.485  1.00 21.76 ? 159 GLY A CA    1 
ATOM   1195 C C     . GLY A 1 159 ? -1.401  -11.878 -4.807  1.00 22.21 ? 159 GLY A C     1 
ATOM   1196 O O     . GLY A 1 159 ? -1.317  -12.792 -5.614  1.00 22.26 ? 159 GLY A O     1 
ATOM   1197 N N     . LEU A 1 160 ? -0.896  -10.673 -5.025  1.00 22.95 ? 160 LEU A N     1 
ATOM   1198 C CA    . LEU A 1 160 ? -0.275  -10.317 -6.283  1.00 23.68 ? 160 LEU A CA    1 
ATOM   1199 C C     . LEU A 1 160 ? 1.149   -10.800 -6.281  1.00 23.85 ? 160 LEU A C     1 
ATOM   1200 O O     . LEU A 1 160 ? 1.805   -10.798 -5.250  1.00 23.28 ? 160 LEU A O     1 
ATOM   1201 C CB    . LEU A 1 160 ? -0.341  -8.814  -6.499  1.00 24.09 ? 160 LEU A CB    1 
ATOM   1202 C CG    . LEU A 1 160 ? -1.761  -8.255  -6.610  1.00 25.49 ? 160 LEU A CG    1 
ATOM   1203 C CD1   . LEU A 1 160 ? -1.727  -6.846  -7.196  1.00 26.09 ? 160 LEU A CD1   1 
ATOM   1204 C CD2   . LEU A 1 160 ? -2.643  -9.144  -7.461  1.00 25.53 ? 160 LEU A CD2   1 
ATOM   1205 N N     . ASN A 1 161 ? 1.603   -11.248 -7.444  1.00 24.27 ? 161 ASN A N     1 
ATOM   1206 C CA    . ASN A 1 161 ? 2.948   -11.747 -7.598  1.00 24.79 ? 161 ASN A CA    1 
ATOM   1207 C C     . ASN A 1 161 ? 3.334   -11.568 -9.043  1.00 25.06 ? 161 ASN A C     1 
ATOM   1208 O O     . ASN A 1 161 ? 2.487   -11.200 -9.846  1.00 25.76 ? 161 ASN A O     1 
ATOM   1209 C CB    . ASN A 1 161 ? 2.994   -13.208 -7.176  1.00 25.25 ? 161 ASN A CB    1 
ATOM   1210 C CG    . ASN A 1 161 ? 2.086   -14.105 -8.022  1.00 26.37 ? 161 ASN A CG    1 
ATOM   1211 O OD1   . ASN A 1 161 ? 1.947   -13.923 -9.233  1.00 31.69 ? 161 ASN A OD1   1 
ATOM   1212 N ND2   . ASN A 1 161 ? 1.483   -15.092 -7.379  1.00 23.86 ? 161 ASN A ND2   1 
ATOM   1213 N N     . PRO A 1 162 ? 4.586   -11.811 -9.396  1.00 25.49 ? 162 PRO A N     1 
ATOM   1214 C CA    . PRO A 1 162 ? 5.045   -11.609 -10.775 1.00 26.16 ? 162 PRO A CA    1 
ATOM   1215 C C     . PRO A 1 162 ? 4.201   -12.335 -11.814 1.00 27.49 ? 162 PRO A C     1 
ATOM   1216 O O     . PRO A 1 162 ? 3.957   -11.812 -12.910 1.00 27.48 ? 162 PRO A O     1 
ATOM   1217 C CB    . PRO A 1 162 ? 6.459   -12.171 -10.742 1.00 25.32 ? 162 PRO A CB    1 
ATOM   1218 C CG    . PRO A 1 162 ? 6.875   -11.944 -9.391  1.00 25.27 ? 162 PRO A CG    1 
ATOM   1219 C CD    . PRO A 1 162 ? 5.684   -12.249 -8.530  1.00 25.25 ? 162 PRO A CD    1 
ATOM   1220 N N     . GLU A 1 163 ? 3.753   -13.529 -11.478 1.00 29.00 ? 163 GLU A N     1 
ATOM   1221 C CA    . GLU A 1 163 ? 3.005   -14.321 -12.439 1.00 31.13 ? 163 GLU A CA    1 
ATOM   1222 C C     . GLU A 1 163 ? 1.593   -13.825 -12.752 1.00 31.31 ? 163 GLU A C     1 
ATOM   1223 O O     . GLU A 1 163 ? 1.111   -14.070 -13.870 1.00 30.94 ? 163 GLU A O     1 
ATOM   1224 C CB    . GLU A 1 163 ? 2.943   -15.795 -12.001 1.00 32.29 ? 163 GLU A CB    1 
ATOM   1225 C CG    . GLU A 1 163 ? 4.290   -16.531 -12.037 1.00 36.67 ? 163 GLU A CG    1 
ATOM   1226 C CD    . GLU A 1 163 ? 5.207   -16.222 -10.827 1.00 42.94 ? 163 GLU A CD    1 
ATOM   1227 O OE1   . GLU A 1 163 ? 4.712   -16.141 -9.652  1.00 45.48 ? 163 GLU A OE1   1 
ATOM   1228 O OE2   . GLU A 1 163 ? 6.442   -16.050 -11.048 1.00 45.75 ? 163 GLU A OE2   1 
ATOM   1229 N N     . ASN A 1 164 ? 0.942   -13.140 -11.799 1.00 31.65 ? 164 ASN A N     1 
ATOM   1230 C CA    . ASN A 1 164 ? -0.450  -12.716 -11.987 1.00 32.29 ? 164 ASN A CA    1 
ATOM   1231 C C     . ASN A 1 164 ? -0.774  -11.207 -12.101 1.00 32.64 ? 164 ASN A C     1 
ATOM   1232 O O     . ASN A 1 164 ? -1.846  -10.863 -12.594 1.00 33.15 ? 164 ASN A O     1 
ATOM   1233 C CB    . ASN A 1 164 ? -1.324  -13.337 -10.895 1.00 32.19 ? 164 ASN A CB    1 
ATOM   1234 C CG    . ASN A 1 164 ? -1.043  -12.754 -9.537  1.00 32.86 ? 164 ASN A CG    1 
ATOM   1235 O OD1   . ASN A 1 164 ? -0.500  -11.655 -9.427  1.00 38.66 ? 164 ASN A OD1   1 
ATOM   1236 N ND2   . ASN A 1 164 ? -1.445  -13.457 -8.488  1.00 28.97 ? 164 ASN A ND2   1 
ATOM   1237 N N     . VAL A 1 165 ? 0.115   -10.314 -11.681 1.00 33.00 ? 165 VAL A N     1 
ATOM   1238 C CA    . VAL A 1 165 ? -0.190  -8.872  -11.779 1.00 33.63 ? 165 VAL A CA    1 
ATOM   1239 C C     . VAL A 1 165 ? -0.790  -8.384  -13.099 1.00 34.18 ? 165 VAL A C     1 
ATOM   1240 O O     . VAL A 1 165 ? -1.735  -7.618  -13.069 1.00 33.74 ? 165 VAL A O     1 
ATOM   1241 C CB    . VAL A 1 165 ? 1.022   -7.953  -11.481 1.00 33.74 ? 165 VAL A CB    1 
ATOM   1242 C CG1   . VAL A 1 165 ? 0.848   -7.296  -10.123 1.00 34.02 ? 165 VAL A CG1   1 
ATOM   1243 C CG2   . VAL A 1 165 ? 2.353   -8.709  -11.598 1.00 33.46 ? 165 VAL A CG2   1 
ATOM   1244 N N     . ARG A 1 166 ? -0.243  -8.795  -14.245 1.00 35.41 ? 166 ARG A N     1 
ATOM   1245 C CA    . ARG A 1 166 ? -0.725  -8.292  -15.548 1.00 36.74 ? 166 ARG A CA    1 
ATOM   1246 C C     . ARG A 1 166 ? -2.193  -8.623  -15.820 1.00 35.44 ? 166 ARG A C     1 
ATOM   1247 O O     . ARG A 1 166 ? -2.936  -7.803  -16.365 1.00 35.46 ? 166 ARG A O     1 
ATOM   1248 C CB    . ARG A 1 166 ? 0.138   -8.810  -16.703 1.00 37.91 ? 166 ARG A CB    1 
ATOM   1249 C CG    . ARG A 1 166 ? 0.762   -7.718  -17.575 1.00 44.29 ? 166 ARG A CG    1 
ATOM   1250 C CD    . ARG A 1 166 ? -0.230  -6.732  -18.222 1.00 52.96 ? 166 ARG A CD    1 
ATOM   1251 N NE    . ARG A 1 166 ? -0.132  -5.373  -17.667 1.00 60.26 ? 166 ARG A NE    1 
ATOM   1252 C CZ    . ARG A 1 166 ? 0.382   -4.317  -18.304 1.00 66.23 ? 166 ARG A CZ    1 
ATOM   1253 N NH1   . ARG A 1 166 ? 0.864   -4.436  -19.538 1.00 68.91 ? 166 ARG A NH1   1 
ATOM   1254 N NH2   . ARG A 1 166 ? 0.426   -3.133  -17.698 1.00 68.29 ? 166 ARG A NH2   1 
ATOM   1255 N N     . SER A 1 167 ? -2.599  -9.832  -15.449 1.00 33.94 ? 167 SER A N     1 
ATOM   1256 C CA    . SER A 1 167 ? -3.973  -10.280 -15.643 1.00 33.13 ? 167 SER A CA    1 
ATOM   1257 C C     . SER A 1 167 ? -4.904  -9.420  -14.798 1.00 31.80 ? 167 SER A C     1 
ATOM   1258 O O     . SER A 1 167 ? -5.932  -8.914  -15.260 1.00 30.83 ? 167 SER A O     1 
ATOM   1259 C CB    . SER A 1 167 ? -4.101  -11.732 -15.215 1.00 33.60 ? 167 SER A CB    1 
ATOM   1260 O OG    . SER A 1 167 ? -3.220  -12.552 -15.964 1.00 35.66 ? 167 SER A OG    1 
ATOM   1261 N N     . ALA A 1 168 ? -4.519  -9.240  -13.542 1.00 30.36 ? 168 ALA A N     1 
ATOM   1262 C CA    . ALA A 1 168 ? -5.274  -8.437  -12.612 1.00 28.96 ? 168 ALA A CA    1 
ATOM   1263 C C     . ALA A 1 168 ? -5.335  -6.986  -13.085 1.00 28.75 ? 168 ALA A C     1 
ATOM   1264 O O     . ALA A 1 168 ? -6.342  -6.297  -12.856 1.00 28.74 ? 168 ALA A O     1 
ATOM   1265 C CB    . ALA A 1 168 ? -4.638  -8.536  -11.244 1.00 28.15 ? 168 ALA A CB    1 
ATOM   1266 N N     . ILE A 1 169 ? -4.267  -6.499  -13.714 1.00 27.80 ? 169 ILE A N     1 
ATOM   1267 C CA    . ILE A 1 169 ? -4.260  -5.126  -14.196 1.00 27.05 ? 169 ILE A CA    1 
ATOM   1268 C C     . ILE A 1 169 ? -5.147  -5.006  -15.445 1.00 27.16 ? 169 ILE A C     1 
ATOM   1269 O O     . ILE A 1 169 ? -5.877  -4.028  -15.601 1.00 26.51 ? 169 ILE A O     1 
ATOM   1270 C CB    . ILE A 1 169 ? -2.797  -4.618  -14.421 1.00 26.77 ? 169 ILE A CB    1 
ATOM   1271 C CG1   . ILE A 1 169 ? -2.123  -4.348  -13.066 1.00 26.66 ? 169 ILE A CG1   1 
ATOM   1272 C CG2   . ILE A 1 169 ? -2.787  -3.328  -15.201 1.00 26.34 ? 169 ILE A CG2   1 
ATOM   1273 C CD1   . ILE A 1 169 ? -0.643  -4.048  -13.105 1.00 25.39 ? 169 ILE A CD1   1 
ATOM   1274 N N     . ASP A 1 170 ? -5.126  -6.004  -16.321 1.00 27.20 ? 170 ASP A N     1 
ATOM   1275 C CA    . ASP A 1 170 ? -5.963  -5.929  -17.518 1.00 28.14 ? 170 ASP A CA    1 
ATOM   1276 C C     . ASP A 1 170 ? -7.488  -5.901  -17.251 1.00 26.56 ? 170 ASP A C     1 
ATOM   1277 O O     . ASP A 1 170 ? -8.242  -5.234  -17.956 1.00 25.66 ? 170 ASP A O     1 
ATOM   1278 C CB    . ASP A 1 170 ? -5.606  -7.064  -18.493 1.00 29.30 ? 170 ASP A CB    1 
ATOM   1279 C CG    . ASP A 1 170 ? -4.338  -6.757  -19.300 1.00 34.32 ? 170 ASP A CG    1 
ATOM   1280 O OD1   . ASP A 1 170 ? -4.202  -5.591  -19.772 1.00 40.30 ? 170 ASP A OD1   1 
ATOM   1281 O OD2   . ASP A 1 170 ? -3.420  -7.606  -19.508 1.00 39.41 ? 170 ASP A OD2   1 
ATOM   1282 N N     . VAL A 1 171 ? -7.923  -6.676  -16.273 1.00 25.81 ? 171 VAL A N     1 
ATOM   1283 C CA    . VAL A 1 171 ? -9.334  -6.765  -15.910 1.00 25.09 ? 171 VAL A CA    1 
ATOM   1284 C C     . VAL A 1 171 ? -9.814  -5.487  -15.245 1.00 24.68 ? 171 VAL A C     1 
ATOM   1285 O O     . VAL A 1 171 ? -10.777 -4.891  -15.676 1.00 25.02 ? 171 VAL A O     1 
ATOM   1286 C CB    . VAL A 1 171 ? -9.598  -7.964  -14.962 1.00 24.74 ? 171 VAL A CB    1 
ATOM   1287 C CG1   . VAL A 1 171 ? -11.040 -8.093  -14.684 1.00 24.69 ? 171 VAL A CG1   1 
ATOM   1288 C CG2   . VAL A 1 171 ? -9.086  -9.269  -15.585 1.00 24.50 ? 171 VAL A CG2   1 
ATOM   1289 N N     . VAL A 1 172 ? -9.118  -5.047  -14.208 1.00 24.53 ? 172 VAL A N     1 
ATOM   1290 C CA    . VAL A 1 172 ? -9.519  -3.858  -13.452 1.00 24.05 ? 172 VAL A CA    1 
ATOM   1291 C C     . VAL A 1 172 ? -9.003  -2.473  -13.909 1.00 23.97 ? 172 VAL A C     1 
ATOM   1292 O O     . VAL A 1 172 ? -9.724  -1.501  -13.816 1.00 23.85 ? 172 VAL A O     1 
ATOM   1293 C CB    . VAL A 1 172 ? -9.123  -4.031  -11.979 1.00 23.83 ? 172 VAL A CB    1 
ATOM   1294 C CG1   . VAL A 1 172 ? -9.764  -2.961  -11.137 1.00 24.31 ? 172 VAL A CG1   1 
ATOM   1295 C CG2   . VAL A 1 172 ? -9.540  -5.396  -11.480 1.00 23.37 ? 172 VAL A CG2   1 
ATOM   1296 N N     . ARG A 1 173 ? -7.773  -2.394  -14.403 1.00 24.41 ? 173 ARG A N     1 
ATOM   1297 C CA    . ARG A 1 173 ? -7.143  -1.128  -14.803 1.00 24.63 ? 173 ARG A CA    1 
ATOM   1298 C C     . ARG A 1 173 ? -7.140  -0.149  -13.629 1.00 22.48 ? 173 ARG A C     1 
ATOM   1299 O O     . ARG A 1 173 ? -7.782  0.884   -13.669 1.00 21.34 ? 173 ARG A O     1 
ATOM   1300 C CB    . ARG A 1 173 ? -7.831  -0.520  -16.048 1.00 26.04 ? 173 ARG A CB    1 
ATOM   1301 C CG    . ARG A 1 173 ? -7.738  -1.341  -17.380 1.00 31.72 ? 173 ARG A CG    1 
ATOM   1302 C CD    . ARG A 1 173 ? -6.827  -0.720  -18.523 1.00 41.81 ? 173 ARG A CD    1 
ATOM   1303 N NE    . ARG A 1 173 ? -5.370  -0.908  -18.301 1.00 49.81 ? 173 ARG A NE    1 
ATOM   1304 C CZ    . ARG A 1 173 ? -4.540  -1.649  -19.074 1.00 55.56 ? 173 ARG A CZ    1 
ATOM   1305 N NH1   . ARG A 1 173 ? -4.982  -2.301  -20.151 1.00 57.23 ? 173 ARG A NH1   1 
ATOM   1306 N NH2   . ARG A 1 173 ? -3.248  -1.735  -18.761 1.00 57.60 ? 173 ARG A NH2   1 
ATOM   1307 N N     . PRO A 1 174 ? -6.389  -0.469  -12.585 1.00 21.20 ? 174 PRO A N     1 
ATOM   1308 C CA    . PRO A 1 174 ? -6.364  0.345   -11.369 1.00 20.45 ? 174 PRO A CA    1 
ATOM   1309 C C     . PRO A 1 174 ? -5.285  1.407   -11.429 1.00 19.74 ? 174 PRO A C     1 
ATOM   1310 O O     . PRO A 1 174 ? -4.424  1.365   -12.317 1.00 18.10 ? 174 PRO A O     1 
ATOM   1311 C CB    . PRO A 1 174 ? -5.987  -0.690  -10.311 1.00 20.44 ? 174 PRO A CB    1 
ATOM   1312 C CG    . PRO A 1 174 ? -4.959  -1.473  -10.984 1.00 20.52 ? 174 PRO A CG    1 
ATOM   1313 C CD    . PRO A 1 174 ? -5.440  -1.591  -12.462 1.00 21.00 ? 174 PRO A CD    1 
ATOM   1314 N N     . PHE A 1 175 ? -5.308  2.333   -10.478 1.00 19.50 ? 175 PHE A N     1 
ATOM   1315 C CA    . PHE A 1 175 ? -4.283  3.367   -10.453 1.00 19.76 ? 175 PHE A CA    1 
ATOM   1316 C C     . PHE A 1 175 ? -2.964  2.729   -10.005 1.00 18.89 ? 175 PHE A C     1 
ATOM   1317 O O     . PHE A 1 175 ? -1.927  2.931   -10.587 1.00 17.95 ? 175 PHE A O     1 
ATOM   1318 C CB    . PHE A 1 175 ? -4.677  4.508   -9.518  1.00 20.22 ? 175 PHE A CB    1 
ATOM   1319 C CG    . PHE A 1 175 ? -3.622  5.591   -9.404  1.00 23.46 ? 175 PHE A CG    1 
ATOM   1320 C CD1   . PHE A 1 175 ? -3.485  6.557   -10.388 1.00 24.81 ? 175 PHE A CD1   1 
ATOM   1321 C CD2   . PHE A 1 175 ? -2.759  5.634   -8.311  1.00 25.01 ? 175 PHE A CD2   1 
ATOM   1322 C CE1   . PHE A 1 175 ? -2.520  7.540   -10.285 1.00 24.98 ? 175 PHE A CE1   1 
ATOM   1323 C CE2   . PHE A 1 175 ? -1.808  6.610   -8.218  1.00 25.91 ? 175 PHE A CE2   1 
ATOM   1324 C CZ    . PHE A 1 175 ? -1.695  7.569   -9.204  1.00 25.91 ? 175 PHE A CZ    1 
ATOM   1325 N N     . ALA A 1 176 ? -3.025  1.916   -8.972  1.00 18.57 ? 176 ALA A N     1 
ATOM   1326 C CA    . ALA A 1 176 ? -1.831  1.312   -8.455  1.00 17.96 ? 176 ALA A CA    1 
ATOM   1327 C C     . ALA A 1 176 ? -2.095  -0.109  -8.073  1.00 17.53 ? 176 ALA A C     1 
ATOM   1328 O O     . ALA A 1 176 ? -3.212  -0.555  -8.092  1.00 17.28 ? 176 ALA A O     1 
ATOM   1329 C CB    . ALA A 1 176 ? -1.363  2.083   -7.268  1.00 18.13 ? 176 ALA A CB    1 
ATOM   1330 N N     . VAL A 1 177 ? -1.028  -0.790  -7.709  1.00 17.77 ? 177 VAL A N     1 
ATOM   1331 C CA    . VAL A 1 177 ? -1.030  -2.190  -7.375  1.00 18.27 ? 177 VAL A CA    1 
ATOM   1332 C C     . VAL A 1 177 ? -0.107  -2.323  -6.177  1.00 18.51 ? 177 VAL A C     1 
ATOM   1333 O O     . VAL A 1 177 ? 0.939   -1.709  -6.133  1.00 19.53 ? 177 VAL A O     1 
ATOM   1334 C CB    . VAL A 1 177 ? -0.498  -2.930  -8.579  1.00 18.60 ? 177 VAL A CB    1 
ATOM   1335 C CG1   . VAL A 1 177 ? 0.473   -4.010  -8.191  1.00 19.79 ? 177 VAL A CG1   1 
ATOM   1336 C CG2   . VAL A 1 177 ? -1.663  -3.463  -9.399  1.00 19.31 ? 177 VAL A CG2   1 
ATOM   1337 N N     . ASP A 1 178 ? -0.475  -3.096  -5.177  1.00 18.73 ? 178 ASP A N     1 
ATOM   1338 C CA    . ASP A 1 178 ? 0.336   -3.162  -3.964  1.00 18.75 ? 178 ASP A CA    1 
ATOM   1339 C C     . ASP A 1 178 ? 0.695   -4.587  -3.629  1.00 18.52 ? 178 ASP A C     1 
ATOM   1340 O O     . ASP A 1 178 ? -0.100  -5.469  -3.871  1.00 18.67 ? 178 ASP A O     1 
ATOM   1341 C CB    . ASP A 1 178 ? -0.465  -2.538  -2.832  1.00 18.89 ? 178 ASP A CB    1 
ATOM   1342 C CG    . ASP A 1 178 ? 0.014   -2.954  -1.477  1.00 19.19 ? 178 ASP A CG    1 
ATOM   1343 O OD1   . ASP A 1 178 ? 0.624   -2.106  -0.808  1.00 19.42 ? 178 ASP A OD1   1 
ATOM   1344 O OD2   . ASP A 1 178 ? -0.212  -4.080  -0.978  1.00 20.23 ? 178 ASP A OD2   1 
ATOM   1345 N N     . VAL A 1 179 ? 1.878   -4.813  -3.076  1.00 18.23 ? 179 VAL A N     1 
ATOM   1346 C CA    . VAL A 1 179 ? 2.306   -6.155  -2.768  1.00 18.57 ? 179 VAL A CA    1 
ATOM   1347 C C     . VAL A 1 179 ? 3.348   -6.206  -1.677  1.00 19.60 ? 179 VAL A C     1 
ATOM   1348 O O     . VAL A 1 179 ? 4.172   -5.304  -1.545  1.00 20.29 ? 179 VAL A O     1 
ATOM   1349 C CB    . VAL A 1 179 ? 2.927   -6.809  -3.977  1.00 18.68 ? 179 VAL A CB    1 
ATOM   1350 C CG1   . VAL A 1 179 ? 4.152   -6.044  -4.454  1.00 18.51 ? 179 VAL A CG1   1 
ATOM   1351 C CG2   . VAL A 1 179 ? 3.325   -8.239  -3.668  1.00 19.13 ? 179 VAL A CG2   1 
ATOM   1352 N N     . SER A 1 180 ? 3.341   -7.281  -0.897  1.00 20.21 ? 180 SER A N     1 
ATOM   1353 C CA    . SER A 1 180 ? 4.349   -7.420  0.128   1.00 20.61 ? 180 SER A CA    1 
ATOM   1354 C C     . SER A 1 180 ? 4.897   -8.824  0.310   1.00 20.04 ? 180 SER A C     1 
ATOM   1355 O O     . SER A 1 180 ? 6.104   -8.981  0.334   1.00 21.25 ? 180 SER A O     1 
ATOM   1356 C CB    . SER A 1 180 ? 3.869   -6.865  1.444   1.00 20.65 ? 180 SER A CB    1 
ATOM   1357 O OG    . SER A 1 180 ? 2.935   -7.723  1.967   1.00 21.03 ? 180 SER A OG    1 
ATOM   1358 N N     . SER A 1 181 ? 4.075   -9.839  0.458   1.00 19.14 ? 181 SER A N     1 
ATOM   1359 C CA    . SER A 1 181 ? 4.659   -11.184 0.582   1.00 18.88 ? 181 SER A CA    1 
ATOM   1360 C C     . SER A 1 181 ? 4.916   -11.846 -0.753  1.00 18.17 ? 181 SER A C     1 
ATOM   1361 O O     . SER A 1 181 ? 5.747   -12.698 -0.870  1.00 17.42 ? 181 SER A O     1 
ATOM   1362 C CB    . SER A 1 181 ? 3.784   -12.096 1.411   1.00 19.10 ? 181 SER A CB    1 
ATOM   1363 O OG    . SER A 1 181 ? 2.559   -12.332 0.748   1.00 19.41 ? 181 SER A OG    1 
ATOM   1364 N N     . GLY A 1 182 ? 4.188   -11.441 -1.771  1.00 18.40 ? 182 GLY A N     1 
ATOM   1365 C CA    . GLY A 1 182 ? 4.360   -12.009 -3.087  1.00 18.24 ? 182 GLY A CA    1 
ATOM   1366 C C     . GLY A 1 182 ? 5.702   -11.753 -3.731  1.00 18.61 ? 182 GLY A C     1 
ATOM   1367 O O     . GLY A 1 182 ? 5.924   -12.291 -4.797  1.00 18.72 ? 182 GLY A O     1 
ATOM   1368 N N     . VAL A 1 183 ? 6.562   -10.922 -3.127  1.00 19.15 ? 183 VAL A N     1 
ATOM   1369 C CA    . VAL A 1 183 ? 7.912   -10.668 -3.637  1.00 19.74 ? 183 VAL A CA    1 
ATOM   1370 C C     . VAL A 1 183 ? 8.943   -10.863 -2.496  1.00 20.97 ? 183 VAL A C     1 
ATOM   1371 O O     . VAL A 1 183 ? 10.008  -10.229 -2.441  1.00 20.59 ? 183 VAL A O     1 
ATOM   1372 C CB    . VAL A 1 183 ? 8.053   -9.262  -4.193  1.00 19.18 ? 183 VAL A CB    1 
ATOM   1373 C CG1   . VAL A 1 183 ? 7.087   -9.042  -5.308  1.00 19.72 ? 183 VAL A CG1   1 
ATOM   1374 C CG2   . VAL A 1 183 ? 7.817   -8.273  -3.131  1.00 19.39 ? 183 VAL A CG2   1 
ATOM   1375 N N     . GLU A 1 184 ? 8.622   -11.767 -1.582  1.00 21.98 ? 184 GLU A N     1 
ATOM   1376 C CA    . GLU A 1 184 ? 9.477   -11.997 -0.443  1.00 22.64 ? 184 GLU A CA    1 
ATOM   1377 C C     . GLU A 1 184 ? 10.213  -13.310 -0.461  1.00 23.42 ? 184 GLU A C     1 
ATOM   1378 O O     . GLU A 1 184 ? 9.835   -14.242 -1.137  1.00 23.82 ? 184 GLU A O     1 
ATOM   1379 C CB    . GLU A 1 184 ? 8.655   -11.946 0.819   1.00 22.81 ? 184 GLU A CB    1 
ATOM   1380 C CG    . GLU A 1 184 ? 8.367   -10.545 1.290   1.00 23.82 ? 184 GLU A CG    1 
ATOM   1381 C CD    . GLU A 1 184 ? 7.862   -10.521 2.712   1.00 24.61 ? 184 GLU A CD    1 
ATOM   1382 O OE1   . GLU A 1 184 ? 7.509   -11.600 3.225   1.00 23.56 ? 184 GLU A OE1   1 
ATOM   1383 O OE2   . GLU A 1 184 ? 7.822   -9.429  3.322   1.00 28.25 ? 184 GLU A OE2   1 
ATOM   1384 N N     . ALA A 1 185 ? 11.294  -13.340 0.297   1.00 24.54 ? 185 ALA A N     1 
ATOM   1385 C CA    . ALA A 1 185 ? 12.093  -14.535 0.514   1.00 25.41 ? 185 ALA A CA    1 
ATOM   1386 C C     . ALA A 1 185 ? 11.629  -15.101 1.850   1.00 26.02 ? 185 ALA A C     1 
ATOM   1387 O O     . ALA A 1 185 ? 11.632  -16.307 2.058   1.00 26.83 ? 185 ALA A O     1 
ATOM   1388 C CB    . ALA A 1 185 ? 13.566  -14.169 0.595   1.00 25.80 ? 185 ALA A CB    1 
ATOM   1389 N N     . PHE A 1 186 ? 11.254  -14.200 2.757   1.00 26.00 ? 186 PHE A N     1 
ATOM   1390 C CA    . PHE A 1 186 ? 10.683  -14.554 4.033   1.00 26.19 ? 186 PHE A CA    1 
ATOM   1391 C C     . PHE A 1 186 ? 10.166  -13.264 4.665   1.00 26.29 ? 186 PHE A C     1 
ATOM   1392 O O     . PHE A 1 186 ? 10.513  -12.187 4.218   1.00 26.45 ? 186 PHE A O     1 
ATOM   1393 C CB    . PHE A 1 186 ? 11.659  -15.357 4.927   1.00 26.54 ? 186 PHE A CB    1 
ATOM   1394 C CG    . PHE A 1 186 ? 12.877  -14.607 5.397   1.00 26.95 ? 186 PHE A CG    1 
ATOM   1395 C CD1   . PHE A 1 186 ? 12.806  -13.763 6.477   1.00 28.48 ? 186 PHE A CD1   1 
ATOM   1396 C CD2   . PHE A 1 186 ? 14.115  -14.811 4.796   1.00 26.41 ? 186 PHE A CD2   1 
ATOM   1397 C CE1   . PHE A 1 186 ? 13.957  -13.074 6.920   1.00 29.55 ? 186 PHE A CE1   1 
ATOM   1398 C CE2   . PHE A 1 186 ? 15.238  -14.149 5.235   1.00 26.28 ? 186 PHE A CE2   1 
ATOM   1399 C CZ    . PHE A 1 186 ? 15.161  -13.270 6.291   1.00 27.69 ? 186 PHE A CZ    1 
ATOM   1400 N N     . PRO A 1 187 ? 9.311   -13.366 5.675   1.00 26.58 ? 187 PRO A N     1 
ATOM   1401 C CA    . PRO A 1 187 ? 8.721   -12.194 6.306   1.00 26.67 ? 187 PRO A CA    1 
ATOM   1402 C C     . PRO A 1 187 ? 9.773   -11.175 6.661   1.00 26.52 ? 187 PRO A C     1 
ATOM   1403 O O     . PRO A 1 187 ? 10.739  -11.501 7.355   1.00 26.82 ? 187 PRO A O     1 
ATOM   1404 C CB    . PRO A 1 187 ? 8.096   -12.774 7.580   1.00 26.71 ? 187 PRO A CB    1 
ATOM   1405 C CG    . PRO A 1 187 ? 7.726   -14.126 7.200   1.00 26.84 ? 187 PRO A CG    1 
ATOM   1406 C CD    . PRO A 1 187 ? 8.859   -14.599 6.337   1.00 26.89 ? 187 PRO A CD    1 
ATOM   1407 N N     . GLY A 1 188 ? 9.593   -9.960  6.153   1.00 26.24 ? 188 GLY A N     1 
ATOM   1408 C CA    . GLY A 1 188 ? 10.514  -8.862  6.406   1.00 25.33 ? 188 GLY A CA    1 
ATOM   1409 C C     . GLY A 1 188 ? 11.672  -8.724  5.433   1.00 24.45 ? 188 GLY A C     1 
ATOM   1410 O O     . GLY A 1 188 ? 12.338  -7.696  5.475   1.00 24.28 ? 188 GLY A O     1 
ATOM   1411 N N     . LYS A 1 189 ? 11.920  -9.728  4.587   1.00 23.40 ? 189 LYS A N     1 
ATOM   1412 C CA    . LYS A 1 189 ? 13.026  -9.678  3.617   1.00 23.17 ? 189 LYS A CA    1 
ATOM   1413 C C     . LYS A 1 189 ? 12.601  -9.939  2.172   1.00 22.93 ? 189 LYS A C     1 
ATOM   1414 O O     . LYS A 1 189 ? 12.166  -11.036 1.829   1.00 22.60 ? 189 LYS A O     1 
ATOM   1415 C CB    . LYS A 1 189 ? 14.107  -10.694 3.963   1.00 22.99 ? 189 LYS A CB    1 
ATOM   1416 C CG    . LYS A 1 189 ? 15.260  -10.704 2.966   1.00 22.82 ? 189 LYS A CG    1 
ATOM   1417 C CD    . LYS A 1 189 ? 16.266  -9.566  3.230   1.00 22.29 ? 189 LYS A CD    1 
ATOM   1418 C CE    . LYS A 1 189 ? 17.354  -9.532  2.168   1.00 22.13 ? 189 LYS A CE    1 
ATOM   1419 N NZ    . LYS A 1 189 ? 16.881  -9.127  0.801   1.00 20.14 ? 189 LYS A NZ    1 
ATOM   1420 N N     . LYS A 1 190 ? 12.765  -8.934  1.322   1.00 22.78 ? 190 LYS A N     1 
ATOM   1421 C CA    . LYS A 1 190 ? 12.358  -9.052  -0.063  1.00 22.81 ? 190 LYS A CA    1 
ATOM   1422 C C     . LYS A 1 190 ? 13.333  -9.897  -0.852  1.00 22.43 ? 190 LYS A C     1 
ATOM   1423 O O     . LYS A 1 190 ? 14.411  -10.153 -0.407  1.00 22.59 ? 190 LYS A O     1 
ATOM   1424 C CB    . LYS A 1 190 ? 12.228  -7.672  -0.702  1.00 23.00 ? 190 LYS A CB    1 
ATOM   1425 C CG    . LYS A 1 190 ? 11.261  -6.725  0.028   1.00 23.29 ? 190 LYS A CG    1 
ATOM   1426 C CD    . LYS A 1 190 ? 9.862   -7.310  0.185   1.00 23.15 ? 190 LYS A CD    1 
ATOM   1427 C CE    . LYS A 1 190 ? 9.031   -6.457  1.134   1.00 23.85 ? 190 LYS A CE    1 
ATOM   1428 N NZ    . LYS A 1 190 ? 7.668   -6.989  1.450   1.00 22.88 ? 190 LYS A NZ    1 
ATOM   1429 N N     . ASP A 1 191 ? 12.922  -10.304 -2.041  1.00 22.28 ? 191 ASP A N     1 
ATOM   1430 C CA    . ASP A 1 191 ? 13.716  -11.115 -2.940  1.00 21.88 ? 191 ASP A CA    1 
ATOM   1431 C C     . ASP A 1 191 ? 13.851  -10.281 -4.197  1.00 21.28 ? 191 ASP A C     1 
ATOM   1432 O O     . ASP A 1 191 ? 12.906  -10.175 -4.956  1.00 21.56 ? 191 ASP A O     1 
ATOM   1433 C CB    . ASP A 1 191 ? 12.964  -12.413 -3.249  1.00 22.09 ? 191 ASP A CB    1 
ATOM   1434 C CG    . ASP A 1 191 ? 13.595  -13.218 -4.379  1.00 22.58 ? 191 ASP A CG    1 
ATOM   1435 O OD1   . ASP A 1 191 ? 13.056  -13.192 -5.508  1.00 21.32 ? 191 ASP A OD1   1 
ATOM   1436 O OD2   . ASP A 1 191 ? 14.616  -13.926 -4.222  1.00 23.63 ? 191 ASP A OD2   1 
ATOM   1437 N N     . HIS A 1 192 ? 15.022  -9.688  -4.401  1.00 20.76 ? 192 HIS A N     1 
ATOM   1438 C CA    . HIS A 1 192 ? 15.264  -8.741  -5.498  1.00 20.25 ? 192 HIS A CA    1 
ATOM   1439 C C     . HIS A 1 192 ? 14.841  -9.231  -6.894  1.00 20.08 ? 192 HIS A C     1 
ATOM   1440 O O     . HIS A 1 192 ? 14.287  -8.475  -7.691  1.00 18.54 ? 192 HIS A O     1 
ATOM   1441 C CB    . HIS A 1 192 ? 16.721  -8.264  -5.461  1.00 19.99 ? 192 HIS A CB    1 
ATOM   1442 C CG    . HIS A 1 192 ? 17.097  -7.639  -4.159  1.00 18.42 ? 192 HIS A CG    1 
ATOM   1443 N ND1   . HIS A 1 192 ? 18.369  -7.199  -3.880  1.00 16.57 ? 192 HIS A ND1   1 
ATOM   1444 C CD2   . HIS A 1 192 ? 16.362  -7.396  -3.049  1.00 18.21 ? 192 HIS A CD2   1 
ATOM   1445 C CE1   . HIS A 1 192 ? 18.405  -6.722  -2.646  1.00 17.46 ? 192 HIS A CE1   1 
ATOM   1446 N NE2   . HIS A 1 192 ? 17.198  -6.828  -2.119  1.00 16.89 ? 192 HIS A NE2   1 
ATOM   1447 N N     . ASP A 1 193 ? 15.038  -10.502 -7.184  1.00 20.66 ? 193 ASP A N     1 
ATOM   1448 C CA    . ASP A 1 193 ? 14.603  -10.976 -8.481  1.00 21.51 ? 193 ASP A CA    1 
ATOM   1449 C C     . ASP A 1 193 ? 13.084  -10.874 -8.642  1.00 21.21 ? 193 ASP A C     1 
ATOM   1450 O O     . ASP A 1 193 ? 12.602  -10.552 -9.710  1.00 21.06 ? 193 ASP A O     1 
ATOM   1451 C CB    . ASP A 1 193 ? 15.044  -12.401 -8.731  1.00 21.68 ? 193 ASP A CB    1 
ATOM   1452 C CG    . ASP A 1 193 ? 14.588  -12.904 -10.090 1.00 24.48 ? 193 ASP A CG    1 
ATOM   1453 O OD1   . ASP A 1 193 ? 13.645  -13.733 -10.131 1.00 28.21 ? 193 ASP A OD1   1 
ATOM   1454 O OD2   . ASP A 1 193 ? 15.092  -12.498 -11.170 1.00 25.72 ? 193 ASP A OD2   1 
ATOM   1455 N N     . SER A 1 194 ? 12.344  -11.156 -7.578  1.00 21.31 ? 194 SER A N     1 
ATOM   1456 C CA    . SER A 1 194 ? 10.885  -11.097 -7.606  1.00 21.39 ? 194 SER A CA    1 
ATOM   1457 C C     . SER A 1 194 ? 10.421  -9.655  -7.758  1.00 21.41 ? 194 SER A C     1 
ATOM   1458 O O     . SER A 1 194 ? 9.467   -9.344  -8.504  1.00 21.17 ? 194 SER A O     1 
ATOM   1459 C CB    . SER A 1 194 ? 10.311  -11.695 -6.326  1.00 21.75 ? 194 SER A CB    1 
ATOM   1460 O OG    . SER A 1 194 ? 10.497  -13.108 -6.290  1.00 22.58 ? 194 SER A OG    1 
ATOM   1461 N N     . ILE A 1 195 ? 11.109  -8.756  -7.065  1.00 21.29 ? 195 ILE A N     1 
ATOM   1462 C CA    . ILE A 1 195 ? 10.787  -7.341  -7.195  1.00 21.29 ? 195 ILE A CA    1 
ATOM   1463 C C     . ILE A 1 195 ? 11.015  -6.873  -8.648  1.00 21.01 ? 195 ILE A C     1 
ATOM   1464 O O     . ILE A 1 195 ? 10.156  -6.260  -9.248  1.00 21.09 ? 195 ILE A O     1 
ATOM   1465 C CB    . ILE A 1 195 ? 11.604  -6.508  -6.219  1.00 21.06 ? 195 ILE A CB    1 
ATOM   1466 C CG1   . ILE A 1 195 ? 11.341  -6.969  -4.791  1.00 22.44 ? 195 ILE A CG1   1 
ATOM   1467 C CG2   . ILE A 1 195 ? 11.230  -5.082  -6.353  1.00 20.97 ? 195 ILE A CG2   1 
ATOM   1468 C CD1   . ILE A 1 195 ? 11.875  -6.001  -3.703  1.00 23.57 ? 195 ILE A CD1   1 
ATOM   1469 N N     . LYS A 1 196 ? 12.154  -7.220  -9.217  1.00 20.93 ? 196 LYS A N     1 
ATOM   1470 C CA    . LYS A 1 196 ? 12.477  -6.832  -10.560 1.00 21.44 ? 196 LYS A CA    1 
ATOM   1471 C C     . LYS A 1 196 ? 11.349  -7.292  -11.452 1.00 21.96 ? 196 LYS A C     1 
ATOM   1472 O O     . LYS A 1 196 ? 10.739  -6.529  -12.172 1.00 22.17 ? 196 LYS A O     1 
ATOM   1473 C CB    . LYS A 1 196 ? 13.805  -7.481  -10.965 1.00 21.63 ? 196 LYS A CB    1 
ATOM   1474 C CG    . LYS A 1 196 ? 14.118  -7.430  -12.428 1.00 22.36 ? 196 LYS A CG    1 
ATOM   1475 C CD    . LYS A 1 196 ? 15.385  -8.175  -12.756 1.00 24.10 ? 196 LYS A CD    1 
ATOM   1476 C CE    . LYS A 1 196 ? 15.335  -9.671  -12.414 1.00 24.70 ? 196 LYS A CE    1 
ATOM   1477 N NZ    . LYS A 1 196 ? 16.515  -10.411 -12.935 1.00 24.36 ? 196 LYS A NZ    1 
ATOM   1478 N N     . MET A 1 197 ? 11.053  -8.567  -11.367 1.00 23.02 ? 197 MET A N     1 
ATOM   1479 C CA    . MET A 1 197 ? 9.992   -9.162  -12.151 1.00 23.62 ? 197 MET A CA    1 
ATOM   1480 C C     . MET A 1 197 ? 8.599   -8.590  -11.878 1.00 22.94 ? 197 MET A C     1 
ATOM   1481 O O     . MET A 1 197 ? 7.818   -8.384  -12.816 1.00 22.35 ? 197 MET A O     1 
ATOM   1482 C CB    . MET A 1 197 ? 10.012  -10.657 -11.906 1.00 24.38 ? 197 MET A CB    1 
ATOM   1483 C CG    . MET A 1 197 ? 11.240  -11.295 -12.519 1.00 27.89 ? 197 MET A CG    1 
ATOM   1484 S SD    . MET A 1 197 ? 11.121  -11.270 -14.326 1.00 35.40 ? 197 MET A SD    1 
ATOM   1485 C CE    . MET A 1 197 ? 12.150  -9.771  -14.756 1.00 37.46 ? 197 MET A CE    1 
ATOM   1486 N N     . PHE A 1 198 ? 8.278   -8.319  -10.617 1.00 22.30 ? 198 PHE A N     1 
ATOM   1487 C CA    . PHE A 1 198 ? 6.959   -7.787  -10.322 1.00 21.64 ? 198 PHE A CA    1 
ATOM   1488 C C     . PHE A 1 198 ? 6.830   -6.443  -11.010 1.00 21.57 ? 198 PHE A C     1 
ATOM   1489 O O     . PHE A 1 198 ? 5.860   -6.208  -11.709 1.00 21.11 ? 198 PHE A O     1 
ATOM   1490 C CB    . PHE A 1 198 ? 6.730   -7.668  -8.825  1.00 21.40 ? 198 PHE A CB    1 
ATOM   1491 C CG    . PHE A 1 198 ? 5.340   -7.236  -8.456  1.00 20.70 ? 198 PHE A CG    1 
ATOM   1492 C CD1   . PHE A 1 198 ? 4.362   -8.164  -8.175  1.00 19.99 ? 198 PHE A CD1   1 
ATOM   1493 C CD2   . PHE A 1 198 ? 5.002   -5.908  -8.374  1.00 18.79 ? 198 PHE A CD2   1 
ATOM   1494 C CE1   . PHE A 1 198 ? 3.076   -7.764  -7.823  1.00 17.09 ? 198 PHE A CE1   1 
ATOM   1495 C CE2   . PHE A 1 198 ? 3.725   -5.537  -8.030  1.00 17.44 ? 198 PHE A CE2   1 
ATOM   1496 C CZ    . PHE A 1 198 ? 2.775   -6.461  -7.754  1.00 15.38 ? 198 PHE A CZ    1 
ATOM   1497 N N     . ILE A 1 199 ? 7.818   -5.567  -10.861 1.00 21.77 ? 199 ILE A N     1 
ATOM   1498 C CA    . ILE A 1 199 ? 7.702   -4.247  -11.495 1.00 22.60 ? 199 ILE A CA    1 
ATOM   1499 C C     . ILE A 1 199 ? 7.778   -4.314  -13.017 1.00 23.12 ? 199 ILE A C     1 
ATOM   1500 O O     . ILE A 1 199 ? 7.070   -3.607  -13.724 1.00 22.15 ? 199 ILE A O     1 
ATOM   1501 C CB    . ILE A 1 199 ? 8.746   -3.264  -10.954 1.00 22.35 ? 199 ILE A CB    1 
ATOM   1502 C CG1   . ILE A 1 199 ? 8.534   -3.079  -9.464  1.00 21.10 ? 199 ILE A CG1   1 
ATOM   1503 C CG2   . ILE A 1 199 ? 8.567   -1.907  -11.632 1.00 23.98 ? 199 ILE A CG2   1 
ATOM   1504 C CD1   . ILE A 1 199 ? 9.638   -2.421  -8.774  1.00 20.14 ? 199 ILE A CD1   1 
ATOM   1505 N N     . LYS A 1 200 ? 8.650   -5.177  -13.498 1.00 24.19 ? 200 LYS A N     1 
ATOM   1506 C CA    . LYS A 1 200 ? 8.835   -5.374  -14.907 1.00 25.56 ? 200 LYS A CA    1 
ATOM   1507 C C     . LYS A 1 200 ? 7.489   -5.770  -15.494 1.00 25.31 ? 200 LYS A C     1 
ATOM   1508 O O     . LYS A 1 200 ? 7.003   -5.195  -16.462 1.00 25.63 ? 200 LYS A O     1 
ATOM   1509 C CB    . LYS A 1 200 ? 9.892   -6.471  -15.107 1.00 26.58 ? 200 LYS A CB    1 
ATOM   1510 C CG    . LYS A 1 200 ? 10.647  -6.410  -16.421 1.00 31.05 ? 200 LYS A CG    1 
ATOM   1511 C CD    . LYS A 1 200 ? 9.875   -7.094  -17.547 1.00 36.76 ? 200 LYS A CD    1 
ATOM   1512 C CE    . LYS A 1 200 ? 10.153  -8.616  -17.573 1.00 39.65 ? 200 LYS A CE    1 
ATOM   1513 N NZ    . LYS A 1 200 ? 11.595  -8.970  -17.888 1.00 39.91 ? 200 LYS A NZ    1 
ATOM   1514 N N     . ASN A 1 201 ? 6.845   -6.731  -14.868 1.00 25.42 ? 201 ASN A N     1 
ATOM   1515 C CA    . ASN A 1 201 ? 5.582   -7.209  -15.393 1.00 25.18 ? 201 ASN A CA    1 
ATOM   1516 C C     . ASN A 1 201 ? 4.437   -6.250  -15.220 1.00 25.65 ? 201 ASN A C     1 
ATOM   1517 O O     . ASN A 1 201 ? 3.709   -6.030  -16.171 1.00 25.92 ? 201 ASN A O     1 
ATOM   1518 C CB    . ASN A 1 201 ? 5.223   -8.558  -14.782 1.00 24.96 ? 201 ASN A CB    1 
ATOM   1519 C CG    . ASN A 1 201 ? 6.005   -9.724  -15.401 1.00 23.75 ? 201 ASN A CG    1 
ATOM   1520 O OD1   . ASN A 1 201 ? 6.538   -9.615  -16.499 1.00 23.28 ? 201 ASN A OD1   1 
ATOM   1521 N ND2   . ASN A 1 201 ? 6.065   -10.841 -14.692 1.00 20.12 ? 201 ASN A ND2   1 
ATOM   1522 N N     . ALA A 1 202 ? 4.251   -5.691  -14.022 1.00 26.31 ? 202 ALA A N     1 
ATOM   1523 C CA    . ALA A 1 202 ? 3.121   -4.773  -13.770 1.00 26.92 ? 202 ALA A CA    1 
ATOM   1524 C C     . ALA A 1 202 ? 3.130   -3.526  -14.642 1.00 27.74 ? 202 ALA A C     1 
ATOM   1525 O O     . ALA A 1 202 ? 2.085   -3.057  -15.037 1.00 27.26 ? 202 ALA A O     1 
ATOM   1526 C CB    . ALA A 1 202 ? 3.068   -4.375  -12.328 1.00 26.93 ? 202 ALA A CB    1 
ATOM   1527 N N     . LYS A 1 203 ? 4.303   -3.008  -14.967 1.00 29.29 ? 203 LYS A N     1 
ATOM   1528 C CA    . LYS A 1 203 ? 4.394   -1.792  -15.762 1.00 31.03 ? 203 LYS A CA    1 
ATOM   1529 C C     . LYS A 1 203 ? 4.552   -2.044  -17.273 1.00 33.15 ? 203 LYS A C     1 
ATOM   1530 O O     . LYS A 1 203 ? 4.331   -1.134  -18.091 1.00 33.19 ? 203 LYS A O     1 
ATOM   1531 C CB    . LYS A 1 203 ? 5.533   -0.906  -15.257 1.00 31.10 ? 203 LYS A CB    1 
ATOM   1532 C CG    . LYS A 1 203 ? 5.273   -0.295  -13.881 1.00 30.77 ? 203 LYS A CG    1 
ATOM   1533 C CD    . LYS A 1 203 ? 6.282   0.767   -13.528 1.00 29.98 ? 203 LYS A CD    1 
ATOM   1534 C CE    . LYS A 1 203 ? 5.852   1.573   -12.304 1.00 31.76 ? 203 LYS A CE    1 
ATOM   1535 N NZ    . LYS A 1 203 ? 6.612   2.878   -12.108 1.00 32.37 ? 203 LYS A NZ    1 
ATOM   1536 N N     . GLY A 1 204 ? 4.920   -3.268  -17.654 1.00 35.21 ? 204 GLY A N     1 
ATOM   1537 C CA    . GLY A 1 204 ? 5.076   -3.600  -19.064 1.00 36.61 ? 204 GLY A CA    1 
ATOM   1538 C C     . GLY A 1 204 ? 6.373   -3.103  -19.695 1.00 37.86 ? 204 GLY A C     1 
ATOM   1539 O O     . GLY A 1 204 ? 6.387   -2.631  -20.831 1.00 38.19 ? 204 GLY A O     1 
ATOM   1540 N N     . LEU A 1 205 ? 7.468   -3.218  -18.961 1.00 39.24 ? 205 LEU A N     1 
ATOM   1541 C CA    . LEU A 1 205 ? 8.768   -2.752  -19.445 1.00 40.46 ? 205 LEU A CA    1 
ATOM   1542 C C     . LEU A 1 205 ? 9.525   -3.856  -20.192 1.00 40.54 ? 205 LEU A C     1 
ATOM   1543 O O     . LEU A 1 205 ? 9.373   -5.030  -19.852 1.00 40.90 ? 205 LEU A O     1 
ATOM   1544 C CB    . LEU A 1 205 ? 9.600   -2.220  -18.263 1.00 40.83 ? 205 LEU A CB    1 
ATOM   1545 C CG    . LEU A 1 205 ? 9.195   -0.844  -17.737 1.00 41.97 ? 205 LEU A CG    1 
ATOM   1546 C CD1   . LEU A 1 205 ? 7.851   -0.400  -18.306 1.00 42.48 ? 205 LEU A CD1   1 
ATOM   1547 C CD2   . LEU A 1 205 ? 9.177   -0.854  -16.188 1.00 43.35 ? 205 LEU A CD2   1 
ATOM   1548 O OXT   . LEU A 1 205 ? 10.563  -3.490  -20.831 0.00 43.71 ? 205 LEU A OXT   1 
HETATM 1549 P P     . 137 B 2 .   ? 0.091   -9.635  0.117   1.00 22.90 ? 400 137 A P     1 
HETATM 1550 O O1P   . 137 B 2 .   ? -0.884  -10.164 -0.879  1.00 29.11 ? 400 137 A O1P   1 
HETATM 1551 O O2P   . 137 B 2 .   ? 0.180   -10.395 1.413   1.00 23.70 ? 400 137 A O2P   1 
HETATM 1552 O O3P   . 137 B 2 .   ? 1.471   -9.411  -0.438  1.00 28.18 ? 400 137 A O3P   1 
HETATM 1553 O "O5'" . 137 B 2 .   ? -0.571  -8.193  0.301   1.00 25.25 ? 400 137 A "O5'" 1 
HETATM 1554 C "C5'" . 137 B 2 .   ? -0.571  -7.671  1.591   1.00 24.96 ? 400 137 A "C5'" 1 
HETATM 1555 C "C4'" . 137 B 2 .   ? -1.213  -6.288  1.641   1.00 26.04 ? 400 137 A "C4'" 1 
HETATM 1556 O "O4'" . 137 B 2 .   ? -2.466  -6.486  2.250   1.00 22.84 ? 400 137 A "O4'" 1 
HETATM 1557 C "C3'" . 137 B 2 .   ? -0.196  -5.520  2.453   1.00 27.57 ? 400 137 A "C3'" 1 
HETATM 1558 O "O3'" . 137 B 2 .   ? 0.877   -5.604  1.534   1.00 29.73 ? 400 137 A "O3'" 1 
HETATM 1559 C "C2'" . 137 B 2 .   ? -0.244  -4.062  2.887   1.00 28.13 ? 400 137 A "C2'" 1 
HETATM 1560 O "O2'" . 137 B 2 .   ? -1.536  -3.494  2.820   1.00 29.10 ? 400 137 A "O2'" 1 
HETATM 1561 C "C1'" . 137 B 2 .   ? 0.364   -4.027  4.293   1.00 27.68 ? 400 137 A "C1'" 1 
HETATM 1562 N NH    . 137 B 2 .   ? 0.645   -5.152  4.964   1.00 27.01 ? 400 137 A NH    1 
HETATM 1563 C C1    . 137 B 2 .   ? 0.621   -6.407  7.179   1.00 28.34 ? 400 137 A C1    1 
HETATM 1564 C C2    . 137 B 2 .   ? 0.161   -5.353  6.228   1.00 28.27 ? 400 137 A C2    1 
HETATM 1565 C C3    . 137 B 2 .   ? -0.834  -4.530  6.700   1.00 28.68 ? 400 137 A C3    1 
HETATM 1566 C C4    . 137 B 2 .   ? -1.344  -4.705  7.985   1.00 28.99 ? 400 137 A C4    1 
HETATM 1567 C C5    . 137 B 2 .   ? -0.896  -5.700  8.846   1.00 28.57 ? 400 137 A C5    1 
HETATM 1568 C C6    . 137 B 2 .   ? 0.094   -6.560  8.445   1.00 28.33 ? 400 137 A C6    1 
HETATM 1569 C C7    . 137 B 2 .   ? 1.667   -7.363  6.826   1.00 30.53 ? 400 137 A C7    1 
HETATM 1570 O O71   . 137 B 2 .   ? 2.003   -8.207  7.647   1.00 29.80 ? 400 137 A O71   1 
HETATM 1571 O O72   . 137 B 2 .   ? 2.158   -7.287  5.713   1.00 34.86 ? 400 137 A O72   1 
HETATM 1572 O O     . HOH C 3 .   ? 12.335  -5.370  3.482   1.00 18.15 ? 401 HOH A O     1 
HETATM 1573 O O     . HOH C 3 .   ? -19.852 -7.372  -8.546  1.00 48.40 ? 402 HOH A O     1 
HETATM 1574 O O     . HOH C 3 .   ? -0.353  -8.004  -2.975  1.00 21.47 ? 403 HOH A O     1 
HETATM 1575 O O     . HOH C 3 .   ? 9.508   12.262  2.803   1.00 9.40  ? 404 HOH A O     1 
HETATM 1576 O O     . HOH C 3 .   ? 21.131  2.774   -5.544  1.00 29.83 ? 405 HOH A O     1 
HETATM 1577 O O     . HOH C 3 .   ? -21.435 1.138   -9.903  1.00 16.20 ? 406 HOH A O     1 
HETATM 1578 O O     . HOH C 3 .   ? 20.244  -1.737  -2.769  1.00 14.24 ? 407 HOH A O     1 
HETATM 1579 O O     . HOH C 3 .   ? -16.708 8.716   1.893   1.00 13.87 ? 408 HOH A O     1 
HETATM 1580 O O     . HOH C 3 .   ? 8.645   7.376   -8.805  1.00 32.24 ? 409 HOH A O     1 
HETATM 1581 O O     . HOH C 3 .   ? 6.757   15.810  5.976   1.00 39.36 ? 410 HOH A O     1 
HETATM 1582 O O     . HOH C 3 .   ? 0.629   13.985  2.306   1.00 22.90 ? 411 HOH A O     1 
HETATM 1583 O O     . HOH C 3 .   ? 7.363   -14.386 3.472   1.00 54.78 ? 412 HOH A O     1 
HETATM 1584 O O     . HOH C 3 .   ? -5.371  3.291   12.517  1.00 35.66 ? 413 HOH A O     1 
HETATM 1585 O O     . HOH C 3 .   ? -5.770  14.934  2.448   1.00 25.85 ? 414 HOH A O     1 
HETATM 1586 O O     . HOH C 3 .   ? 16.236  -12.429 -5.592  1.00 15.26 ? 415 HOH A O     1 
HETATM 1587 O O     . HOH C 3 .   ? -22.350 -10.822 -2.174  1.00 46.43 ? 416 HOH A O     1 
HETATM 1588 O O     . HOH C 3 .   ? -3.476  20.973  4.940   1.00 28.48 ? 417 HOH A O     1 
HETATM 1589 O O     . HOH C 3 .   ? -18.128 1.433   -12.350 1.00 33.59 ? 418 HOH A O     1 
HETATM 1590 O O     . HOH C 3 .   ? 17.043  -11.263 -3.328  1.00 50.15 ? 419 HOH A O     1 
HETATM 1591 O O     . HOH C 3 .   ? -1.272  0.076   14.199  1.00 21.85 ? 420 HOH A O     1 
HETATM 1592 O O     . HOH C 3 .   ? -8.421  3.970   -9.998  1.00 27.38 ? 421 HOH A O     1 
HETATM 1593 O O     . HOH C 3 .   ? -11.059 3.695   -10.352 1.00 33.13 ? 422 HOH A O     1 
HETATM 1594 O O     . HOH C 3 .   ? -8.541  4.462   16.338  1.00 46.39 ? 423 HOH A O     1 
HETATM 1595 O O     . HOH C 3 .   ? -7.114  5.712   -12.279 1.00 45.69 ? 424 HOH A O     1 
HETATM 1596 O O     . HOH C 3 .   ? -12.056 6.743   -4.238  1.00 33.58 ? 425 HOH A O     1 
HETATM 1597 O O     . HOH C 3 .   ? -1.486  5.104   -12.560 1.00 24.28 ? 426 HOH A O     1 
HETATM 1598 O O     . HOH C 3 .   ? -0.541  -12.204 -15.167 1.00 19.17 ? 427 HOH A O     1 
HETATM 1599 O O     . HOH C 3 .   ? 15.961  3.787   -11.757 1.00 69.34 ? 428 HOH A O     1 
HETATM 1600 O O     . HOH C 3 .   ? 18.715  2.869   -13.097 1.00 51.47 ? 429 HOH A O     1 
HETATM 1601 O O     . HOH C 3 .   ? 12.379  -4.284  -13.689 1.00 56.58 ? 430 HOH A O     1 
HETATM 1602 O O     . HOH C 3 .   ? 7.626   -2.788  7.172   1.00 32.25 ? 431 HOH A O     1 
HETATM 1603 O O     . HOH C 3 .   ? 11.983  12.315  3.583   1.00 24.82 ? 432 HOH A O     1 
HETATM 1604 O O     . HOH C 3 .   ? 20.101  -6.996  0.594   1.00 28.96 ? 433 HOH A O     1 
HETATM 1605 O O     . HOH C 3 .   ? 19.937  -3.144  4.434   1.00 22.75 ? 434 HOH A O     1 
HETATM 1606 O O     . HOH C 3 .   ? -17.926 5.099   9.703   1.00 39.20 ? 435 HOH A O     1 
HETATM 1607 O O     . HOH C 3 .   ? 1.355   -11.119 -2.550  1.00 27.14 ? 436 HOH A O     1 
HETATM 1608 O O     . HOH C 3 .   ? 17.134  -11.769 -0.832  1.00 58.06 ? 437 HOH A O     1 
HETATM 1609 O O     . HOH C 3 .   ? -4.769  1.391   -15.315 1.00 49.90 ? 438 HOH A O     1 
HETATM 1610 O O     . HOH C 3 .   ? -6.930  11.781  1.493   1.00 42.67 ? 439 HOH A O     1 
HETATM 1611 O O     . HOH C 3 .   ? 11.922  -4.060  11.718  1.00 42.42 ? 440 HOH A O     1 
HETATM 1612 O O     . HOH C 3 .   ? 18.172  -13.041 -12.177 1.00 31.41 ? 441 HOH A O     1 
HETATM 1613 O O     . HOH C 3 .   ? 12.178  -2.320  14.180  1.00 37.61 ? 442 HOH A O     1 
HETATM 1614 O O     . HOH C 3 .   ? -7.528  -6.515  4.910   1.00 48.24 ? 443 HOH A O     1 
HETATM 1615 O O     . HOH C 3 .   ? 5.402   1.839   17.085  1.00 58.43 ? 444 HOH A O     1 
HETATM 1616 O O     . HOH C 3 .   ? -8.887  -3.542  5.705   1.00 30.16 ? 445 HOH A O     1 
HETATM 1617 O O     . HOH C 3 .   ? 16.254  -4.994  -12.995 1.00 65.58 ? 446 HOH A O     1 
HETATM 1618 O O     . HOH C 3 .   ? 19.833  -1.723  6.835   1.00 18.42 ? 447 HOH A O     1 
HETATM 1619 O O     . HOH C 3 .   ? 10.183  -6.963  11.390  1.00 31.20 ? 448 HOH A O     1 
HETATM 1620 O O     . HOH C 3 .   ? 8.812   0.714   18.356  1.00 32.70 ? 449 HOH A O     1 
HETATM 1621 O O     . HOH C 3 .   ? 18.747  -6.422  2.899   1.00 31.74 ? 450 HOH A O     1 
HETATM 1622 O O     . HOH C 3 .   ? 5.797   8.673   -5.484  1.00 25.40 ? 451 HOH A O     1 
HETATM 1623 O O     . HOH C 3 .   ? 2.495   2.664   15.829  1.00 41.32 ? 452 HOH A O     1 
HETATM 1624 O O     . HOH C 3 .   ? -4.797  -7.626  10.652  1.00 48.44 ? 453 HOH A O     1 
HETATM 1625 O O     . HOH C 3 .   ? 5.279   14.204  7.216   1.00 33.22 ? 454 HOH A O     1 
HETATM 1626 O O     . HOH C 3 .   ? -12.039 -4.040  6.240   1.00 35.32 ? 455 HOH A O     1 
HETATM 1627 O O     . HOH C 3 .   ? 1.892   -10.516 -14.695 1.00 30.75 ? 456 HOH A O     1 
HETATM 1628 O O     . HOH C 3 .   ? 9.951   5.286   -13.756 1.00 49.71 ? 457 HOH A O     1 
HETATM 1629 O O     . HOH C 3 .   ? -17.979 -11.561 -10.884 1.00 32.55 ? 458 HOH A O     1 
HETATM 1630 O O     . HOH C 3 .   ? 10.423  -13.916 -11.352 1.00 48.51 ? 459 HOH A O     1 
HETATM 1631 O O     . HOH C 3 .   ? 6.703   -6.403  -20.016 1.00 55.90 ? 460 HOH A O     1 
HETATM 1632 O O     . HOH C 3 .   ? 15.318  -7.237  7.563   1.00 37.57 ? 461 HOH A O     1 
HETATM 1633 O O     . HOH C 3 .   ? 20.759  6.651   -0.453  1.00 26.56 ? 462 HOH A O     1 
HETATM 1634 O O     . HOH C 3 .   ? -20.689 10.881  -7.522  1.00 33.46 ? 463 HOH A O     1 
HETATM 1635 O O     . HOH C 3 .   ? 6.668   -15.670 1.061   1.00 57.65 ? 464 HOH A O     1 
HETATM 1636 O O     . HOH C 3 .   ? -10.331 2.164   15.095  1.00 34.55 ? 465 HOH A O     1 
HETATM 1637 O O     . HOH C 3 .   ? 18.990  -12.682 4.161   1.00 39.33 ? 466 HOH A O     1 
HETATM 1638 O O     . HOH C 3 .   ? 17.421  10.056  11.738  1.00 47.07 ? 467 HOH A O     1 
HETATM 1639 O O     . HOH C 3 .   ? -6.480  -4.900  16.566  1.00 43.67 ? 468 HOH A O     1 
HETATM 1640 O O     . HOH C 3 .   ? 4.946   14.649  3.092   1.00 61.19 ? 469 HOH A O     1 
# 
loop_
_pdbx_poly_seq_scheme.asym_id 
_pdbx_poly_seq_scheme.entity_id 
_pdbx_poly_seq_scheme.seq_id 
_pdbx_poly_seq_scheme.mon_id 
_pdbx_poly_seq_scheme.ndb_seq_num 
_pdbx_poly_seq_scheme.pdb_seq_num 
_pdbx_poly_seq_scheme.auth_seq_num 
_pdbx_poly_seq_scheme.pdb_mon_id 
_pdbx_poly_seq_scheme.auth_mon_id 
_pdbx_poly_seq_scheme.pdb_strand_id 
_pdbx_poly_seq_scheme.pdb_ins_code 
_pdbx_poly_seq_scheme.hetero 
A 1 1   MET 1   1   1   MET MET A . n 
A 1 2   VAL 2   2   2   VAL VAL A . n 
A 1 3   ARG 3   3   3   ARG ARG A . n 
A 1 4   VAL 4   4   4   VAL VAL A . n 
A 1 5   LYS 5   5   5   LYS LYS A . n 
A 1 6   ILE 6   6   6   ILE ILE A . n 
A 1 7   CYS 7   7   7   CYS CYS A . n 
A 1 8   GLY 8   8   8   GLY GLY A . n 
A 1 9   ILE 9   9   9   ILE ILE A . n 
A 1 10  THR 10  10  10  THR THR A . n 
A 1 11  ASN 11  11  11  ASN ASN A . n 
A 1 12  LEU 12  12  12  LEU LEU A . n 
A 1 13  GLU 13  13  13  GLU GLU A . n 
A 1 14  ASP 14  14  14  ASP ASP A . n 
A 1 15  ALA 15  15  15  ALA ALA A . n 
A 1 16  LEU 16  16  16  LEU LEU A . n 
A 1 17  PHE 17  17  17  PHE PHE A . n 
A 1 18  SER 18  18  18  SER SER A . n 
A 1 19  VAL 19  19  19  VAL VAL A . n 
A 1 20  GLU 20  20  20  GLU GLU A . n 
A 1 21  SER 21  21  21  SER SER A . n 
A 1 22  GLY 22  22  22  GLY GLY A . n 
A 1 23  ALA 23  23  23  ALA ALA A . n 
A 1 24  ASP 24  24  24  ASP ASP A . n 
A 1 25  ALA 25  25  25  ALA ALA A . n 
A 1 26  VAL 26  26  26  VAL VAL A . n 
A 1 27  GLY 27  27  27  GLY GLY A . n 
A 1 28  PHE 28  28  28  PHE PHE A . n 
A 1 29  VAL 29  29  29  VAL VAL A . n 
A 1 30  PHE 30  30  30  PHE PHE A . n 
A 1 31  TYR 31  31  31  TYR TYR A . n 
A 1 32  PRO 32  32  32  PRO PRO A . n 
A 1 33  LYS 33  33  33  LYS LYS A . n 
A 1 34  SER 34  34  34  SER SER A . n 
A 1 35  LYS 35  35  35  LYS LYS A . n 
A 1 36  ARG 36  36  36  ARG ARG A . n 
A 1 37  TYR 37  37  37  TYR TYR A . n 
A 1 38  ILE 38  38  38  ILE ILE A . n 
A 1 39  SER 39  39  39  SER SER A . n 
A 1 40  PRO 40  40  40  PRO PRO A . n 
A 1 41  GLU 41  41  41  GLU GLU A . n 
A 1 42  ASP 42  42  42  ASP ASP A . n 
A 1 43  ALA 43  43  43  ALA ALA A . n 
A 1 44  ARG 44  44  44  ARG ARG A . n 
A 1 45  ARG 45  45  45  ARG ARG A . n 
A 1 46  ILE 46  46  46  ILE ILE A . n 
A 1 47  SER 47  47  47  SER SER A . n 
A 1 48  VAL 48  48  48  VAL VAL A . n 
A 1 49  GLU 49  49  49  GLU GLU A . n 
A 1 50  LEU 50  50  50  LEU LEU A . n 
A 1 51  PRO 51  51  51  PRO PRO A . n 
A 1 52  PRO 52  52  52  PRO PRO A . n 
A 1 53  PHE 53  53  53  PHE PHE A . n 
A 1 54  VAL 54  54  54  VAL VAL A . n 
A 1 55  PHE 55  55  55  PHE PHE A . n 
A 1 56  ARG 56  56  56  ARG ARG A . n 
A 1 57  VAL 57  57  57  VAL VAL A . n 
A 1 58  GLY 58  58  58  GLY GLY A . n 
A 1 59  VAL 59  59  59  VAL VAL A . n 
A 1 60  PHE 60  60  60  PHE PHE A . n 
A 1 61  VAL 61  61  61  VAL VAL A . n 
A 1 62  ASN 62  62  62  ASN ASN A . n 
A 1 63  GLU 63  63  63  GLU GLU A . n 
A 1 64  GLU 64  64  64  GLU GLU A . n 
A 1 65  PRO 65  65  65  PRO PRO A . n 
A 1 66  GLU 66  66  66  GLU GLU A . n 
A 1 67  LYS 67  67  67  LYS LYS A . n 
A 1 68  ILE 68  68  68  ILE ILE A . n 
A 1 69  LEU 69  69  69  LEU LEU A . n 
A 1 70  ASP 70  70  70  ASP ASP A . n 
A 1 71  VAL 71  71  71  VAL VAL A . n 
A 1 72  ALA 72  72  72  ALA ALA A . n 
A 1 73  SER 73  73  73  SER SER A . n 
A 1 74  TYR 74  74  74  TYR TYR A . n 
A 1 75  VAL 75  75  75  VAL VAL A . n 
A 1 76  GLN 76  76  76  GLN GLN A . n 
A 1 77  LEU 77  77  77  LEU LEU A . n 
A 1 78  ASN 78  78  78  ASN ASN A . n 
A 1 79  ALA 79  79  79  ALA ALA A . n 
A 1 80  VAL 80  80  80  VAL VAL A . n 
A 1 81  GLN 81  81  81  GLN GLN A . n 
A 1 82  LEU 82  82  82  LEU LEU A . n 
A 1 83  HIS 83  83  83  HIS HIS A . n 
A 1 84  GLY 84  84  84  GLY GLY A . n 
A 1 85  GLU 85  85  85  GLU GLU A . n 
A 1 86  GLU 86  86  86  GLU GLU A . n 
A 1 87  PRO 87  87  87  PRO PRO A . n 
A 1 88  ILE 88  88  88  ILE ILE A . n 
A 1 89  GLU 89  89  89  GLU GLU A . n 
A 1 90  LEU 90  90  90  LEU LEU A . n 
A 1 91  CYS 91  91  91  CYS CYS A . n 
A 1 92  ARG 92  92  92  ARG ARG A . n 
A 1 93  LYS 93  93  93  LYS LYS A . n 
A 1 94  ILE 94  94  94  ILE ILE A . n 
A 1 95  ALA 95  95  95  ALA ALA A . n 
A 1 96  GLU 96  96  96  GLU GLU A . n 
A 1 97  ARG 97  97  97  ARG ARG A . n 
A 1 98  ILE 98  98  98  ILE ILE A . n 
A 1 99  LEU 99  99  99  LEU LEU A . n 
A 1 100 VAL 100 100 100 VAL VAL A . n 
A 1 101 ILE 101 101 101 ILE ILE A . n 
A 1 102 LYS 102 102 102 LYS LYS A . n 
A 1 103 ALA 103 103 103 ALA ALA A . n 
A 1 104 VAL 104 104 104 VAL VAL A . n 
A 1 105 GLY 105 105 105 GLY GLY A . n 
A 1 106 VAL 106 106 106 VAL VAL A . n 
A 1 107 SER 107 107 107 SER SER A . n 
A 1 108 ASN 108 108 108 ASN ASN A . n 
A 1 109 GLU 109 109 109 GLU GLU A . n 
A 1 110 ARG 110 110 110 ARG ARG A . n 
A 1 111 ASP 111 111 111 ASP ASP A . n 
A 1 112 MET 112 112 112 MET MET A . n 
A 1 113 GLU 113 113 113 GLU GLU A . n 
A 1 114 ARG 114 114 114 ARG ARG A . n 
A 1 115 ALA 115 115 115 ALA ALA A . n 
A 1 116 LEU 116 116 116 LEU LEU A . n 
A 1 117 ASN 117 117 117 ASN ASN A . n 
A 1 118 TYR 118 118 118 TYR TYR A . n 
A 1 119 ARG 119 119 119 ARG ARG A . n 
A 1 120 GLU 120 120 120 GLU GLU A . n 
A 1 121 PHE 121 121 121 PHE PHE A . n 
A 1 122 PRO 122 122 122 PRO PRO A . n 
A 1 123 ILE 123 123 123 ILE ILE A . n 
A 1 124 LEU 124 124 124 LEU LEU A . n 
A 1 125 LEU 125 125 125 LEU LEU A . n 
A 1 126 ASP 126 126 126 ASP ASP A . n 
A 1 127 THR 127 127 127 THR THR A . n 
A 1 128 LYS 128 128 ?   ?   ?   A . n 
A 1 129 THR 129 129 ?   ?   ?   A . n 
A 1 130 PRO 130 130 ?   ?   ?   A . n 
A 1 131 GLU 131 131 ?   ?   ?   A . n 
A 1 132 TYR 132 132 ?   ?   ?   A . n 
A 1 133 GLY 133 133 ?   ?   ?   A . n 
A 1 134 GLY 134 134 ?   ?   ?   A . n 
A 1 135 SER 135 135 ?   ?   ?   A . n 
A 1 136 GLY 136 136 ?   ?   ?   A . n 
A 1 137 LYS 137 137 ?   ?   ?   A . n 
A 1 138 THR 138 138 ?   ?   ?   A . n 
A 1 139 PHE 139 139 139 PHE PHE A . n 
A 1 140 ASP 140 140 140 ASP ASP A . n 
A 1 141 TRP 141 141 141 TRP TRP A . n 
A 1 142 SER 142 142 142 SER SER A . n 
A 1 143 LEU 143 143 143 LEU LEU A . n 
A 1 144 ILE 144 144 144 ILE ILE A . n 
A 1 145 LEU 145 145 145 LEU LEU A . n 
A 1 146 PRO 146 146 146 PRO PRO A . n 
A 1 147 TYR 147 147 147 TYR TYR A . n 
A 1 148 ARG 148 148 148 ARG ARG A . n 
A 1 149 ASP 149 149 149 ASP ASP A . n 
A 1 150 ARG 150 150 150 ARG ARG A . n 
A 1 151 PHE 151 151 151 PHE PHE A . n 
A 1 152 ARG 152 152 152 ARG ARG A . n 
A 1 153 TYR 153 153 153 TYR TYR A . n 
A 1 154 LEU 154 154 154 LEU LEU A . n 
A 1 155 VAL 155 155 155 VAL VAL A . n 
A 1 156 LEU 156 156 156 LEU LEU A . n 
A 1 157 SER 157 157 157 SER SER A . n 
A 1 158 GLY 158 158 158 GLY GLY A . n 
A 1 159 GLY 159 159 159 GLY GLY A . n 
A 1 160 LEU 160 160 160 LEU LEU A . n 
A 1 161 ASN 161 161 161 ASN ASN A . n 
A 1 162 PRO 162 162 162 PRO PRO A . n 
A 1 163 GLU 163 163 163 GLU GLU A . n 
A 1 164 ASN 164 164 164 ASN ASN A . n 
A 1 165 VAL 165 165 165 VAL VAL A . n 
A 1 166 ARG 166 166 166 ARG ARG A . n 
A 1 167 SER 167 167 167 SER SER A . n 
A 1 168 ALA 168 168 168 ALA ALA A . n 
A 1 169 ILE 169 169 169 ILE ILE A . n 
A 1 170 ASP 170 170 170 ASP ASP A . n 
A 1 171 VAL 171 171 171 VAL VAL A . n 
A 1 172 VAL 172 172 172 VAL VAL A . n 
A 1 173 ARG 173 173 173 ARG ARG A . n 
A 1 174 PRO 174 174 174 PRO PRO A . n 
A 1 175 PHE 175 175 175 PHE PHE A . n 
A 1 176 ALA 176 176 176 ALA ALA A . n 
A 1 177 VAL 177 177 177 VAL VAL A . n 
A 1 178 ASP 178 178 178 ASP ASP A . n 
A 1 179 VAL 179 179 179 VAL VAL A . n 
A 1 180 SER 180 180 180 SER SER A . n 
A 1 181 SER 181 181 181 SER SER A . n 
A 1 182 GLY 182 182 182 GLY GLY A . n 
A 1 183 VAL 183 183 183 VAL VAL A . n 
A 1 184 GLU 184 184 184 GLU GLU A . n 
A 1 185 ALA 185 185 185 ALA ALA A . n 
A 1 186 PHE 186 186 186 PHE PHE A . n 
A 1 187 PRO 187 187 187 PRO PRO A . n 
A 1 188 GLY 188 188 188 GLY GLY A . n 
A 1 189 LYS 189 189 189 LYS LYS A . n 
A 1 190 LYS 190 190 190 LYS LYS A . n 
A 1 191 ASP 191 191 191 ASP ASP A . n 
A 1 192 HIS 192 192 192 HIS HIS A . n 
A 1 193 ASP 193 193 193 ASP ASP A . n 
A 1 194 SER 194 194 194 SER SER A . n 
A 1 195 ILE 195 195 195 ILE ILE A . n 
A 1 196 LYS 196 196 196 LYS LYS A . n 
A 1 197 MET 197 197 197 MET MET A . n 
A 1 198 PHE 198 198 198 PHE PHE A . n 
A 1 199 ILE 199 199 199 ILE ILE A . n 
A 1 200 LYS 200 200 200 LYS LYS A . n 
A 1 201 ASN 201 201 201 ASN ASN A . n 
A 1 202 ALA 202 202 202 ALA ALA A . n 
A 1 203 LYS 203 203 203 LYS LYS A . n 
A 1 204 GLY 204 204 204 GLY GLY A . n 
A 1 205 LEU 205 205 205 LEU LEU A . n 
# 
loop_
_pdbx_nonpoly_scheme.asym_id 
_pdbx_nonpoly_scheme.entity_id 
_pdbx_nonpoly_scheme.mon_id 
_pdbx_nonpoly_scheme.ndb_seq_num 
_pdbx_nonpoly_scheme.pdb_seq_num 
_pdbx_nonpoly_scheme.auth_seq_num 
_pdbx_nonpoly_scheme.pdb_mon_id 
_pdbx_nonpoly_scheme.auth_mon_id 
_pdbx_nonpoly_scheme.pdb_strand_id 
_pdbx_nonpoly_scheme.pdb_ins_code 
B 2 137 1  400 400 137 RCD A . 
C 3 HOH 1  401 1   HOH HOH A . 
C 3 HOH 2  402 2   HOH HOH A . 
C 3 HOH 3  403 3   HOH HOH A . 
C 3 HOH 4  404 4   HOH HOH A . 
C 3 HOH 5  405 5   HOH HOH A . 
C 3 HOH 6  406 6   HOH HOH A . 
C 3 HOH 7  407 7   HOH HOH A . 
C 3 HOH 8  408 8   HOH HOH A . 
C 3 HOH 9  409 9   HOH HOH A . 
C 3 HOH 10 410 10  HOH HOH A . 
C 3 HOH 11 411 11  HOH HOH A . 
C 3 HOH 12 412 12  HOH HOH A . 
C 3 HOH 13 413 13  HOH HOH A . 
C 3 HOH 14 414 14  HOH HOH A . 
C 3 HOH 15 415 15  HOH HOH A . 
C 3 HOH 16 416 16  HOH HOH A . 
C 3 HOH 17 417 17  HOH HOH A . 
C 3 HOH 18 418 18  HOH HOH A . 
C 3 HOH 19 419 19  HOH HOH A . 
C 3 HOH 20 420 20  HOH HOH A . 
C 3 HOH 21 421 21  HOH HOH A . 
C 3 HOH 22 422 22  HOH HOH A . 
C 3 HOH 23 423 23  HOH HOH A . 
C 3 HOH 24 424 24  HOH HOH A . 
C 3 HOH 25 425 25  HOH HOH A . 
C 3 HOH 26 426 26  HOH HOH A . 
C 3 HOH 27 427 27  HOH HOH A . 
C 3 HOH 28 428 28  HOH HOH A . 
C 3 HOH 29 429 29  HOH HOH A . 
C 3 HOH 30 430 30  HOH HOH A . 
C 3 HOH 31 431 31  HOH HOH A . 
C 3 HOH 32 432 32  HOH HOH A . 
C 3 HOH 33 433 33  HOH HOH A . 
C 3 HOH 34 434 34  HOH HOH A . 
C 3 HOH 35 435 35  HOH HOH A . 
C 3 HOH 36 436 36  HOH HOH A . 
C 3 HOH 37 437 37  HOH HOH A . 
C 3 HOH 38 438 38  HOH HOH A . 
C 3 HOH 39 439 39  HOH HOH A . 
C 3 HOH 40 440 40  HOH HOH A . 
C 3 HOH 41 441 41  HOH HOH A . 
C 3 HOH 42 442 42  HOH HOH A . 
C 3 HOH 43 443 43  HOH HOH A . 
C 3 HOH 44 444 44  HOH HOH A . 
C 3 HOH 45 445 45  HOH HOH A . 
C 3 HOH 46 446 46  HOH HOH A . 
C 3 HOH 47 447 47  HOH HOH A . 
C 3 HOH 48 448 48  HOH HOH A . 
C 3 HOH 49 449 49  HOH HOH A . 
C 3 HOH 50 450 50  HOH HOH A . 
C 3 HOH 51 451 51  HOH HOH A . 
C 3 HOH 52 452 52  HOH HOH A . 
C 3 HOH 53 453 53  HOH HOH A . 
C 3 HOH 54 454 54  HOH HOH A . 
C 3 HOH 55 455 55  HOH HOH A . 
C 3 HOH 56 456 56  HOH HOH A . 
C 3 HOH 57 457 57  HOH HOH A . 
C 3 HOH 58 458 58  HOH HOH A . 
C 3 HOH 59 459 59  HOH HOH A . 
C 3 HOH 60 460 60  HOH HOH A . 
C 3 HOH 61 461 61  HOH HOH A . 
C 3 HOH 62 462 62  HOH HOH A . 
C 3 HOH 63 463 63  HOH HOH A . 
C 3 HOH 64 464 64  HOH HOH A . 
C 3 HOH 65 465 65  HOH HOH A . 
C 3 HOH 66 466 66  HOH HOH A . 
C 3 HOH 67 467 67  HOH HOH A . 
C 3 HOH 68 468 68  HOH HOH A . 
C 3 HOH 69 469 69  HOH HOH A . 
# 
loop_
_pdbx_struct_assembly.id 
_pdbx_struct_assembly.details 
_pdbx_struct_assembly.method_details 
_pdbx_struct_assembly.oligomeric_details 
_pdbx_struct_assembly.oligomeric_count 
1 author_defined_assembly   ?        monomeric 1 
2 software_defined_assembly PISA,PQS dimeric   2 
# 
loop_
_pdbx_struct_assembly_gen.assembly_id 
_pdbx_struct_assembly_gen.oper_expression 
_pdbx_struct_assembly_gen.asym_id_list 
1 1   A,B,C 
2 1,2 A,B,C 
# 
loop_
_pdbx_struct_assembly_prop.biol_id 
_pdbx_struct_assembly_prop.type 
_pdbx_struct_assembly_prop.value 
_pdbx_struct_assembly_prop.details 
2 'ABSA (A^2)' 4180  ? 
2 MORE         -19   ? 
2 'SSA (A^2)'  15800 ? 
# 
loop_
_pdbx_struct_oper_list.id 
_pdbx_struct_oper_list.type 
_pdbx_struct_oper_list.name 
_pdbx_struct_oper_list.symmetry_operation 
_pdbx_struct_oper_list.matrix[1][1] 
_pdbx_struct_oper_list.matrix[1][2] 
_pdbx_struct_oper_list.matrix[1][3] 
_pdbx_struct_oper_list.vector[1] 
_pdbx_struct_oper_list.matrix[2][1] 
_pdbx_struct_oper_list.matrix[2][2] 
_pdbx_struct_oper_list.matrix[2][3] 
_pdbx_struct_oper_list.vector[2] 
_pdbx_struct_oper_list.matrix[3][1] 
_pdbx_struct_oper_list.matrix[3][2] 
_pdbx_struct_oper_list.matrix[3][3] 
_pdbx_struct_oper_list.vector[3] 
1 'identity operation'         1_555  x,y,z         1.0000000000  0.0000000000  0.0000000000  0.0000000000  0.0000000000  1.0000000000  0.0000000000 0.0000000000  0.0000000000  0.0000000000 1.0000000000 0.0000000000  
2 'crystal symmetry operation' 11_555 -x+y,y,-z+1/2 -0.9668504009 -0.1267206603 -0.2216803475 11.6916533183 -0.1267206603 -0.5155861248 0.8474153776 20.4153849963 -0.2216803475 0.8474153776 0.4824365257 -9.9218422913 
# 
loop_
_pdbx_audit_revision_history.ordinal 
_pdbx_audit_revision_history.data_content_type 
_pdbx_audit_revision_history.major_revision 
_pdbx_audit_revision_history.minor_revision 
_pdbx_audit_revision_history.revision_date 
1 'Structure model' 1 0 2002-12-18 
2 'Structure model' 1 1 2008-04-28 
3 'Structure model' 1 2 2011-07-13 
4 'Structure model' 1 3 2017-10-11 
5 'Structure model' 1 4 2023-08-16 
# 
_pdbx_audit_revision_details.ordinal             1 
_pdbx_audit_revision_details.revision_ordinal    1 
_pdbx_audit_revision_details.data_content_type   'Structure model' 
_pdbx_audit_revision_details.provider            repository 
_pdbx_audit_revision_details.type                'Initial release' 
_pdbx_audit_revision_details.description         ? 
_pdbx_audit_revision_details.details             ? 
# 
loop_
_pdbx_audit_revision_group.ordinal 
_pdbx_audit_revision_group.revision_ordinal 
_pdbx_audit_revision_group.data_content_type 
_pdbx_audit_revision_group.group 
1  2 'Structure model' 'Version format compliance' 
2  3 'Structure model' 'Derived calculations'      
3  3 'Structure model' 'Version format compliance' 
4  4 'Structure model' Advisory                    
5  4 'Structure model' 'Refinement description'    
6  5 'Structure model' Advisory                    
7  5 'Structure model' 'Data collection'           
8  5 'Structure model' 'Database references'       
9  5 'Structure model' 'Derived calculations'      
10 5 'Structure model' 'Refinement description'    
# 
loop_
_pdbx_audit_revision_category.ordinal 
_pdbx_audit_revision_category.revision_ordinal 
_pdbx_audit_revision_category.data_content_type 
_pdbx_audit_revision_category.category 
1 4 'Structure model' pdbx_unobs_or_zero_occ_atoms  
2 4 'Structure model' software                      
3 5 'Structure model' chem_comp_atom                
4 5 'Structure model' chem_comp_bond                
5 5 'Structure model' database_2                    
6 5 'Structure model' pdbx_initial_refinement_model 
7 5 'Structure model' pdbx_unobs_or_zero_occ_atoms  
8 5 'Structure model' struct_site                   
# 
loop_
_pdbx_audit_revision_item.ordinal 
_pdbx_audit_revision_item.revision_ordinal 
_pdbx_audit_revision_item.data_content_type 
_pdbx_audit_revision_item.item 
1 4 'Structure model' '_software.classification'            
2 4 'Structure model' '_software.name'                      
3 4 'Structure model' '_software.version'                   
4 5 'Structure model' '_database_2.pdbx_DOI'                
5 5 'Structure model' '_database_2.pdbx_database_accession' 
6 5 'Structure model' '_struct_site.pdbx_auth_asym_id'      
7 5 'Structure model' '_struct_site.pdbx_auth_comp_id'      
8 5 'Structure model' '_struct_site.pdbx_auth_seq_id'       
# 
loop_
_software.name 
_software.classification 
_software.version 
_software.citation_id 
_software.pdbx_ordinal 
XDS    'data scaling'   .   ? 1 
XSCALE 'data scaling'   .   ? 2 
XDS    'data reduction' .   ? 3 
X-PLOR 'model building' .   ? 4 
X-PLOR refinement       3.1 ? 5 
SCALE  'data scaling'   .   ? 6 
X-PLOR phasing          .   ? 7 
# 
_pdbx_validate_close_contact.id               1 
_pdbx_validate_close_contact.PDB_model_num    1 
_pdbx_validate_close_contact.auth_atom_id_1   NZ 
_pdbx_validate_close_contact.auth_asym_id_1   A 
_pdbx_validate_close_contact.auth_comp_id_1   LYS 
_pdbx_validate_close_contact.auth_seq_id_1    5 
_pdbx_validate_close_contact.PDB_ins_code_1   ? 
_pdbx_validate_close_contact.label_alt_id_1   ? 
_pdbx_validate_close_contact.auth_atom_id_2   SG 
_pdbx_validate_close_contact.auth_asym_id_2   A 
_pdbx_validate_close_contact.auth_comp_id_2   CYS 
_pdbx_validate_close_contact.auth_seq_id_2    7 
_pdbx_validate_close_contact.PDB_ins_code_2   ? 
_pdbx_validate_close_contact.label_alt_id_2   ? 
_pdbx_validate_close_contact.dist             2.18 
# 
loop_
_pdbx_validate_symm_contact.id 
_pdbx_validate_symm_contact.PDB_model_num 
_pdbx_validate_symm_contact.auth_atom_id_1 
_pdbx_validate_symm_contact.auth_asym_id_1 
_pdbx_validate_symm_contact.auth_comp_id_1 
_pdbx_validate_symm_contact.auth_seq_id_1 
_pdbx_validate_symm_contact.PDB_ins_code_1 
_pdbx_validate_symm_contact.label_alt_id_1 
_pdbx_validate_symm_contact.site_symmetry_1 
_pdbx_validate_symm_contact.auth_atom_id_2 
_pdbx_validate_symm_contact.auth_asym_id_2 
_pdbx_validate_symm_contact.auth_comp_id_2 
_pdbx_validate_symm_contact.auth_seq_id_2 
_pdbx_validate_symm_contact.PDB_ins_code_2 
_pdbx_validate_symm_contact.label_alt_id_2 
_pdbx_validate_symm_contact.site_symmetry_2 
_pdbx_validate_symm_contact.dist 
1 1 O A HOH 469 ? ? 1_555 O A HOH 469 ? ? 11_555 0.65 
2 1 O A HOH 451 ? ? 1_555 O A HOH 451 ? ? 11_555 2.18 
# 
loop_
_pdbx_validate_rmsd_angle.id 
_pdbx_validate_rmsd_angle.PDB_model_num 
_pdbx_validate_rmsd_angle.auth_atom_id_1 
_pdbx_validate_rmsd_angle.auth_asym_id_1 
_pdbx_validate_rmsd_angle.auth_comp_id_1 
_pdbx_validate_rmsd_angle.auth_seq_id_1 
_pdbx_validate_rmsd_angle.PDB_ins_code_1 
_pdbx_validate_rmsd_angle.label_alt_id_1 
_pdbx_validate_rmsd_angle.auth_atom_id_2 
_pdbx_validate_rmsd_angle.auth_asym_id_2 
_pdbx_validate_rmsd_angle.auth_comp_id_2 
_pdbx_validate_rmsd_angle.auth_seq_id_2 
_pdbx_validate_rmsd_angle.PDB_ins_code_2 
_pdbx_validate_rmsd_angle.label_alt_id_2 
_pdbx_validate_rmsd_angle.auth_atom_id_3 
_pdbx_validate_rmsd_angle.auth_asym_id_3 
_pdbx_validate_rmsd_angle.auth_comp_id_3 
_pdbx_validate_rmsd_angle.auth_seq_id_3 
_pdbx_validate_rmsd_angle.PDB_ins_code_3 
_pdbx_validate_rmsd_angle.label_alt_id_3 
_pdbx_validate_rmsd_angle.angle_value 
_pdbx_validate_rmsd_angle.angle_target_value 
_pdbx_validate_rmsd_angle.angle_deviation 
_pdbx_validate_rmsd_angle.angle_standard_deviation 
_pdbx_validate_rmsd_angle.linker_flag 
1 1 CB A ASP 111 ? ? CG A ASP 111 ? ? OD2 A ASP 111 ? ? 124.24 118.30 5.94 0.90 N 
2 1 CB A ASP 149 ? ? CG A ASP 149 ? ? OD2 A ASP 149 ? ? 124.11 118.30 5.81 0.90 N 
# 
loop_
_pdbx_validate_torsion.id 
_pdbx_validate_torsion.PDB_model_num 
_pdbx_validate_torsion.auth_comp_id 
_pdbx_validate_torsion.auth_asym_id 
_pdbx_validate_torsion.auth_seq_id 
_pdbx_validate_torsion.PDB_ins_code 
_pdbx_validate_torsion.label_alt_id 
_pdbx_validate_torsion.phi 
_pdbx_validate_torsion.psi 
1 1 GLN A 76  ? ? 62.12   61.79  
2 1 SER A 107 ? ? -142.02 -12.70 
3 1 ARG A 152 ? ? -68.94  -71.09 
4 1 SER A 180 ? ? -140.44 -50.68 
# 
_pdbx_validate_chiral.id              1 
_pdbx_validate_chiral.PDB_model_num   1 
_pdbx_validate_chiral.auth_atom_id    "C2'" 
_pdbx_validate_chiral.label_alt_id    ? 
_pdbx_validate_chiral.auth_asym_id    A 
_pdbx_validate_chiral.auth_comp_id    137 
_pdbx_validate_chiral.auth_seq_id     400 
_pdbx_validate_chiral.PDB_ins_code    ? 
_pdbx_validate_chiral.details         'WRONG HAND' 
_pdbx_validate_chiral.omega           . 
# 
_pdbx_unobs_or_zero_occ_atoms.id               1 
_pdbx_unobs_or_zero_occ_atoms.PDB_model_num    1 
_pdbx_unobs_or_zero_occ_atoms.polymer_flag     Y 
_pdbx_unobs_or_zero_occ_atoms.occupancy_flag   0 
_pdbx_unobs_or_zero_occ_atoms.auth_asym_id     A 
_pdbx_unobs_or_zero_occ_atoms.auth_comp_id     LEU 
_pdbx_unobs_or_zero_occ_atoms.auth_seq_id      205 
_pdbx_unobs_or_zero_occ_atoms.PDB_ins_code     ? 
_pdbx_unobs_or_zero_occ_atoms.auth_atom_id     OXT 
_pdbx_unobs_or_zero_occ_atoms.label_alt_id     ? 
_pdbx_unobs_or_zero_occ_atoms.label_asym_id    A 
_pdbx_unobs_or_zero_occ_atoms.label_comp_id    LEU 
_pdbx_unobs_or_zero_occ_atoms.label_seq_id     205 
_pdbx_unobs_or_zero_occ_atoms.label_atom_id    OXT 
# 
loop_
_pdbx_unobs_or_zero_occ_residues.id 
_pdbx_unobs_or_zero_occ_residues.PDB_model_num 
_pdbx_unobs_or_zero_occ_residues.polymer_flag 
_pdbx_unobs_or_zero_occ_residues.occupancy_flag 
_pdbx_unobs_or_zero_occ_residues.auth_asym_id 
_pdbx_unobs_or_zero_occ_residues.auth_comp_id 
_pdbx_unobs_or_zero_occ_residues.auth_seq_id 
_pdbx_unobs_or_zero_occ_residues.PDB_ins_code 
_pdbx_unobs_or_zero_occ_residues.label_asym_id 
_pdbx_unobs_or_zero_occ_residues.label_comp_id 
_pdbx_unobs_or_zero_occ_residues.label_seq_id 
1  1 Y 1 A LYS 128 ? A LYS 128 
2  1 Y 1 A THR 129 ? A THR 129 
3  1 Y 1 A PRO 130 ? A PRO 130 
4  1 Y 1 A GLU 131 ? A GLU 131 
5  1 Y 1 A TYR 132 ? A TYR 132 
6  1 Y 1 A GLY 133 ? A GLY 133 
7  1 Y 1 A GLY 134 ? A GLY 134 
8  1 Y 1 A SER 135 ? A SER 135 
9  1 Y 1 A GLY 136 ? A GLY 136 
10 1 Y 1 A LYS 137 ? A LYS 137 
11 1 Y 1 A THR 138 ? A THR 138 
# 
loop_
_chem_comp_atom.comp_id 
_chem_comp_atom.atom_id 
_chem_comp_atom.type_symbol 
_chem_comp_atom.pdbx_aromatic_flag 
_chem_comp_atom.pdbx_stereo_config 
_chem_comp_atom.pdbx_ordinal 
137 P      P N N 1   
137 O1P    O N N 2   
137 O2P    O N N 3   
137 O3P    O N N 4   
137 "O5'"  O N N 5   
137 "C5'"  C N N 6   
137 "C4'"  C N R 7   
137 "O4'"  O N N 8   
137 "C3'"  C N S 9   
137 "O3'"  O N N 10  
137 "C2'"  C N R 11  
137 "O2'"  O N N 12  
137 "C1'"  C N N 13  
137 NH     N N N 14  
137 C1     C Y N 15  
137 C2     C Y N 16  
137 C3     C Y N 17  
137 C4     C Y N 18  
137 C5     C Y N 19  
137 C6     C Y N 20  
137 C7     C N N 21  
137 O71    O N N 22  
137 O72    O N N 23  
137 HOP2   H N N 24  
137 HOP3   H N N 25  
137 "H5'1" H N N 26  
137 "H5'2" H N N 27  
137 "H4'"  H N N 28  
137 "HO'4" H N N 29  
137 "H3'"  H N N 30  
137 "HO'3" H N N 31  
137 "H2'"  H N N 32  
137 "HO'2" H N N 33  
137 "H1'1" H N N 34  
137 "H1'2" H N N 35  
137 HNH    H N N 36  
137 H3     H N N 37  
137 H4     H N N 38  
137 H5     H N N 39  
137 H6     H N N 40  
137 HO7    H N N 41  
ALA N      N N N 42  
ALA CA     C N S 43  
ALA C      C N N 44  
ALA O      O N N 45  
ALA CB     C N N 46  
ALA OXT    O N N 47  
ALA H      H N N 48  
ALA H2     H N N 49  
ALA HA     H N N 50  
ALA HB1    H N N 51  
ALA HB2    H N N 52  
ALA HB3    H N N 53  
ALA HXT    H N N 54  
ARG N      N N N 55  
ARG CA     C N S 56  
ARG C      C N N 57  
ARG O      O N N 58  
ARG CB     C N N 59  
ARG CG     C N N 60  
ARG CD     C N N 61  
ARG NE     N N N 62  
ARG CZ     C N N 63  
ARG NH1    N N N 64  
ARG NH2    N N N 65  
ARG OXT    O N N 66  
ARG H      H N N 67  
ARG H2     H N N 68  
ARG HA     H N N 69  
ARG HB2    H N N 70  
ARG HB3    H N N 71  
ARG HG2    H N N 72  
ARG HG3    H N N 73  
ARG HD2    H N N 74  
ARG HD3    H N N 75  
ARG HE     H N N 76  
ARG HH11   H N N 77  
ARG HH12   H N N 78  
ARG HH21   H N N 79  
ARG HH22   H N N 80  
ARG HXT    H N N 81  
ASN N      N N N 82  
ASN CA     C N S 83  
ASN C      C N N 84  
ASN O      O N N 85  
ASN CB     C N N 86  
ASN CG     C N N 87  
ASN OD1    O N N 88  
ASN ND2    N N N 89  
ASN OXT    O N N 90  
ASN H      H N N 91  
ASN H2     H N N 92  
ASN HA     H N N 93  
ASN HB2    H N N 94  
ASN HB3    H N N 95  
ASN HD21   H N N 96  
ASN HD22   H N N 97  
ASN HXT    H N N 98  
ASP N      N N N 99  
ASP CA     C N S 100 
ASP C      C N N 101 
ASP O      O N N 102 
ASP CB     C N N 103 
ASP CG     C N N 104 
ASP OD1    O N N 105 
ASP OD2    O N N 106 
ASP OXT    O N N 107 
ASP H      H N N 108 
ASP H2     H N N 109 
ASP HA     H N N 110 
ASP HB2    H N N 111 
ASP HB3    H N N 112 
ASP HD2    H N N 113 
ASP HXT    H N N 114 
CYS N      N N N 115 
CYS CA     C N R 116 
CYS C      C N N 117 
CYS O      O N N 118 
CYS CB     C N N 119 
CYS SG     S N N 120 
CYS OXT    O N N 121 
CYS H      H N N 122 
CYS H2     H N N 123 
CYS HA     H N N 124 
CYS HB2    H N N 125 
CYS HB3    H N N 126 
CYS HG     H N N 127 
CYS HXT    H N N 128 
GLN N      N N N 129 
GLN CA     C N S 130 
GLN C      C N N 131 
GLN O      O N N 132 
GLN CB     C N N 133 
GLN CG     C N N 134 
GLN CD     C N N 135 
GLN OE1    O N N 136 
GLN NE2    N N N 137 
GLN OXT    O N N 138 
GLN H      H N N 139 
GLN H2     H N N 140 
GLN HA     H N N 141 
GLN HB2    H N N 142 
GLN HB3    H N N 143 
GLN HG2    H N N 144 
GLN HG3    H N N 145 
GLN HE21   H N N 146 
GLN HE22   H N N 147 
GLN HXT    H N N 148 
GLU N      N N N 149 
GLU CA     C N S 150 
GLU C      C N N 151 
GLU O      O N N 152 
GLU CB     C N N 153 
GLU CG     C N N 154 
GLU CD     C N N 155 
GLU OE1    O N N 156 
GLU OE2    O N N 157 
GLU OXT    O N N 158 
GLU H      H N N 159 
GLU H2     H N N 160 
GLU HA     H N N 161 
GLU HB2    H N N 162 
GLU HB3    H N N 163 
GLU HG2    H N N 164 
GLU HG3    H N N 165 
GLU HE2    H N N 166 
GLU HXT    H N N 167 
GLY N      N N N 168 
GLY CA     C N N 169 
GLY C      C N N 170 
GLY O      O N N 171 
GLY OXT    O N N 172 
GLY H      H N N 173 
GLY H2     H N N 174 
GLY HA2    H N N 175 
GLY HA3    H N N 176 
GLY HXT    H N N 177 
HIS N      N N N 178 
HIS CA     C N S 179 
HIS C      C N N 180 
HIS O      O N N 181 
HIS CB     C N N 182 
HIS CG     C Y N 183 
HIS ND1    N Y N 184 
HIS CD2    C Y N 185 
HIS CE1    C Y N 186 
HIS NE2    N Y N 187 
HIS OXT    O N N 188 
HIS H      H N N 189 
HIS H2     H N N 190 
HIS HA     H N N 191 
HIS HB2    H N N 192 
HIS HB3    H N N 193 
HIS HD1    H N N 194 
HIS HD2    H N N 195 
HIS HE1    H N N 196 
HIS HE2    H N N 197 
HIS HXT    H N N 198 
HOH O      O N N 199 
HOH H1     H N N 200 
HOH H2     H N N 201 
ILE N      N N N 202 
ILE CA     C N S 203 
ILE C      C N N 204 
ILE O      O N N 205 
ILE CB     C N S 206 
ILE CG1    C N N 207 
ILE CG2    C N N 208 
ILE CD1    C N N 209 
ILE OXT    O N N 210 
ILE H      H N N 211 
ILE H2     H N N 212 
ILE HA     H N N 213 
ILE HB     H N N 214 
ILE HG12   H N N 215 
ILE HG13   H N N 216 
ILE HG21   H N N 217 
ILE HG22   H N N 218 
ILE HG23   H N N 219 
ILE HD11   H N N 220 
ILE HD12   H N N 221 
ILE HD13   H N N 222 
ILE HXT    H N N 223 
LEU N      N N N 224 
LEU CA     C N S 225 
LEU C      C N N 226 
LEU O      O N N 227 
LEU CB     C N N 228 
LEU CG     C N N 229 
LEU CD1    C N N 230 
LEU CD2    C N N 231 
LEU OXT    O N N 232 
LEU H      H N N 233 
LEU H2     H N N 234 
LEU HA     H N N 235 
LEU HB2    H N N 236 
LEU HB3    H N N 237 
LEU HG     H N N 238 
LEU HD11   H N N 239 
LEU HD12   H N N 240 
LEU HD13   H N N 241 
LEU HD21   H N N 242 
LEU HD22   H N N 243 
LEU HD23   H N N 244 
LEU HXT    H N N 245 
LYS N      N N N 246 
LYS CA     C N S 247 
LYS C      C N N 248 
LYS O      O N N 249 
LYS CB     C N N 250 
LYS CG     C N N 251 
LYS CD     C N N 252 
LYS CE     C N N 253 
LYS NZ     N N N 254 
LYS OXT    O N N 255 
LYS H      H N N 256 
LYS H2     H N N 257 
LYS HA     H N N 258 
LYS HB2    H N N 259 
LYS HB3    H N N 260 
LYS HG2    H N N 261 
LYS HG3    H N N 262 
LYS HD2    H N N 263 
LYS HD3    H N N 264 
LYS HE2    H N N 265 
LYS HE3    H N N 266 
LYS HZ1    H N N 267 
LYS HZ2    H N N 268 
LYS HZ3    H N N 269 
LYS HXT    H N N 270 
MET N      N N N 271 
MET CA     C N S 272 
MET C      C N N 273 
MET O      O N N 274 
MET CB     C N N 275 
MET CG     C N N 276 
MET SD     S N N 277 
MET CE     C N N 278 
MET OXT    O N N 279 
MET H      H N N 280 
MET H2     H N N 281 
MET HA     H N N 282 
MET HB2    H N N 283 
MET HB3    H N N 284 
MET HG2    H N N 285 
MET HG3    H N N 286 
MET HE1    H N N 287 
MET HE2    H N N 288 
MET HE3    H N N 289 
MET HXT    H N N 290 
PHE N      N N N 291 
PHE CA     C N S 292 
PHE C      C N N 293 
PHE O      O N N 294 
PHE CB     C N N 295 
PHE CG     C Y N 296 
PHE CD1    C Y N 297 
PHE CD2    C Y N 298 
PHE CE1    C Y N 299 
PHE CE2    C Y N 300 
PHE CZ     C Y N 301 
PHE OXT    O N N 302 
PHE H      H N N 303 
PHE H2     H N N 304 
PHE HA     H N N 305 
PHE HB2    H N N 306 
PHE HB3    H N N 307 
PHE HD1    H N N 308 
PHE HD2    H N N 309 
PHE HE1    H N N 310 
PHE HE2    H N N 311 
PHE HZ     H N N 312 
PHE HXT    H N N 313 
PRO N      N N N 314 
PRO CA     C N S 315 
PRO C      C N N 316 
PRO O      O N N 317 
PRO CB     C N N 318 
PRO CG     C N N 319 
PRO CD     C N N 320 
PRO OXT    O N N 321 
PRO H      H N N 322 
PRO HA     H N N 323 
PRO HB2    H N N 324 
PRO HB3    H N N 325 
PRO HG2    H N N 326 
PRO HG3    H N N 327 
PRO HD2    H N N 328 
PRO HD3    H N N 329 
PRO HXT    H N N 330 
SER N      N N N 331 
SER CA     C N S 332 
SER C      C N N 333 
SER O      O N N 334 
SER CB     C N N 335 
SER OG     O N N 336 
SER OXT    O N N 337 
SER H      H N N 338 
SER H2     H N N 339 
SER HA     H N N 340 
SER HB2    H N N 341 
SER HB3    H N N 342 
SER HG     H N N 343 
SER HXT    H N N 344 
THR N      N N N 345 
THR CA     C N S 346 
THR C      C N N 347 
THR O      O N N 348 
THR CB     C N R 349 
THR OG1    O N N 350 
THR CG2    C N N 351 
THR OXT    O N N 352 
THR H      H N N 353 
THR H2     H N N 354 
THR HA     H N N 355 
THR HB     H N N 356 
THR HG1    H N N 357 
THR HG21   H N N 358 
THR HG22   H N N 359 
THR HG23   H N N 360 
THR HXT    H N N 361 
TRP N      N N N 362 
TRP CA     C N S 363 
TRP C      C N N 364 
TRP O      O N N 365 
TRP CB     C N N 366 
TRP CG     C Y N 367 
TRP CD1    C Y N 368 
TRP CD2    C Y N 369 
TRP NE1    N Y N 370 
TRP CE2    C Y N 371 
TRP CE3    C Y N 372 
TRP CZ2    C Y N 373 
TRP CZ3    C Y N 374 
TRP CH2    C Y N 375 
TRP OXT    O N N 376 
TRP H      H N N 377 
TRP H2     H N N 378 
TRP HA     H N N 379 
TRP HB2    H N N 380 
TRP HB3    H N N 381 
TRP HD1    H N N 382 
TRP HE1    H N N 383 
TRP HE3    H N N 384 
TRP HZ2    H N N 385 
TRP HZ3    H N N 386 
TRP HH2    H N N 387 
TRP HXT    H N N 388 
TYR N      N N N 389 
TYR CA     C N S 390 
TYR C      C N N 391 
TYR O      O N N 392 
TYR CB     C N N 393 
TYR CG     C Y N 394 
TYR CD1    C Y N 395 
TYR CD2    C Y N 396 
TYR CE1    C Y N 397 
TYR CE2    C Y N 398 
TYR CZ     C Y N 399 
TYR OH     O N N 400 
TYR OXT    O N N 401 
TYR H      H N N 402 
TYR H2     H N N 403 
TYR HA     H N N 404 
TYR HB2    H N N 405 
TYR HB3    H N N 406 
TYR HD1    H N N 407 
TYR HD2    H N N 408 
TYR HE1    H N N 409 
TYR HE2    H N N 410 
TYR HH     H N N 411 
TYR HXT    H N N 412 
VAL N      N N N 413 
VAL CA     C N S 414 
VAL C      C N N 415 
VAL O      O N N 416 
VAL CB     C N N 417 
VAL CG1    C N N 418 
VAL CG2    C N N 419 
VAL OXT    O N N 420 
VAL H      H N N 421 
VAL H2     H N N 422 
VAL HA     H N N 423 
VAL HB     H N N 424 
VAL HG11   H N N 425 
VAL HG12   H N N 426 
VAL HG13   H N N 427 
VAL HG21   H N N 428 
VAL HG22   H N N 429 
VAL HG23   H N N 430 
VAL HXT    H N N 431 
# 
loop_
_chem_comp_bond.comp_id 
_chem_comp_bond.atom_id_1 
_chem_comp_bond.atom_id_2 
_chem_comp_bond.value_order 
_chem_comp_bond.pdbx_aromatic_flag 
_chem_comp_bond.pdbx_stereo_config 
_chem_comp_bond.pdbx_ordinal 
137 P     O1P    doub N N 1   
137 P     O2P    sing N N 2   
137 P     O3P    sing N N 3   
137 P     "O5'"  sing N N 4   
137 O2P   HOP2   sing N N 5   
137 O3P   HOP3   sing N N 6   
137 "O5'" "C5'"  sing N N 7   
137 "C5'" "C4'"  sing N N 8   
137 "C5'" "H5'1" sing N N 9   
137 "C5'" "H5'2" sing N N 10  
137 "C4'" "O4'"  sing N N 11  
137 "C4'" "C3'"  sing N N 12  
137 "C4'" "H4'"  sing N N 13  
137 "O4'" "HO'4" sing N N 14  
137 "C3'" "O3'"  sing N N 15  
137 "C3'" "C2'"  sing N N 16  
137 "C3'" "H3'"  sing N N 17  
137 "O3'" "HO'3" sing N N 18  
137 "C2'" "O2'"  sing N N 19  
137 "C2'" "C1'"  sing N N 20  
137 "C2'" "H2'"  sing N N 21  
137 "O2'" "HO'2" sing N N 22  
137 "C1'" NH     sing N N 23  
137 "C1'" "H1'1" sing N N 24  
137 "C1'" "H1'2" sing N N 25  
137 NH    C2     sing N N 26  
137 NH    HNH    sing N N 27  
137 C1    C2     doub Y N 28  
137 C1    C6     sing Y N 29  
137 C1    C7     sing N N 30  
137 C2    C3     sing Y N 31  
137 C3    C4     doub Y N 32  
137 C3    H3     sing N N 33  
137 C4    C5     sing Y N 34  
137 C4    H4     sing N N 35  
137 C5    C6     doub Y N 36  
137 C5    H5     sing N N 37  
137 C6    H6     sing N N 38  
137 C7    O71    sing N N 39  
137 C7    O72    doub N N 40  
137 O71   HO7    sing N N 41  
ALA N     CA     sing N N 42  
ALA N     H      sing N N 43  
ALA N     H2     sing N N 44  
ALA CA    C      sing N N 45  
ALA CA    CB     sing N N 46  
ALA CA    HA     sing N N 47  
ALA C     O      doub N N 48  
ALA C     OXT    sing N N 49  
ALA CB    HB1    sing N N 50  
ALA CB    HB2    sing N N 51  
ALA CB    HB3    sing N N 52  
ALA OXT   HXT    sing N N 53  
ARG N     CA     sing N N 54  
ARG N     H      sing N N 55  
ARG N     H2     sing N N 56  
ARG CA    C      sing N N 57  
ARG CA    CB     sing N N 58  
ARG CA    HA     sing N N 59  
ARG C     O      doub N N 60  
ARG C     OXT    sing N N 61  
ARG CB    CG     sing N N 62  
ARG CB    HB2    sing N N 63  
ARG CB    HB3    sing N N 64  
ARG CG    CD     sing N N 65  
ARG CG    HG2    sing N N 66  
ARG CG    HG3    sing N N 67  
ARG CD    NE     sing N N 68  
ARG CD    HD2    sing N N 69  
ARG CD    HD3    sing N N 70  
ARG NE    CZ     sing N N 71  
ARG NE    HE     sing N N 72  
ARG CZ    NH1    sing N N 73  
ARG CZ    NH2    doub N N 74  
ARG NH1   HH11   sing N N 75  
ARG NH1   HH12   sing N N 76  
ARG NH2   HH21   sing N N 77  
ARG NH2   HH22   sing N N 78  
ARG OXT   HXT    sing N N 79  
ASN N     CA     sing N N 80  
ASN N     H      sing N N 81  
ASN N     H2     sing N N 82  
ASN CA    C      sing N N 83  
ASN CA    CB     sing N N 84  
ASN CA    HA     sing N N 85  
ASN C     O      doub N N 86  
ASN C     OXT    sing N N 87  
ASN CB    CG     sing N N 88  
ASN CB    HB2    sing N N 89  
ASN CB    HB3    sing N N 90  
ASN CG    OD1    doub N N 91  
ASN CG    ND2    sing N N 92  
ASN ND2   HD21   sing N N 93  
ASN ND2   HD22   sing N N 94  
ASN OXT   HXT    sing N N 95  
ASP N     CA     sing N N 96  
ASP N     H      sing N N 97  
ASP N     H2     sing N N 98  
ASP CA    C      sing N N 99  
ASP CA    CB     sing N N 100 
ASP CA    HA     sing N N 101 
ASP C     O      doub N N 102 
ASP C     OXT    sing N N 103 
ASP CB    CG     sing N N 104 
ASP CB    HB2    sing N N 105 
ASP CB    HB3    sing N N 106 
ASP CG    OD1    doub N N 107 
ASP CG    OD2    sing N N 108 
ASP OD2   HD2    sing N N 109 
ASP OXT   HXT    sing N N 110 
CYS N     CA     sing N N 111 
CYS N     H      sing N N 112 
CYS N     H2     sing N N 113 
CYS CA    C      sing N N 114 
CYS CA    CB     sing N N 115 
CYS CA    HA     sing N N 116 
CYS C     O      doub N N 117 
CYS C     OXT    sing N N 118 
CYS CB    SG     sing N N 119 
CYS CB    HB2    sing N N 120 
CYS CB    HB3    sing N N 121 
CYS SG    HG     sing N N 122 
CYS OXT   HXT    sing N N 123 
GLN N     CA     sing N N 124 
GLN N     H      sing N N 125 
GLN N     H2     sing N N 126 
GLN CA    C      sing N N 127 
GLN CA    CB     sing N N 128 
GLN CA    HA     sing N N 129 
GLN C     O      doub N N 130 
GLN C     OXT    sing N N 131 
GLN CB    CG     sing N N 132 
GLN CB    HB2    sing N N 133 
GLN CB    HB3    sing N N 134 
GLN CG    CD     sing N N 135 
GLN CG    HG2    sing N N 136 
GLN CG    HG3    sing N N 137 
GLN CD    OE1    doub N N 138 
GLN CD    NE2    sing N N 139 
GLN NE2   HE21   sing N N 140 
GLN NE2   HE22   sing N N 141 
GLN OXT   HXT    sing N N 142 
GLU N     CA     sing N N 143 
GLU N     H      sing N N 144 
GLU N     H2     sing N N 145 
GLU CA    C      sing N N 146 
GLU CA    CB     sing N N 147 
GLU CA    HA     sing N N 148 
GLU C     O      doub N N 149 
GLU C     OXT    sing N N 150 
GLU CB    CG     sing N N 151 
GLU CB    HB2    sing N N 152 
GLU CB    HB3    sing N N 153 
GLU CG    CD     sing N N 154 
GLU CG    HG2    sing N N 155 
GLU CG    HG3    sing N N 156 
GLU CD    OE1    doub N N 157 
GLU CD    OE2    sing N N 158 
GLU OE2   HE2    sing N N 159 
GLU OXT   HXT    sing N N 160 
GLY N     CA     sing N N 161 
GLY N     H      sing N N 162 
GLY N     H2     sing N N 163 
GLY CA    C      sing N N 164 
GLY CA    HA2    sing N N 165 
GLY CA    HA3    sing N N 166 
GLY C     O      doub N N 167 
GLY C     OXT    sing N N 168 
GLY OXT   HXT    sing N N 169 
HIS N     CA     sing N N 170 
HIS N     H      sing N N 171 
HIS N     H2     sing N N 172 
HIS CA    C      sing N N 173 
HIS CA    CB     sing N N 174 
HIS CA    HA     sing N N 175 
HIS C     O      doub N N 176 
HIS C     OXT    sing N N 177 
HIS CB    CG     sing N N 178 
HIS CB    HB2    sing N N 179 
HIS CB    HB3    sing N N 180 
HIS CG    ND1    sing Y N 181 
HIS CG    CD2    doub Y N 182 
HIS ND1   CE1    doub Y N 183 
HIS ND1   HD1    sing N N 184 
HIS CD2   NE2    sing Y N 185 
HIS CD2   HD2    sing N N 186 
HIS CE1   NE2    sing Y N 187 
HIS CE1   HE1    sing N N 188 
HIS NE2   HE2    sing N N 189 
HIS OXT   HXT    sing N N 190 
HOH O     H1     sing N N 191 
HOH O     H2     sing N N 192 
ILE N     CA     sing N N 193 
ILE N     H      sing N N 194 
ILE N     H2     sing N N 195 
ILE CA    C      sing N N 196 
ILE CA    CB     sing N N 197 
ILE CA    HA     sing N N 198 
ILE C     O      doub N N 199 
ILE C     OXT    sing N N 200 
ILE CB    CG1    sing N N 201 
ILE CB    CG2    sing N N 202 
ILE CB    HB     sing N N 203 
ILE CG1   CD1    sing N N 204 
ILE CG1   HG12   sing N N 205 
ILE CG1   HG13   sing N N 206 
ILE CG2   HG21   sing N N 207 
ILE CG2   HG22   sing N N 208 
ILE CG2   HG23   sing N N 209 
ILE CD1   HD11   sing N N 210 
ILE CD1   HD12   sing N N 211 
ILE CD1   HD13   sing N N 212 
ILE OXT   HXT    sing N N 213 
LEU N     CA     sing N N 214 
LEU N     H      sing N N 215 
LEU N     H2     sing N N 216 
LEU CA    C      sing N N 217 
LEU CA    CB     sing N N 218 
LEU CA    HA     sing N N 219 
LEU C     O      doub N N 220 
LEU C     OXT    sing N N 221 
LEU CB    CG     sing N N 222 
LEU CB    HB2    sing N N 223 
LEU CB    HB3    sing N N 224 
LEU CG    CD1    sing N N 225 
LEU CG    CD2    sing N N 226 
LEU CG    HG     sing N N 227 
LEU CD1   HD11   sing N N 228 
LEU CD1   HD12   sing N N 229 
LEU CD1   HD13   sing N N 230 
LEU CD2   HD21   sing N N 231 
LEU CD2   HD22   sing N N 232 
LEU CD2   HD23   sing N N 233 
LEU OXT   HXT    sing N N 234 
LYS N     CA     sing N N 235 
LYS N     H      sing N N 236 
LYS N     H2     sing N N 237 
LYS CA    C      sing N N 238 
LYS CA    CB     sing N N 239 
LYS CA    HA     sing N N 240 
LYS C     O      doub N N 241 
LYS C     OXT    sing N N 242 
LYS CB    CG     sing N N 243 
LYS CB    HB2    sing N N 244 
LYS CB    HB3    sing N N 245 
LYS CG    CD     sing N N 246 
LYS CG    HG2    sing N N 247 
LYS CG    HG3    sing N N 248 
LYS CD    CE     sing N N 249 
LYS CD    HD2    sing N N 250 
LYS CD    HD3    sing N N 251 
LYS CE    NZ     sing N N 252 
LYS CE    HE2    sing N N 253 
LYS CE    HE3    sing N N 254 
LYS NZ    HZ1    sing N N 255 
LYS NZ    HZ2    sing N N 256 
LYS NZ    HZ3    sing N N 257 
LYS OXT   HXT    sing N N 258 
MET N     CA     sing N N 259 
MET N     H      sing N N 260 
MET N     H2     sing N N 261 
MET CA    C      sing N N 262 
MET CA    CB     sing N N 263 
MET CA    HA     sing N N 264 
MET C     O      doub N N 265 
MET C     OXT    sing N N 266 
MET CB    CG     sing N N 267 
MET CB    HB2    sing N N 268 
MET CB    HB3    sing N N 269 
MET CG    SD     sing N N 270 
MET CG    HG2    sing N N 271 
MET CG    HG3    sing N N 272 
MET SD    CE     sing N N 273 
MET CE    HE1    sing N N 274 
MET CE    HE2    sing N N 275 
MET CE    HE3    sing N N 276 
MET OXT   HXT    sing N N 277 
PHE N     CA     sing N N 278 
PHE N     H      sing N N 279 
PHE N     H2     sing N N 280 
PHE CA    C      sing N N 281 
PHE CA    CB     sing N N 282 
PHE CA    HA     sing N N 283 
PHE C     O      doub N N 284 
PHE C     OXT    sing N N 285 
PHE CB    CG     sing N N 286 
PHE CB    HB2    sing N N 287 
PHE CB    HB3    sing N N 288 
PHE CG    CD1    doub Y N 289 
PHE CG    CD2    sing Y N 290 
PHE CD1   CE1    sing Y N 291 
PHE CD1   HD1    sing N N 292 
PHE CD2   CE2    doub Y N 293 
PHE CD2   HD2    sing N N 294 
PHE CE1   CZ     doub Y N 295 
PHE CE1   HE1    sing N N 296 
PHE CE2   CZ     sing Y N 297 
PHE CE2   HE2    sing N N 298 
PHE CZ    HZ     sing N N 299 
PHE OXT   HXT    sing N N 300 
PRO N     CA     sing N N 301 
PRO N     CD     sing N N 302 
PRO N     H      sing N N 303 
PRO CA    C      sing N N 304 
PRO CA    CB     sing N N 305 
PRO CA    HA     sing N N 306 
PRO C     O      doub N N 307 
PRO C     OXT    sing N N 308 
PRO CB    CG     sing N N 309 
PRO CB    HB2    sing N N 310 
PRO CB    HB3    sing N N 311 
PRO CG    CD     sing N N 312 
PRO CG    HG2    sing N N 313 
PRO CG    HG3    sing N N 314 
PRO CD    HD2    sing N N 315 
PRO CD    HD3    sing N N 316 
PRO OXT   HXT    sing N N 317 
SER N     CA     sing N N 318 
SER N     H      sing N N 319 
SER N     H2     sing N N 320 
SER CA    C      sing N N 321 
SER CA    CB     sing N N 322 
SER CA    HA     sing N N 323 
SER C     O      doub N N 324 
SER C     OXT    sing N N 325 
SER CB    OG     sing N N 326 
SER CB    HB2    sing N N 327 
SER CB    HB3    sing N N 328 
SER OG    HG     sing N N 329 
SER OXT   HXT    sing N N 330 
THR N     CA     sing N N 331 
THR N     H      sing N N 332 
THR N     H2     sing N N 333 
THR CA    C      sing N N 334 
THR CA    CB     sing N N 335 
THR CA    HA     sing N N 336 
THR C     O      doub N N 337 
THR C     OXT    sing N N 338 
THR CB    OG1    sing N N 339 
THR CB    CG2    sing N N 340 
THR CB    HB     sing N N 341 
THR OG1   HG1    sing N N 342 
THR CG2   HG21   sing N N 343 
THR CG2   HG22   sing N N 344 
THR CG2   HG23   sing N N 345 
THR OXT   HXT    sing N N 346 
TRP N     CA     sing N N 347 
TRP N     H      sing N N 348 
TRP N     H2     sing N N 349 
TRP CA    C      sing N N 350 
TRP CA    CB     sing N N 351 
TRP CA    HA     sing N N 352 
TRP C     O      doub N N 353 
TRP C     OXT    sing N N 354 
TRP CB    CG     sing N N 355 
TRP CB    HB2    sing N N 356 
TRP CB    HB3    sing N N 357 
TRP CG    CD1    doub Y N 358 
TRP CG    CD2    sing Y N 359 
TRP CD1   NE1    sing Y N 360 
TRP CD1   HD1    sing N N 361 
TRP CD2   CE2    doub Y N 362 
TRP CD2   CE3    sing Y N 363 
TRP NE1   CE2    sing Y N 364 
TRP NE1   HE1    sing N N 365 
TRP CE2   CZ2    sing Y N 366 
TRP CE3   CZ3    doub Y N 367 
TRP CE3   HE3    sing N N 368 
TRP CZ2   CH2    doub Y N 369 
TRP CZ2   HZ2    sing N N 370 
TRP CZ3   CH2    sing Y N 371 
TRP CZ3   HZ3    sing N N 372 
TRP CH2   HH2    sing N N 373 
TRP OXT   HXT    sing N N 374 
TYR N     CA     sing N N 375 
TYR N     H      sing N N 376 
TYR N     H2     sing N N 377 
TYR CA    C      sing N N 378 
TYR CA    CB     sing N N 379 
TYR CA    HA     sing N N 380 
TYR C     O      doub N N 381 
TYR C     OXT    sing N N 382 
TYR CB    CG     sing N N 383 
TYR CB    HB2    sing N N 384 
TYR CB    HB3    sing N N 385 
TYR CG    CD1    doub Y N 386 
TYR CG    CD2    sing Y N 387 
TYR CD1   CE1    sing Y N 388 
TYR CD1   HD1    sing N N 389 
TYR CD2   CE2    doub Y N 390 
TYR CD2   HD2    sing N N 391 
TYR CE1   CZ     doub Y N 392 
TYR CE1   HE1    sing N N 393 
TYR CE2   CZ     sing Y N 394 
TYR CE2   HE2    sing N N 395 
TYR CZ    OH     sing N N 396 
TYR OH    HH     sing N N 397 
TYR OXT   HXT    sing N N 398 
VAL N     CA     sing N N 399 
VAL N     H      sing N N 400 
VAL N     H2     sing N N 401 
VAL CA    C      sing N N 402 
VAL CA    CB     sing N N 403 
VAL CA    HA     sing N N 404 
VAL C     O      doub N N 405 
VAL C     OXT    sing N N 406 
VAL CB    CG1    sing N N 407 
VAL CB    CG2    sing N N 408 
VAL CB    HB     sing N N 409 
VAL CG1   HG11   sing N N 410 
VAL CG1   HG12   sing N N 411 
VAL CG1   HG13   sing N N 412 
VAL CG2   HG21   sing N N 413 
VAL CG2   HG22   sing N N 414 
VAL CG2   HG23   sing N N 415 
VAL OXT   HXT    sing N N 416 
# 
loop_
_pdbx_entity_nonpoly.entity_id 
_pdbx_entity_nonpoly.name 
_pdbx_entity_nonpoly.comp_id 
2 '1-(O-CARBOXY-PHENYLAMINO)-1-DEOXY-D-RIBULOSE-5-PHOSPHATE' 137 
3 water                                                      HOH 
# 
_pdbx_initial_refinement_model.id               1 
_pdbx_initial_refinement_model.entity_id_list   ? 
_pdbx_initial_refinement_model.type             'experimental model' 
_pdbx_initial_refinement_model.source_name      PDB 
_pdbx_initial_refinement_model.accession_code   1NSJ 
_pdbx_initial_refinement_model.details          ? 
# 
